data_2QUX
#
_entry.id   2QUX
#
_cell.length_a   174.970
_cell.length_b   145.388
_cell.length_c   109.655
_cell.angle_alpha   90.00
_cell.angle_beta   122.94
_cell.angle_gamma   90.00
#
_symmetry.space_group_name_H-M   'C 1 2 1'
#
loop_
_entity.id
_entity.type
_entity.pdbx_description
1 polymer 'RNA (25-MER)'
2 polymer 'Coat protein'
3 non-polymer GLYCEROL
4 water water
#
loop_
_entity_poly.entity_id
_entity_poly.type
_entity_poly.pdbx_seq_one_letter_code
_entity_poly.pdbx_strand_id
1 'polyribonucleotide' GGCACAGAAGAUAUGGCUUCGUGCC C,F,I,L,O,R
2 'polypeptide(L)'
;GGSMSKTIVLSVGEATRTLTEIQSTADRQIFEEKVGPLVGRLRLTASLRQNGAKTAYRVNLKLDQADVVDSGLPKVRYTQ
VWSHDVTIVANSTEASRKSLYDLTKSLVATSQVEDLVVNLVPLGR
;
A,B,D,E,G,H,J,K,M,N,P,Q
#
# COMPACT_ATOMS: atom_id res chain seq x y z
N SER G 3 14.95 -65.97 -28.04
CA SER G 3 15.61 -65.29 -26.89
C SER G 3 16.71 -64.30 -27.32
N MET G 4 17.43 -64.62 -28.40
CA MET G 4 18.66 -63.88 -28.76
C MET G 4 18.53 -62.78 -29.83
N SER G 5 17.54 -62.86 -30.71
CA SER G 5 17.16 -61.68 -31.54
C SER G 5 16.68 -60.56 -30.61
N LYS G 6 17.11 -59.33 -30.90
CA LYS G 6 16.63 -58.16 -30.12
C LYS G 6 15.20 -57.83 -30.51
N THR G 7 14.43 -57.35 -29.54
CA THR G 7 13.02 -57.08 -29.72
C THR G 7 12.52 -55.89 -28.89
N ILE G 8 11.34 -55.42 -29.26
CA ILE G 8 10.49 -54.60 -28.42
C ILE G 8 9.16 -55.33 -28.34
N VAL G 9 8.60 -55.42 -27.13
CA VAL G 9 7.36 -56.17 -26.88
C VAL G 9 6.27 -55.20 -26.46
N LEU G 10 5.18 -55.20 -27.21
CA LEU G 10 4.03 -54.35 -26.94
C LEU G 10 2.89 -55.18 -26.32
N SER G 11 2.48 -54.84 -25.10
CA SER G 11 1.31 -55.44 -24.44
C SER G 11 0.01 -54.68 -24.75
N VAL G 12 -0.95 -55.38 -25.38
CA VAL G 12 -2.32 -54.90 -25.56
C VAL G 12 -3.25 -55.79 -24.72
N GLY G 13 -3.62 -55.31 -23.53
CA GLY G 13 -4.39 -56.08 -22.57
C GLY G 13 -3.67 -57.35 -22.17
N GLU G 14 -4.33 -58.48 -22.43
CA GLU G 14 -3.80 -59.81 -22.11
C GLU G 14 -2.79 -60.35 -23.13
N ALA G 15 -2.72 -59.75 -24.33
CA ALA G 15 -1.81 -60.25 -25.38
C ALA G 15 -0.55 -59.40 -25.39
N THR G 16 0.52 -59.96 -25.95
CA THR G 16 1.76 -59.24 -26.18
C THR G 16 2.18 -59.50 -27.61
N ARG G 17 2.86 -58.52 -28.20
CA ARG G 17 3.23 -58.55 -29.61
C ARG G 17 4.69 -58.15 -29.75
N THR G 18 5.51 -59.10 -30.19
CA THR G 18 6.95 -58.96 -30.16
C THR G 18 7.36 -58.51 -31.56
N LEU G 19 8.03 -57.37 -31.62
CA LEU G 19 8.58 -56.86 -32.87
C LEU G 19 10.05 -57.23 -32.81
N THR G 20 10.51 -58.02 -33.76
CA THR G 20 11.90 -58.51 -33.83
C THR G 20 12.69 -57.58 -34.73
N GLU G 21 13.91 -57.22 -34.33
CA GLU G 21 14.78 -56.34 -35.13
C GLU G 21 15.20 -57.07 -36.40
N ILE G 22 14.93 -56.43 -37.54
CA ILE G 22 15.29 -56.98 -38.85
CA ILE G 22 15.24 -56.96 -38.87
C ILE G 22 16.31 -56.11 -39.59
N GLN G 23 16.61 -54.92 -39.06
CA GLN G 23 17.61 -54.02 -39.63
C GLN G 23 18.06 -53.01 -38.58
N SER G 24 19.36 -52.75 -38.55
CA SER G 24 19.97 -51.77 -37.68
C SER G 24 21.14 -51.13 -38.44
N THR G 25 21.16 -49.81 -38.48
CA THR G 25 22.16 -49.01 -39.17
C THR G 25 22.51 -47.93 -38.15
N ALA G 26 23.62 -47.22 -38.35
CA ALA G 26 24.05 -46.11 -37.45
C ALA G 26 22.93 -45.10 -37.14
N ASP G 27 22.16 -44.74 -38.16
CA ASP G 27 21.05 -43.80 -38.03
C ASP G 27 19.72 -44.44 -37.57
N ARG G 28 19.38 -45.60 -38.17
CA ARG G 28 18.02 -46.13 -38.32
C ARG G 28 17.86 -47.55 -37.76
N GLN G 29 16.64 -47.93 -37.38
CA GLN G 29 16.33 -49.31 -36.94
C GLN G 29 14.96 -49.69 -37.44
N ILE G 30 14.79 -50.97 -37.75
CA ILE G 30 13.51 -51.51 -38.18
C ILE G 30 13.26 -52.81 -37.38
N PHE G 31 12.11 -52.84 -36.69
CA PHE G 31 11.58 -54.01 -36.01
C PHE G 31 10.32 -54.44 -36.75
N GLU G 32 10.17 -55.75 -36.97
CA GLU G 32 8.98 -56.31 -37.60
C GLU G 32 8.44 -57.50 -36.79
N GLU G 33 7.12 -57.67 -36.78
CA GLU G 33 6.51 -58.82 -36.11
C GLU G 33 6.61 -60.08 -36.96
N LYS G 34 7.29 -61.13 -36.48
CA LYS G 34 7.49 -62.37 -37.26
C LYS G 34 6.31 -63.37 -37.23
N VAL G 35 5.16 -62.95 -37.73
CA VAL G 35 3.97 -63.80 -37.77
C VAL G 35 3.23 -63.52 -39.08
N GLY G 36 2.65 -64.56 -39.65
CA GLY G 36 1.65 -64.40 -40.69
C GLY G 36 2.29 -64.40 -42.06
N PRO G 37 1.61 -63.81 -43.05
CA PRO G 37 2.26 -63.54 -44.33
C PRO G 37 3.50 -62.67 -44.19
N LEU G 38 4.48 -62.88 -45.06
CA LEU G 38 5.68 -62.02 -45.10
C LEU G 38 5.34 -60.59 -45.57
N VAL G 39 4.24 -60.44 -46.28
CA VAL G 39 3.70 -59.11 -46.63
C VAL G 39 2.89 -58.55 -45.46
N GLY G 40 3.05 -57.26 -45.22
CA GLY G 40 2.20 -56.50 -44.30
C GLY G 40 2.37 -56.80 -42.83
N ARG G 41 3.56 -57.23 -42.44
CA ARG G 41 3.85 -57.47 -41.02
C ARG G 41 3.90 -56.15 -40.30
N LEU G 42 3.47 -56.15 -39.05
CA LEU G 42 3.47 -54.93 -38.24
C LEU G 42 4.94 -54.52 -38.13
N ARG G 43 5.22 -53.25 -38.42
CA ARG G 43 6.59 -52.74 -38.52
C ARG G 43 6.77 -51.46 -37.72
N LEU G 44 7.88 -51.37 -36.98
CA LEU G 44 8.31 -50.15 -36.30
C LEU G 44 9.64 -49.70 -36.92
N THR G 45 9.66 -48.51 -37.52
CA THR G 45 10.89 -47.88 -37.99
C THR G 45 11.25 -46.77 -37.01
N ALA G 46 12.51 -46.73 -36.58
CA ALA G 46 12.98 -45.76 -35.61
C ALA G 46 14.34 -45.22 -36.04
N SER G 47 14.56 -43.93 -35.80
CA SER G 47 15.84 -43.30 -36.05
C SER G 47 16.09 -42.16 -35.05
N LEU G 48 17.37 -41.91 -34.77
CA LEU G 48 17.85 -40.79 -33.97
C LEU G 48 18.83 -40.01 -34.83
N ARG G 49 18.67 -38.69 -34.88
CA ARG G 49 19.49 -37.81 -35.73
C ARG G 49 19.73 -36.48 -35.06
N GLN G 50 20.99 -36.01 -35.09
CA GLN G 50 21.34 -34.62 -34.74
C GLN G 50 21.02 -33.68 -35.88
N ASN G 51 20.76 -32.41 -35.54
CA ASN G 51 20.66 -31.35 -36.54
C ASN G 51 22.09 -30.90 -36.92
N GLY G 52 22.24 -30.13 -38.01
CA GLY G 52 23.58 -29.70 -38.50
C GLY G 52 24.43 -28.97 -37.46
N ALA G 53 23.80 -28.08 -36.70
CA ALA G 53 24.43 -27.40 -35.57
C ALA G 53 24.81 -28.26 -34.36
N LYS G 54 24.29 -29.49 -34.25
CA LYS G 54 24.44 -30.35 -33.06
C LYS G 54 23.86 -29.77 -31.74
N THR G 55 22.85 -28.91 -31.89
CA THR G 55 22.15 -28.26 -30.77
C THR G 55 20.82 -28.97 -30.40
N ALA G 56 20.33 -29.87 -31.25
CA ALA G 56 19.09 -30.62 -31.06
C ALA G 56 19.20 -31.99 -31.71
N TYR G 57 18.40 -32.93 -31.19
CA TYR G 57 18.18 -34.25 -31.76
C TYR G 57 16.75 -34.38 -32.27
N ARG G 58 16.55 -35.28 -33.24
CA ARG G 58 15.24 -35.70 -33.72
C ARG G 58 15.07 -37.19 -33.62
N VAL G 59 14.13 -37.62 -32.78
CA VAL G 59 13.69 -39.02 -32.75
C VAL G 59 12.50 -39.10 -33.69
N ASN G 60 12.56 -40.02 -34.65
CA ASN G 60 11.44 -40.41 -35.46
C ASN G 60 11.09 -41.87 -35.10
N LEU G 61 9.81 -42.16 -34.89
CA LEU G 61 9.27 -43.52 -34.70
C LEU G 61 8.04 -43.62 -35.59
N LYS G 62 7.90 -44.73 -36.30
CA LYS G 62 6.84 -44.92 -37.27
C LYS G 62 6.28 -46.32 -37.20
N LEU G 63 5.02 -46.45 -36.77
CA LEU G 63 4.37 -47.76 -36.72
C LEU G 63 3.41 -47.94 -37.89
N ASP G 64 3.71 -48.90 -38.77
CA ASP G 64 2.91 -49.20 -39.94
C ASP G 64 2.08 -50.45 -39.70
N GLN G 65 0.75 -50.30 -39.74
CA GLN G 65 -0.18 -51.41 -39.62
C GLN G 65 -0.95 -51.67 -40.92
N ALA G 66 -0.52 -52.69 -41.65
CA ALA G 66 -1.12 -53.05 -42.93
C ALA G 66 -2.33 -53.93 -42.71
N ASP G 67 -3.24 -53.90 -43.69
CA ASP G 67 -4.42 -54.73 -43.69
C ASP G 67 -4.29 -55.73 -44.82
N VAL G 68 -4.09 -57.01 -44.48
CA VAL G 68 -3.86 -58.04 -45.47
C VAL G 68 -5.12 -58.87 -45.62
N VAL G 69 -5.55 -59.03 -46.88
CA VAL G 69 -6.61 -59.92 -47.27
C VAL G 69 -5.93 -61.12 -47.93
N ASP G 70 -6.52 -62.31 -47.76
CA ASP G 70 -5.94 -63.56 -48.25
C ASP G 70 -7.03 -64.47 -48.81
N SER G 71 -7.59 -64.04 -49.93
CA SER G 71 -8.42 -64.88 -50.79
C SER G 71 -7.48 -65.49 -51.84
N GLY G 72 -6.83 -66.59 -51.46
CA GLY G 72 -5.81 -67.25 -52.29
C GLY G 72 -4.42 -67.03 -51.73
N LEU G 73 -3.77 -65.96 -52.18
CA LEU G 73 -2.45 -65.54 -51.69
C LEU G 73 -2.54 -64.12 -51.11
N PRO G 74 -1.79 -63.80 -50.02
CA PRO G 74 -1.96 -62.53 -49.31
C PRO G 74 -1.63 -61.28 -50.12
N LYS G 75 -2.22 -60.16 -49.69
CA LYS G 75 -2.25 -58.94 -50.47
C LYS G 75 -2.60 -57.82 -49.50
N VAL G 76 -1.70 -56.85 -49.35
CA VAL G 76 -1.96 -55.66 -48.52
C VAL G 76 -3.02 -54.76 -49.18
N ARG G 77 -4.15 -54.57 -48.51
CA ARG G 77 -5.24 -53.74 -49.01
C ARG G 77 -4.95 -52.24 -48.79
N TYR G 78 -4.60 -51.90 -47.55
CA TYR G 78 -4.18 -50.54 -47.18
C TYR G 78 -3.23 -50.58 -45.98
N THR G 79 -2.60 -49.45 -45.66
CA THR G 79 -1.73 -49.30 -44.48
C THR G 79 -2.16 -48.06 -43.71
N GLN G 80 -2.22 -48.18 -42.38
CA GLN G 80 -2.52 -47.06 -41.49
C GLN G 80 -1.29 -46.90 -40.64
N VAL G 81 -0.97 -45.66 -40.31
CA VAL G 81 0.34 -45.30 -39.79
C VAL G 81 0.16 -44.37 -38.60
N TRP G 82 1.01 -44.53 -37.58
CA TRP G 82 1.13 -43.56 -36.52
C TRP G 82 2.63 -43.28 -36.33
N SER G 83 3.07 -42.10 -36.75
CA SER G 83 4.45 -41.69 -36.57
C SER G 83 4.58 -40.65 -35.47
N HIS G 84 5.81 -40.51 -34.99
CA HIS G 84 6.16 -39.64 -33.88
C HIS G 84 7.36 -38.84 -34.29
N ASP G 85 7.41 -37.59 -33.88
CA ASP G 85 8.54 -36.73 -34.19
C ASP G 85 8.83 -35.90 -32.96
N VAL G 86 9.93 -36.24 -32.30
CA VAL G 86 10.29 -35.69 -31.03
C VAL G 86 11.53 -34.84 -31.20
N THR G 87 11.47 -33.57 -30.78
CA THR G 87 12.59 -32.66 -30.79
C THR G 87 13.18 -32.51 -29.39
N ILE G 88 14.42 -32.98 -29.22
CA ILE G 88 15.12 -32.95 -27.95
C ILE G 88 16.28 -31.99 -28.12
N VAL G 89 16.44 -31.07 -27.19
CA VAL G 89 17.49 -30.06 -27.22
C VAL G 89 18.68 -30.63 -26.43
N ALA G 90 19.88 -30.52 -27.00
CA ALA G 90 21.06 -31.25 -26.50
C ALA G 90 21.52 -30.80 -25.12
N ASN G 91 21.36 -29.51 -24.82
CA ASN G 91 21.66 -28.99 -23.49
C ASN G 91 20.44 -28.93 -22.53
N SER G 92 19.39 -29.70 -22.81
CA SER G 92 18.18 -29.71 -21.99
C SER G 92 18.41 -30.45 -20.69
N THR G 93 17.70 -30.06 -19.64
CA THR G 93 17.70 -30.81 -18.41
C THR G 93 17.00 -32.17 -18.67
N GLU G 94 17.46 -33.20 -17.99
CA GLU G 94 16.78 -34.51 -18.00
C GLU G 94 15.31 -34.45 -17.58
N ALA G 95 15.00 -33.63 -16.55
CA ALA G 95 13.64 -33.45 -16.07
C ALA G 95 12.70 -32.94 -17.15
N SER G 96 13.18 -32.01 -17.98
CA SER G 96 12.43 -31.54 -19.15
C SER G 96 12.10 -32.62 -20.20
N ARG G 97 12.99 -33.57 -20.38
CA ARG G 97 12.76 -34.68 -21.30
C ARG G 97 11.83 -35.74 -20.75
N LYS G 98 11.94 -35.99 -19.43
CA LYS G 98 11.09 -36.95 -18.73
C LYS G 98 9.67 -36.40 -18.71
N SER G 99 9.54 -35.11 -18.40
CA SER G 99 8.25 -34.40 -18.47
C SER G 99 7.56 -34.44 -19.83
N LEU G 100 8.31 -34.23 -20.92
CA LEU G 100 7.76 -34.38 -22.29
C LEU G 100 7.29 -35.80 -22.58
N TYR G 101 8.11 -36.77 -22.17
CA TYR G 101 7.77 -38.17 -22.26
C TYR G 101 6.49 -38.50 -21.44
N ASP G 102 6.48 -38.08 -20.17
CA ASP G 102 5.38 -38.31 -19.26
C ASP G 102 4.07 -37.70 -19.76
N LEU G 103 4.12 -36.45 -20.19
CA LEU G 103 2.99 -35.77 -20.80
C LEU G 103 2.44 -36.43 -22.08
N THR G 104 3.33 -36.99 -22.91
CA THR G 104 2.91 -37.68 -24.12
C THR G 104 2.31 -39.06 -23.88
N LYS G 105 2.90 -39.79 -22.93
CA LYS G 105 2.37 -41.08 -22.49
C LYS G 105 0.92 -40.90 -21.97
N SER G 106 0.74 -39.88 -21.16
CA SER G 106 -0.61 -39.52 -20.70
C SER G 106 -1.54 -39.10 -21.82
N LEU G 107 -1.06 -38.24 -22.73
CA LEU G 107 -1.86 -37.75 -23.86
C LEU G 107 -2.42 -38.86 -24.72
N VAL G 108 -1.52 -39.71 -25.19
CA VAL G 108 -1.89 -40.83 -26.02
C VAL G 108 -2.84 -41.77 -25.26
N ALA G 109 -2.65 -41.93 -23.94
CA ALA G 109 -3.51 -42.81 -23.12
C ALA G 109 -4.94 -42.30 -22.88
N THR G 110 -5.20 -41.01 -23.14
CA THR G 110 -6.51 -40.45 -22.94
C THR G 110 -7.56 -41.00 -23.91
N SER G 111 -8.81 -41.06 -23.45
CA SER G 111 -9.98 -41.46 -24.25
C SER G 111 -10.28 -40.45 -25.31
N GLN G 112 -10.00 -39.19 -25.02
CA GLN G 112 -10.19 -38.16 -26.02
C GLN G 112 -9.36 -38.42 -27.29
N VAL G 113 -8.08 -38.77 -27.14
CA VAL G 113 -7.21 -39.15 -28.26
C VAL G 113 -7.63 -40.46 -28.91
N GLU G 114 -8.16 -41.39 -28.13
CA GLU G 114 -8.72 -42.63 -28.71
C GLU G 114 -9.92 -42.32 -29.64
N ASP G 115 -10.82 -41.48 -29.15
CA ASP G 115 -11.97 -41.03 -29.92
C ASP G 115 -11.64 -40.27 -31.21
N LEU G 116 -10.62 -39.41 -31.14
CA LEU G 116 -10.12 -38.71 -32.29
C LEU G 116 -9.62 -39.65 -33.37
N VAL G 117 -8.80 -40.62 -33.00
CA VAL G 117 -8.18 -41.52 -33.96
C VAL G 117 -9.15 -42.58 -34.47
N VAL G 118 -10.00 -43.10 -33.59
CA VAL G 118 -10.93 -44.18 -33.94
C VAL G 118 -12.24 -43.68 -34.54
N ASN G 119 -12.73 -42.52 -34.10
CA ASN G 119 -14.03 -41.99 -34.56
C ASN G 119 -14.01 -40.56 -35.10
N LEU G 120 -12.82 -39.96 -35.24
CA LEU G 120 -12.65 -38.63 -35.80
C LEU G 120 -13.38 -37.54 -35.04
N VAL G 121 -13.50 -37.74 -33.72
CA VAL G 121 -14.20 -36.84 -32.83
C VAL G 121 -13.15 -35.82 -32.37
N PRO G 122 -13.39 -34.50 -32.56
CA PRO G 122 -12.47 -33.45 -32.12
C PRO G 122 -12.08 -33.49 -30.65
N LEU G 123 -10.89 -33.07 -30.29
CA LEU G 123 -10.54 -33.02 -28.88
C LEU G 123 -11.34 -31.95 -28.13
N GLY G 124 -11.34 -32.06 -26.80
CA GLY G 124 -12.01 -31.12 -25.91
C GLY G 124 -13.32 -31.58 -25.33
N ARG G 125 -13.42 -31.63 -24.00
CA ARG G 125 -14.69 -31.98 -23.35
C ARG G 125 -15.05 -30.93 -22.31
N SER H 5 -16.57 -23.93 -22.11
CA SER H 5 -15.16 -24.16 -22.51
C SER H 5 -14.82 -25.66 -22.57
N LYS H 6 -13.75 -25.97 -23.28
CA LYS H 6 -13.32 -27.33 -23.60
C LYS H 6 -11.89 -27.55 -23.09
N THR H 7 -11.66 -28.69 -22.42
CA THR H 7 -10.39 -29.02 -21.81
C THR H 7 -10.01 -30.46 -22.08
N ILE H 8 -8.70 -30.73 -22.04
CA ILE H 8 -8.17 -32.07 -21.94
C ILE H 8 -7.29 -32.12 -20.68
N VAL H 9 -7.40 -33.19 -19.88
CA VAL H 9 -6.63 -33.28 -18.64
C VAL H 9 -5.65 -34.43 -18.81
N LEU H 10 -4.37 -34.14 -18.53
CA LEU H 10 -3.28 -35.11 -18.56
C LEU H 10 -2.76 -35.37 -17.14
N SER H 11 -2.46 -36.61 -16.84
CA SER H 11 -2.10 -37.07 -15.51
C SER H 11 -0.68 -37.60 -15.51
N VAL H 12 0.20 -36.96 -14.74
CA VAL H 12 1.56 -37.44 -14.47
C VAL H 12 1.72 -37.73 -12.98
N GLY H 13 1.77 -39.02 -12.63
CA GLY H 13 1.83 -39.41 -11.22
C GLY H 13 0.53 -39.01 -10.55
N GLU H 14 0.64 -38.43 -9.36
CA GLU H 14 -0.52 -37.84 -8.69
C GLU H 14 -0.92 -36.43 -9.18
N ALA H 15 -0.11 -35.79 -10.04
CA ALA H 15 -0.40 -34.46 -10.58
C ALA H 15 -1.27 -34.55 -11.85
N THR H 16 -1.98 -33.47 -12.11
CA THR H 16 -2.71 -33.31 -13.36
C THR H 16 -2.36 -31.94 -13.96
N ARG H 17 -2.47 -31.87 -15.30
CA ARG H 17 -2.32 -30.64 -16.10
C ARG H 17 -3.59 -30.50 -16.91
N THR H 18 -4.23 -29.35 -16.82
CA THR H 18 -5.45 -29.11 -17.53
C THR H 18 -5.14 -28.12 -18.65
N LEU H 19 -5.25 -28.60 -19.87
CA LEU H 19 -5.10 -27.79 -21.09
C LEU H 19 -6.50 -27.33 -21.54
N THR H 20 -6.64 -26.02 -21.74
CA THR H 20 -7.89 -25.36 -22.06
C THR H 20 -7.80 -24.78 -23.48
N GLU H 21 -8.87 -24.90 -24.25
CA GLU H 21 -8.90 -24.45 -25.65
C GLU H 21 -8.85 -22.94 -25.71
N ILE H 22 -7.86 -22.43 -26.43
CA ILE H 22 -7.70 -21.00 -26.65
C ILE H 22 -7.97 -20.56 -28.11
N GLN H 23 -8.12 -21.52 -29.03
CA GLN H 23 -8.27 -21.27 -30.47
C GLN H 23 -8.86 -22.48 -31.17
N SER H 24 -9.64 -22.23 -32.21
CA SER H 24 -10.09 -23.27 -33.11
C SER H 24 -10.36 -22.68 -34.52
N THR H 25 -10.11 -23.48 -35.54
CA THR H 25 -10.53 -23.15 -36.91
C THR H 25 -11.41 -24.34 -37.28
N ALA H 26 -11.73 -24.48 -38.56
CA ALA H 26 -12.55 -25.61 -39.04
C ALA H 26 -11.87 -26.96 -38.84
N ASP H 27 -10.53 -26.97 -38.86
CA ASP H 27 -9.76 -28.22 -38.81
C ASP H 27 -8.60 -28.22 -37.83
N ARG H 28 -8.52 -27.22 -36.95
CA ARG H 28 -7.44 -27.12 -36.01
C ARG H 28 -7.94 -26.59 -34.70
N GLN H 29 -7.31 -27.01 -33.61
CA GLN H 29 -7.52 -26.44 -32.30
C GLN H 29 -6.23 -26.33 -31.54
N ILE H 30 -6.13 -25.31 -30.68
CA ILE H 30 -4.96 -25.06 -29.83
C ILE H 30 -5.43 -25.01 -28.36
N PHE H 31 -4.84 -25.87 -27.53
CA PHE H 31 -5.06 -25.96 -26.09
C PHE H 31 -3.80 -25.45 -25.39
N GLU H 32 -3.96 -24.63 -24.36
CA GLU H 32 -2.87 -24.33 -23.47
C GLU H 32 -3.20 -24.61 -21.99
N GLU H 33 -2.16 -24.81 -21.20
CA GLU H 33 -2.29 -24.86 -19.78
C GLU H 33 -2.30 -23.44 -19.27
N LYS H 34 -3.49 -22.96 -18.90
CA LYS H 34 -3.69 -21.56 -18.56
C LYS H 34 -3.38 -21.35 -17.09
N VAL H 35 -2.07 -21.42 -16.82
CA VAL H 35 -1.50 -21.34 -15.50
C VAL H 35 -0.18 -20.56 -15.64
N GLY H 36 0.08 -19.68 -14.68
CA GLY H 36 1.36 -19.02 -14.54
C GLY H 36 1.53 -17.93 -15.56
N PRO H 37 2.77 -17.52 -15.84
CA PRO H 37 2.93 -16.47 -16.87
C PRO H 37 2.54 -16.95 -18.27
N LEU H 38 2.15 -16.03 -19.14
CA LEU H 38 1.85 -16.42 -20.55
C LEU H 38 3.05 -17.05 -21.27
N VAL H 39 4.24 -16.57 -20.90
CA VAL H 39 5.54 -17.11 -21.35
C VAL H 39 5.69 -18.62 -21.12
N GLY H 40 5.73 -19.38 -22.22
CA GLY H 40 6.07 -20.82 -22.17
C GLY H 40 5.03 -21.81 -21.69
N ARG H 41 3.76 -21.45 -21.79
CA ARG H 41 2.70 -22.35 -21.42
C ARG H 41 2.71 -23.58 -22.29
N LEU H 42 2.47 -24.74 -21.66
CA LEU H 42 2.33 -25.99 -22.37
C LEU H 42 1.18 -25.83 -23.34
N ARG H 43 1.34 -26.41 -24.52
CA ARG H 43 0.47 -26.17 -25.67
C ARG H 43 0.27 -27.48 -26.37
N LEU H 44 -0.98 -27.75 -26.78
CA LEU H 44 -1.29 -28.88 -27.62
C LEU H 44 -2.02 -28.31 -28.82
N THR H 45 -1.59 -28.73 -30.00
CA THR H 45 -2.20 -28.34 -31.26
C THR H 45 -2.64 -29.63 -31.90
N ALA H 46 -3.92 -29.66 -32.30
CA ALA H 46 -4.58 -30.82 -32.86
C ALA H 46 -5.25 -30.43 -34.22
N SER H 47 -5.05 -31.24 -35.27
CA SER H 47 -5.61 -31.01 -36.61
C SER H 47 -6.15 -32.32 -37.15
N LEU H 48 -7.12 -32.22 -38.06
CA LEU H 48 -7.68 -33.33 -38.80
C LEU H 48 -7.86 -32.84 -40.22
N ARG H 49 -7.35 -33.58 -41.20
CA ARG H 49 -7.63 -33.26 -42.59
C ARG H 49 -7.86 -34.53 -43.38
N GLN H 50 -8.32 -34.35 -44.61
CA GLN H 50 -8.60 -35.43 -45.51
C GLN H 50 -7.48 -35.62 -46.53
N ASN H 51 -7.59 -36.73 -47.25
CA ASN H 51 -6.68 -37.07 -48.34
C ASN H 51 -6.95 -36.11 -49.49
N GLY H 52 -6.02 -36.08 -50.45
CA GLY H 52 -6.31 -35.50 -51.76
C GLY H 52 -7.49 -36.27 -52.36
N ALA H 53 -7.35 -37.60 -52.42
CA ALA H 53 -8.39 -38.52 -52.91
C ALA H 53 -9.69 -38.65 -52.08
N LYS H 54 -9.74 -38.06 -50.88
CA LYS H 54 -10.78 -38.30 -49.86
C LYS H 54 -10.99 -39.79 -49.44
N THR H 55 -9.89 -40.55 -49.50
CA THR H 55 -9.84 -41.97 -49.10
C THR H 55 -9.11 -42.20 -47.74
N ALA H 56 -8.73 -41.13 -47.03
CA ALA H 56 -7.91 -41.21 -45.82
C ALA H 56 -7.97 -39.90 -45.08
N TYR H 57 -7.67 -39.94 -43.77
CA TYR H 57 -7.56 -38.74 -42.95
C TYR H 57 -6.16 -38.68 -42.37
N ARG H 58 -5.68 -37.47 -42.10
CA ARG H 58 -4.46 -37.27 -41.32
C ARG H 58 -4.79 -36.50 -40.06
N VAL H 59 -4.44 -37.08 -38.92
CA VAL H 59 -4.57 -36.43 -37.63
C VAL H 59 -3.18 -36.00 -37.23
N ASN H 60 -3.03 -34.72 -36.94
CA ASN H 60 -1.80 -34.17 -36.38
C ASN H 60 -2.05 -33.72 -34.94
N LEU H 61 -1.17 -34.14 -34.04
CA LEU H 61 -1.20 -33.76 -32.64
C LEU H 61 0.20 -33.31 -32.31
N LYS H 62 0.37 -32.13 -31.72
CA LYS H 62 1.70 -31.63 -31.37
C LYS H 62 1.71 -31.05 -29.96
N LEU H 63 2.56 -31.59 -29.09
CA LEU H 63 2.83 -31.04 -27.77
C LEU H 63 4.12 -30.26 -27.75
N ASP H 64 4.03 -28.94 -27.55
CA ASP H 64 5.18 -28.07 -27.35
C ASP H 64 5.37 -27.81 -25.87
N GLN H 65 6.57 -28.09 -25.37
CA GLN H 65 6.97 -27.74 -24.01
C GLN H 65 8.19 -26.81 -23.98
N ALA H 66 7.94 -25.52 -23.74
CA ALA H 66 8.98 -24.55 -23.40
C ALA H 66 9.63 -24.84 -22.06
N ASP H 67 10.93 -24.54 -21.95
CA ASP H 67 11.62 -24.53 -20.68
C ASP H 67 11.77 -23.08 -20.22
N VAL H 68 11.01 -22.72 -19.18
CA VAL H 68 11.01 -21.38 -18.59
C VAL H 68 11.71 -21.42 -17.24
N VAL H 69 12.68 -20.52 -17.06
CA VAL H 69 13.28 -20.27 -15.76
C VAL H 69 12.74 -18.92 -15.30
N ASP H 70 12.12 -18.90 -14.12
CA ASP H 70 11.50 -17.69 -13.55
C ASP H 70 12.41 -17.14 -12.45
N SER H 71 13.35 -16.28 -12.86
CA SER H 71 14.13 -15.44 -11.94
C SER H 71 13.56 -14.03 -12.02
N GLY H 72 12.30 -13.88 -11.57
CA GLY H 72 11.62 -12.58 -11.51
C GLY H 72 10.86 -12.25 -12.78
N LEU H 73 11.58 -12.27 -13.92
CA LEU H 73 10.97 -12.19 -15.25
C LEU H 73 11.18 -13.54 -15.96
N PRO H 74 10.08 -14.28 -16.28
CA PRO H 74 10.14 -15.52 -17.08
C PRO H 74 10.72 -15.36 -18.48
N LYS H 75 11.44 -16.37 -18.94
CA LYS H 75 12.09 -16.41 -20.25
C LYS H 75 12.12 -17.85 -20.75
N VAL H 76 11.75 -18.09 -22.00
CA VAL H 76 11.93 -19.41 -22.63
C VAL H 76 13.42 -19.62 -22.96
N ARG H 77 14.00 -20.72 -22.46
CA ARG H 77 15.40 -21.11 -22.77
C ARG H 77 15.48 -21.98 -24.03
N TYR H 78 14.54 -22.89 -24.16
CA TYR H 78 14.44 -23.78 -25.32
C TYR H 78 13.04 -24.40 -25.31
N THR H 79 12.67 -25.04 -26.42
CA THR H 79 11.39 -25.71 -26.52
C THR H 79 11.60 -27.11 -27.09
N GLN H 80 11.02 -28.13 -26.46
CA GLN H 80 11.05 -29.50 -26.94
C GLN H 80 9.62 -29.84 -27.40
N VAL H 81 9.48 -30.73 -28.36
CA VAL H 81 8.21 -30.99 -29.01
C VAL H 81 8.07 -32.48 -29.26
N TRP H 82 6.83 -32.97 -29.22
CA TRP H 82 6.50 -34.36 -29.56
C TRP H 82 5.23 -34.26 -30.36
N SER H 83 5.33 -34.65 -31.63
CA SER H 83 4.24 -34.50 -32.54
C SER H 83 3.96 -35.86 -33.13
N HIS H 84 2.72 -36.04 -33.54
CA HIS H 84 2.17 -37.33 -33.95
C HIS H 84 1.53 -37.07 -35.29
N ASP H 85 1.64 -38.04 -36.18
CA ASP H 85 1.01 -37.98 -37.46
C ASP H 85 0.34 -39.34 -37.72
N VAL H 86 -0.99 -39.32 -37.75
CA VAL H 86 -1.76 -40.53 -37.84
C VAL H 86 -2.51 -40.59 -39.14
N THR H 87 -2.32 -41.69 -39.88
CA THR H 87 -2.93 -41.92 -41.18
C THR H 87 -4.00 -42.98 -41.03
N ILE H 88 -5.25 -42.55 -41.15
CA ILE H 88 -6.42 -43.39 -40.93
C ILE H 88 -7.15 -43.56 -42.26
N VAL H 89 -7.27 -44.81 -42.73
CA VAL H 89 -7.98 -45.09 -43.98
C VAL H 89 -9.51 -44.98 -43.76
N ALA H 90 -10.21 -44.31 -44.68
CA ALA H 90 -11.62 -43.93 -44.49
C ALA H 90 -12.53 -45.12 -44.35
N ASN H 91 -12.37 -46.10 -45.24
CA ASN H 91 -13.19 -47.32 -45.20
C ASN H 91 -12.77 -48.40 -44.19
N SER H 92 -11.80 -48.10 -43.30
CA SER H 92 -11.21 -49.09 -42.43
C SER H 92 -12.13 -49.48 -41.26
N THR H 93 -11.86 -50.66 -40.69
CA THR H 93 -12.59 -51.13 -39.54
C THR H 93 -12.19 -50.37 -38.28
N GLU H 94 -13.16 -50.19 -37.39
CA GLU H 94 -12.92 -49.65 -36.04
C GLU H 94 -11.86 -50.47 -35.31
N ALA H 95 -11.92 -51.79 -35.47
CA ALA H 95 -10.96 -52.73 -34.91
C ALA H 95 -9.53 -52.41 -35.31
N SER H 96 -9.30 -52.16 -36.61
CA SER H 96 -7.97 -51.82 -37.14
C SER H 96 -7.45 -50.49 -36.64
N ARG H 97 -8.36 -49.52 -36.49
CA ARG H 97 -8.01 -48.20 -35.94
C ARG H 97 -7.72 -48.28 -34.46
N LYS H 98 -8.60 -48.96 -33.72
CA LYS H 98 -8.41 -49.23 -32.27
C LYS H 98 -7.13 -50.03 -32.00
N SER H 99 -6.77 -50.94 -32.90
CA SER H 99 -5.52 -51.72 -32.79
C SER H 99 -4.28 -50.84 -32.90
N LEU H 100 -4.26 -49.96 -33.89
CA LEU H 100 -3.18 -49.00 -34.08
C LEU H 100 -3.09 -48.09 -32.90
N TYR H 101 -4.25 -47.58 -32.43
CA TYR H 101 -4.32 -46.82 -31.19
C TYR H 101 -3.65 -47.58 -30.03
N ASP H 102 -4.12 -48.80 -29.76
CA ASP H 102 -3.60 -49.61 -28.63
C ASP H 102 -2.11 -49.94 -28.73
N LEU H 103 -1.67 -50.33 -29.93
CA LEU H 103 -0.26 -50.60 -30.16
C LEU H 103 0.60 -49.38 -29.87
N THR H 104 0.16 -48.21 -30.29
CA THR H 104 0.88 -46.95 -30.00
C THR H 104 0.84 -46.52 -28.54
N LYS H 105 -0.33 -46.68 -27.91
CA LYS H 105 -0.50 -46.48 -26.46
C LYS H 105 0.59 -47.29 -25.70
N SER H 106 0.66 -48.58 -26.01
CA SER H 106 1.69 -49.49 -25.53
C SER H 106 3.14 -49.13 -25.93
N LEU H 107 3.35 -48.74 -27.19
CA LEU H 107 4.70 -48.34 -27.68
C LEU H 107 5.28 -47.20 -26.86
N VAL H 108 4.50 -46.15 -26.68
CA VAL H 108 4.92 -44.98 -25.93
C VAL H 108 5.13 -45.31 -24.44
N ALA H 109 4.34 -46.23 -23.87
CA ALA H 109 4.51 -46.62 -22.47
C ALA H 109 5.75 -47.50 -22.19
N THR H 110 6.34 -48.10 -23.21
CA THR H 110 7.54 -48.92 -23.03
C THR H 110 8.72 -48.11 -22.47
N SER H 111 9.47 -48.72 -21.55
CA SER H 111 10.66 -48.09 -20.97
C SER H 111 11.78 -47.91 -22.03
N GLN H 112 11.74 -48.74 -23.07
CA GLN H 112 12.61 -48.56 -24.23
C GLN H 112 12.39 -47.20 -24.88
N VAL H 113 11.12 -46.81 -25.07
CA VAL H 113 10.79 -45.50 -25.63
C VAL H 113 11.17 -44.33 -24.72
N GLU H 114 10.93 -44.47 -23.42
CA GLU H 114 11.46 -43.53 -22.42
C GLU H 114 13.00 -43.38 -22.46
N ASP H 115 13.68 -44.51 -22.59
CA ASP H 115 15.14 -44.52 -22.68
C ASP H 115 15.63 -43.78 -23.92
N LEU H 116 14.91 -43.95 -25.03
CA LEU H 116 15.21 -43.26 -26.26
C LEU H 116 15.08 -41.75 -26.12
N VAL H 117 13.91 -41.31 -25.67
CA VAL H 117 13.57 -39.90 -25.56
C VAL H 117 14.33 -39.18 -24.44
N VAL H 118 14.53 -39.85 -23.31
CA VAL H 118 15.18 -39.23 -22.16
C VAL H 118 16.73 -39.39 -22.21
N ASN H 119 17.23 -40.55 -22.67
CA ASN H 119 18.67 -40.87 -22.63
C ASN H 119 19.36 -41.16 -23.97
N LEU H 120 18.63 -41.08 -25.08
CA LEU H 120 19.14 -41.39 -26.41
C LEU H 120 19.57 -42.85 -26.63
N VAL H 121 19.05 -43.76 -25.81
CA VAL H 121 19.40 -45.16 -25.88
C VAL H 121 18.59 -45.82 -27.02
N PRO H 122 19.28 -46.43 -28.02
CA PRO H 122 18.55 -47.09 -29.09
C PRO H 122 17.63 -48.18 -28.61
N LEU H 123 16.57 -48.41 -29.39
CA LEU H 123 15.61 -49.45 -29.10
C LEU H 123 16.19 -50.86 -29.28
N GLY H 124 15.57 -51.83 -28.60
CA GLY H 124 15.82 -53.26 -28.78
C GLY H 124 16.47 -53.85 -27.54
N ARG H 125 15.88 -54.89 -26.96
CA ARG H 125 16.45 -55.60 -25.79
C ARG H 125 16.38 -57.13 -25.94
N MET I 4 -15.75 20.14 -13.23
CA MET I 4 -15.65 21.16 -14.32
C MET I 4 -14.53 20.87 -15.35
N SER I 5 -13.47 20.19 -14.93
CA SER I 5 -12.38 19.77 -15.84
C SER I 5 -12.84 18.69 -16.81
N LYS I 6 -12.14 18.55 -17.93
CA LYS I 6 -12.57 17.69 -19.04
C LYS I 6 -12.18 16.23 -18.80
N THR I 7 -13.03 15.31 -19.29
CA THR I 7 -12.86 13.86 -19.09
C THR I 7 -13.16 13.02 -20.32
N ILE I 8 -12.68 11.78 -20.31
CA ILE I 8 -13.17 10.72 -21.21
C ILE I 8 -13.47 9.48 -20.36
N VAL I 9 -14.68 8.92 -20.55
CA VAL I 9 -15.19 7.79 -19.75
C VAL I 9 -15.19 6.53 -20.59
N LEU I 10 -14.43 5.53 -20.14
CA LEU I 10 -14.35 4.23 -20.79
C LEU I 10 -15.22 3.30 -19.98
N SER I 11 -15.95 2.40 -20.65
CA SER I 11 -16.78 1.43 -19.94
C SER I 11 -16.40 0.02 -20.33
N VAL I 12 -16.18 -0.81 -19.30
CA VAL I 12 -15.98 -2.25 -19.46
C VAL I 12 -17.17 -2.94 -18.81
N GLY I 13 -18.16 -3.30 -19.64
CA GLY I 13 -19.42 -3.85 -19.17
C GLY I 13 -20.20 -2.84 -18.36
N GLU I 14 -20.42 -3.17 -17.07
CA GLU I 14 -21.15 -2.31 -16.12
C GLU I 14 -20.27 -1.21 -15.53
N ALA I 15 -19.01 -1.54 -15.25
CA ALA I 15 -18.03 -0.60 -14.73
C ALA I 15 -17.65 0.46 -15.79
N THR I 16 -17.42 1.68 -15.31
CA THR I 16 -16.88 2.76 -16.10
C THR I 16 -15.59 3.16 -15.43
N ARG I 17 -14.70 3.74 -16.23
CA ARG I 17 -13.43 4.27 -15.78
C ARG I 17 -13.33 5.69 -16.37
N THR I 18 -13.24 6.68 -15.50
CA THR I 18 -13.23 8.10 -15.88
C THR I 18 -11.79 8.66 -15.84
N LEU I 19 -11.29 9.12 -16.99
CA LEU I 19 -9.94 9.72 -17.07
C LEU I 19 -10.12 11.23 -17.16
N THR I 20 -9.48 11.96 -16.25
CA THR I 20 -9.57 13.42 -16.18
C THR I 20 -8.31 14.06 -16.75
N GLU I 21 -8.49 15.17 -17.45
CA GLU I 21 -7.39 15.88 -18.09
C GLU I 21 -6.52 16.52 -17.03
N ILE I 22 -5.21 16.31 -17.17
CA ILE I 22 -4.21 16.97 -16.33
C ILE I 22 -3.37 17.89 -17.23
N GLN I 23 -2.52 18.71 -16.63
CA GLN I 23 -1.64 19.58 -17.41
C GLN I 23 -0.60 18.73 -18.14
N SER I 24 -0.20 19.21 -19.32
CA SER I 24 0.75 18.55 -20.19
C SER I 24 1.57 19.61 -20.92
N THR I 25 2.47 19.18 -21.79
CA THR I 25 3.20 20.07 -22.70
C THR I 25 2.29 20.56 -23.85
N ALA I 26 2.78 21.53 -24.63
CA ALA I 26 1.97 22.14 -25.73
C ALA I 26 1.65 21.16 -26.87
N ASP I 27 2.54 20.20 -27.11
CA ASP I 27 2.38 19.21 -28.19
C ASP I 27 1.44 17.99 -27.91
N ARG I 28 0.84 17.89 -26.71
CA ARG I 28 0.01 16.73 -26.31
C ARG I 28 -1.05 17.05 -25.24
N GLN I 29 -2.12 16.25 -25.21
CA GLN I 29 -3.09 16.21 -24.11
C GLN I 29 -2.74 15.00 -23.23
N ILE I 30 -2.97 15.11 -21.91
CA ILE I 30 -2.87 13.96 -20.99
C ILE I 30 -4.11 13.86 -20.09
N PHE I 31 -4.66 12.64 -20.03
CA PHE I 31 -5.79 12.29 -19.19
C PHE I 31 -5.36 11.17 -18.24
N GLU I 32 -5.84 11.22 -17.01
CA GLU I 32 -5.45 10.26 -15.97
C GLU I 32 -6.64 9.94 -15.08
N GLU I 33 -6.80 8.67 -14.73
CA GLU I 33 -7.78 8.29 -13.72
C GLU I 33 -7.27 8.71 -12.34
N LYS I 34 -7.89 9.76 -11.79
CA LYS I 34 -7.54 10.37 -10.53
C LYS I 34 -8.19 9.63 -9.37
N VAL I 35 -7.69 8.42 -9.12
CA VAL I 35 -8.11 7.56 -8.03
C VAL I 35 -6.87 6.87 -7.48
N GLY I 36 -6.88 6.55 -6.20
CA GLY I 36 -5.86 5.70 -5.61
C GLY I 36 -4.59 6.45 -5.27
N PRO I 37 -3.45 5.74 -5.19
CA PRO I 37 -2.20 6.46 -4.99
C PRO I 37 -1.77 7.29 -6.20
N LEU I 38 -0.87 8.24 -5.95
CA LEU I 38 -0.33 9.08 -7.01
C LEU I 38 0.49 8.35 -8.10
N VAL I 39 0.93 7.13 -7.81
CA VAL I 39 1.71 6.30 -8.74
C VAL I 39 0.82 5.30 -9.44
N GLY I 40 1.20 4.99 -10.68
CA GLY I 40 0.54 3.97 -11.49
C GLY I 40 -0.89 4.20 -11.92
N ARG I 41 -1.33 5.44 -11.88
CA ARG I 41 -2.66 5.80 -12.36
C ARG I 41 -2.72 5.62 -13.88
N LEU I 42 -3.89 5.17 -14.34
CA LEU I 42 -4.15 4.88 -15.74
C LEU I 42 -4.10 6.19 -16.46
N ARG I 43 -3.39 6.21 -17.59
CA ARG I 43 -3.04 7.44 -18.29
C ARG I 43 -3.34 7.27 -19.77
N LEU I 44 -4.02 8.25 -20.37
CA LEU I 44 -4.15 8.36 -21.83
C LEU I 44 -3.46 9.64 -22.28
N THR I 45 -2.48 9.49 -23.17
CA THR I 45 -1.80 10.60 -23.82
C THR I 45 -2.24 10.67 -25.28
N ALA I 46 -2.73 11.85 -25.71
CA ALA I 46 -3.16 12.10 -27.09
C ALA I 46 -2.31 13.21 -27.71
N SER I 47 -1.99 13.09 -28.99
CA SER I 47 -1.35 14.20 -29.70
C SER I 47 -1.83 14.26 -31.17
N LEU I 48 -1.75 15.45 -31.76
CA LEU I 48 -2.11 15.69 -33.18
C LEU I 48 -0.98 16.52 -33.79
N ARG I 49 -0.30 15.97 -34.79
CA ARG I 49 0.81 16.63 -35.44
C ARG I 49 0.57 16.63 -36.94
N GLN I 50 1.13 17.64 -37.60
CA GLN I 50 0.99 17.83 -39.03
C GLN I 50 2.37 17.62 -39.60
N ASN I 51 2.48 16.98 -40.77
CA ASN I 51 3.80 16.81 -41.41
C ASN I 51 4.40 18.14 -41.93
N GLY I 52 5.65 18.08 -42.39
CA GLY I 52 6.36 19.25 -42.91
C GLY I 52 5.63 19.94 -44.05
N ALA I 53 5.13 19.15 -45.00
CA ALA I 53 4.37 19.65 -46.16
C ALA I 53 2.92 20.07 -45.89
N LYS I 54 2.41 19.85 -44.66
CA LYS I 54 1.01 20.06 -44.31
C LYS I 54 -0.03 19.33 -45.18
N THR I 55 0.34 18.13 -45.64
CA THR I 55 -0.55 17.28 -46.44
C THR I 55 -1.15 16.10 -45.66
N ALA I 56 -0.62 15.82 -44.47
CA ALA I 56 -1.17 14.75 -43.64
C ALA I 56 -1.00 15.07 -42.18
N TYR I 57 -1.84 14.42 -41.36
CA TYR I 57 -1.77 14.53 -39.91
C TYR I 57 -1.44 13.18 -39.31
N ARG I 58 -0.76 13.18 -38.17
CA ARG I 58 -0.57 11.99 -37.34
C ARG I 58 -1.30 12.17 -36.01
N VAL I 59 -2.26 11.28 -35.72
CA VAL I 59 -2.88 11.16 -34.39
C VAL I 59 -2.11 10.06 -33.62
N ASN I 60 -1.63 10.39 -32.44
CA ASN I 60 -1.07 9.42 -31.51
C ASN I 60 -1.97 9.31 -30.28
N LEU I 61 -2.34 8.09 -29.89
CA LEU I 61 -2.99 7.80 -28.60
C LEU I 61 -2.19 6.71 -27.93
N LYS I 62 -1.99 6.80 -26.62
CA LYS I 62 -1.15 5.85 -25.85
C LYS I 62 -1.82 5.66 -24.50
N LEU I 63 -2.38 4.48 -24.28
CA LEU I 63 -2.89 4.08 -22.97
C LEU I 63 -1.81 3.31 -22.25
N ASP I 64 -1.36 3.84 -21.11
CA ASP I 64 -0.41 3.18 -20.23
C ASP I 64 -1.13 2.62 -19.00
N GLN I 65 -1.03 1.30 -18.79
CA GLN I 65 -1.65 0.63 -17.63
C GLN I 65 -0.59 -0.03 -16.74
N ALA I 66 -0.39 0.53 -15.55
CA ALA I 66 0.56 0.03 -14.56
C ALA I 66 -0.14 -0.98 -13.66
N ASP I 67 0.55 -2.07 -13.33
CA ASP I 67 0.12 -2.95 -12.26
C ASP I 67 0.79 -2.51 -10.97
N VAL I 68 -0.01 -1.99 -10.04
CA VAL I 68 0.41 -1.52 -8.72
C VAL I 68 0.10 -2.55 -7.60
N VAL I 69 1.09 -2.85 -6.76
CA VAL I 69 0.92 -3.69 -5.55
C VAL I 69 1.20 -2.85 -4.29
N ASP I 70 0.22 -2.75 -3.39
CA ASP I 70 0.35 -1.98 -2.13
C ASP I 70 0.20 -2.85 -0.88
N SER I 71 1.33 -3.44 -0.47
CA SER I 71 1.46 -4.10 0.85
C SER I 71 2.46 -3.28 1.66
N GLY I 72 2.04 -2.07 2.00
CA GLY I 72 2.86 -1.08 2.70
C GLY I 72 2.77 0.26 2.00
N LEU I 73 3.58 0.42 0.95
CA LEU I 73 3.53 1.59 0.07
C LEU I 73 3.37 1.09 -1.36
N PRO I 74 2.56 1.78 -2.17
CA PRO I 74 2.31 1.28 -3.52
C PRO I 74 3.57 1.33 -4.40
N LYS I 75 3.77 0.28 -5.20
CA LYS I 75 4.89 0.18 -6.13
C LYS I 75 4.37 -0.35 -7.47
N VAL I 76 4.77 0.29 -8.57
CA VAL I 76 4.48 -0.22 -9.89
C VAL I 76 5.34 -1.49 -10.15
N ARG I 77 4.68 -2.63 -10.33
CA ARG I 77 5.32 -3.91 -10.68
C ARG I 77 5.75 -3.96 -12.13
N TYR I 78 4.86 -3.53 -13.02
CA TYR I 78 5.11 -3.50 -14.44
C TYR I 78 4.11 -2.55 -15.10
N THR I 79 4.39 -2.11 -16.34
CA THR I 79 3.50 -1.25 -17.13
C THR I 79 3.29 -1.90 -18.50
N GLN I 80 2.04 -1.91 -18.96
CA GLN I 80 1.68 -2.37 -20.29
C GLN I 80 1.06 -1.20 -21.03
N VAL I 81 1.08 -1.26 -22.35
CA VAL I 81 0.83 -0.08 -23.22
C VAL I 81 0.17 -0.50 -24.52
N TRP I 82 -0.84 0.24 -24.93
CA TRP I 82 -1.45 0.07 -26.23
C TRP I 82 -1.49 1.48 -26.88
N SER I 83 -0.66 1.67 -27.90
CA SER I 83 -0.61 2.95 -28.58
C SER I 83 -1.14 2.81 -29.96
N HIS I 84 -1.68 3.93 -30.46
CA HIS I 84 -2.28 4.03 -31.79
C HIS I 84 -1.53 5.11 -32.57
N ASP I 85 -1.34 4.89 -33.85
CA ASP I 85 -0.71 5.86 -34.74
C ASP I 85 -1.57 5.89 -36.01
N VAL I 86 -2.29 7.00 -36.18
CA VAL I 86 -3.28 7.15 -37.23
C VAL I 86 -2.77 8.26 -38.19
N THR I 87 -2.65 7.91 -39.47
CA THR I 87 -2.21 8.79 -40.52
C THR I 87 -3.46 9.21 -41.27
N ILE I 88 -3.75 10.50 -41.26
CA ILE I 88 -4.90 11.09 -41.90
C ILE I 88 -4.38 12.07 -42.97
N VAL I 89 -4.76 11.84 -44.21
CA VAL I 89 -4.43 12.75 -45.31
C VAL I 89 -5.36 13.98 -45.17
N ALA I 90 -4.79 15.17 -45.29
CA ALA I 90 -5.50 16.44 -45.08
C ALA I 90 -6.68 16.68 -46.05
N ASN I 91 -6.49 16.30 -47.31
CA ASN I 91 -7.53 16.47 -48.34
C ASN I 91 -8.38 15.24 -48.61
N SER I 92 -8.39 14.28 -47.69
CA SER I 92 -9.20 13.08 -47.83
C SER I 92 -10.68 13.40 -47.68
N THR I 93 -11.50 12.49 -48.16
CA THR I 93 -12.94 12.55 -47.98
C THR I 93 -13.24 12.16 -46.54
N GLU I 94 -14.32 12.72 -45.99
CA GLU I 94 -14.80 12.35 -44.67
C GLU I 94 -15.19 10.88 -44.56
N ALA I 95 -15.79 10.34 -45.62
CA ALA I 95 -16.24 8.96 -45.71
C ALA I 95 -15.11 7.96 -45.57
N SER I 96 -13.95 8.32 -46.10
CA SER I 96 -12.79 7.43 -46.06
C SER I 96 -12.17 7.38 -44.67
N ARG I 97 -12.13 8.53 -43.99
CA ARG I 97 -11.75 8.61 -42.57
C ARG I 97 -12.73 7.89 -41.64
N LYS I 98 -14.02 8.05 -41.92
CA LYS I 98 -15.08 7.34 -41.21
C LYS I 98 -14.98 5.84 -41.47
N SER I 99 -14.60 5.44 -42.67
CA SER I 99 -14.41 4.01 -42.97
C SER I 99 -13.25 3.41 -42.18
N LEU I 100 -12.14 4.14 -42.07
CA LEU I 100 -10.96 3.69 -41.31
C LEU I 100 -11.29 3.51 -39.83
N TYR I 101 -11.90 4.52 -39.24
CA TYR I 101 -12.42 4.44 -37.90
C TYR I 101 -13.35 3.22 -37.69
N ASP I 102 -14.40 3.12 -38.51
CA ASP I 102 -15.40 2.04 -38.41
C ASP I 102 -14.80 0.65 -38.49
N LEU I 103 -13.82 0.46 -39.37
CA LEU I 103 -13.10 -0.81 -39.53
C LEU I 103 -12.11 -1.13 -38.40
N THR I 104 -11.43 -0.12 -37.87
CA THR I 104 -10.54 -0.32 -36.70
C THR I 104 -11.33 -0.63 -35.42
N LYS I 105 -12.46 0.06 -35.24
CA LYS I 105 -13.39 -0.19 -34.14
C LYS I 105 -13.84 -1.65 -34.16
N SER I 106 -14.22 -2.13 -35.34
CA SER I 106 -14.55 -3.54 -35.55
C SER I 106 -13.38 -4.51 -35.40
N LEU I 107 -12.20 -4.16 -35.90
CA LEU I 107 -10.99 -5.01 -35.79
C LEU I 107 -10.63 -5.23 -34.33
N VAL I 108 -10.54 -4.13 -33.60
CA VAL I 108 -10.21 -4.19 -32.18
C VAL I 108 -11.26 -4.99 -31.38
N ALA I 109 -12.53 -4.88 -31.76
CA ALA I 109 -13.63 -5.62 -31.12
C ALA I 109 -13.67 -7.10 -31.44
N THR I 110 -12.89 -7.57 -32.41
CA THR I 110 -12.93 -8.95 -32.78
C THR I 110 -12.35 -9.85 -31.67
N SER I 111 -12.89 -11.05 -31.56
CA SER I 111 -12.37 -12.01 -30.60
C SER I 111 -10.97 -12.48 -31.05
N GLN I 112 -10.68 -12.38 -32.35
CA GLN I 112 -9.33 -12.64 -32.86
C GLN I 112 -8.26 -11.70 -32.30
N VAL I 113 -8.57 -10.41 -32.21
CA VAL I 113 -7.65 -9.44 -31.63
C VAL I 113 -7.56 -9.61 -30.10
N GLU I 114 -8.66 -9.91 -29.44
CA GLU I 114 -8.66 -10.28 -28.01
C GLU I 114 -7.67 -11.44 -27.70
N ASP I 115 -7.81 -12.54 -28.45
CA ASP I 115 -6.92 -13.70 -28.37
C ASP I 115 -5.42 -13.43 -28.65
N LEU I 116 -5.15 -12.47 -29.53
CA LEU I 116 -3.76 -12.06 -29.83
C LEU I 116 -3.14 -11.24 -28.69
N VAL I 117 -3.92 -10.38 -28.07
CA VAL I 117 -3.44 -9.60 -26.93
C VAL I 117 -3.39 -10.39 -25.61
N VAL I 118 -4.45 -11.16 -25.35
CA VAL I 118 -4.54 -11.90 -24.09
C VAL I 118 -3.69 -13.19 -24.11
N ASN I 119 -3.73 -13.95 -25.20
CA ASN I 119 -3.09 -15.26 -25.30
C ASN I 119 -1.96 -15.39 -26.35
N LEU I 120 -1.62 -14.31 -27.05
CA LEU I 120 -0.62 -14.31 -28.12
C LEU I 120 -0.89 -15.33 -29.23
N VAL I 121 -2.18 -15.42 -29.61
CA VAL I 121 -2.65 -16.32 -30.65
C VAL I 121 -2.66 -15.53 -31.95
N PRO I 122 -1.89 -15.98 -32.97
CA PRO I 122 -1.95 -15.32 -34.26
C PRO I 122 -3.36 -15.20 -34.86
N LEU I 123 -3.55 -14.18 -35.66
CA LEU I 123 -4.79 -13.94 -36.34
C LEU I 123 -5.01 -14.94 -37.48
N GLY I 124 -6.25 -14.98 -37.97
CA GLY I 124 -6.68 -15.88 -39.04
C GLY I 124 -7.41 -17.12 -38.52
N ARG I 125 -8.68 -17.30 -38.88
CA ARG I 125 -9.44 -18.56 -38.59
C ARG I 125 -10.11 -19.16 -39.83
N MET J 4 -8.20 -24.31 -47.47
CA MET J 4 -8.25 -22.90 -47.95
C MET J 4 -7.70 -21.91 -46.90
N SER J 5 -7.50 -20.66 -47.31
CA SER J 5 -6.80 -19.65 -46.51
C SER J 5 -7.64 -19.06 -45.38
N LYS J 6 -6.94 -18.58 -44.37
CA LYS J 6 -7.55 -18.12 -43.12
C LYS J 6 -8.05 -16.70 -43.26
N THR J 7 -9.15 -16.39 -42.55
CA THR J 7 -9.80 -15.10 -42.62
C THR J 7 -9.97 -14.38 -41.26
N ILE J 8 -10.05 -13.05 -41.31
CA ILE J 8 -10.61 -12.24 -40.24
C ILE J 8 -11.76 -11.41 -40.86
N VAL J 9 -12.98 -11.56 -40.32
CA VAL J 9 -14.17 -10.88 -40.78
C VAL J 9 -14.45 -9.64 -39.91
N LEU J 10 -14.51 -8.46 -40.52
CA LEU J 10 -14.85 -7.20 -39.86
C LEU J 10 -16.31 -6.80 -40.15
N SER J 11 -17.11 -6.61 -39.11
CA SER J 11 -18.52 -6.19 -39.23
C SER J 11 -18.67 -4.67 -39.13
N VAL J 12 -19.39 -4.07 -40.08
CA VAL J 12 -19.73 -2.65 -40.04
C VAL J 12 -21.23 -2.54 -40.32
N GLY J 13 -22.01 -2.73 -39.25
CA GLY J 13 -23.47 -2.78 -39.35
C GLY J 13 -23.94 -4.10 -39.95
N GLU J 14 -24.84 -4.03 -40.93
CA GLU J 14 -25.26 -5.21 -41.69
C GLU J 14 -24.17 -5.68 -42.68
N ALA J 15 -23.33 -4.74 -43.15
CA ALA J 15 -22.19 -5.06 -43.99
C ALA J 15 -21.07 -5.71 -43.19
N THR J 16 -20.40 -6.69 -43.80
CA THR J 16 -19.17 -7.29 -43.26
C THR J 16 -18.08 -7.00 -44.28
N ARG J 17 -16.81 -6.99 -43.86
CA ARG J 17 -15.67 -6.97 -44.78
C ARG J 17 -14.63 -8.00 -44.31
N THR J 18 -14.18 -8.85 -45.23
CA THR J 18 -13.43 -10.05 -44.93
C THR J 18 -12.00 -9.95 -45.47
N LEU J 19 -11.02 -10.08 -44.57
CA LEU J 19 -9.61 -10.03 -44.91
C LEU J 19 -9.10 -11.48 -44.90
N THR J 20 -8.32 -11.85 -45.92
CA THR J 20 -7.89 -13.22 -46.20
C THR J 20 -6.35 -13.24 -46.26
N GLU J 21 -5.73 -14.26 -45.66
CA GLU J 21 -4.28 -14.30 -45.48
C GLU J 21 -3.56 -14.55 -46.80
N ILE J 22 -2.66 -13.63 -47.15
CA ILE J 22 -1.84 -13.77 -48.37
C ILE J 22 -0.37 -14.09 -48.08
N GLN J 23 0.09 -13.79 -46.85
CA GLN J 23 1.46 -14.00 -46.44
C GLN J 23 1.41 -14.33 -44.93
N SER J 24 2.21 -15.30 -44.50
CA SER J 24 2.34 -15.63 -43.08
C SER J 24 3.64 -16.36 -42.85
N THR J 25 4.56 -15.68 -42.15
CA THR J 25 5.79 -16.28 -41.63
C THR J 25 5.82 -16.08 -40.10
N ALA J 26 6.93 -16.49 -39.48
CA ALA J 26 7.21 -16.17 -38.08
C ALA J 26 7.38 -14.66 -37.83
N ASP J 27 7.90 -13.94 -38.83
CA ASP J 27 8.17 -12.49 -38.72
C ASP J 27 6.92 -11.62 -38.76
N ARG J 28 6.02 -11.92 -39.71
CA ARG J 28 4.78 -11.15 -39.86
CA ARG J 28 4.86 -11.08 -40.02
C ARG J 28 3.75 -11.90 -40.70
N GLN J 29 2.50 -11.50 -40.52
CA GLN J 29 1.38 -12.01 -41.31
C GLN J 29 0.67 -10.86 -42.04
N ILE J 30 0.12 -11.16 -43.21
CA ILE J 30 -0.55 -10.18 -44.04
C ILE J 30 -1.89 -10.72 -44.54
N PHE J 31 -2.95 -9.95 -44.32
CA PHE J 31 -4.29 -10.22 -44.82
C PHE J 31 -4.75 -9.13 -45.81
N GLU J 32 -5.41 -9.51 -46.90
CA GLU J 32 -6.01 -8.55 -47.83
C GLU J 32 -7.48 -8.83 -48.09
N GLU J 33 -8.28 -7.77 -48.21
CA GLU J 33 -9.65 -7.95 -48.71
C GLU J 33 -9.58 -8.22 -50.21
N LYS J 34 -9.97 -9.42 -50.62
CA LYS J 34 -9.84 -9.85 -52.01
C LYS J 34 -11.08 -9.51 -52.83
N VAL J 35 -11.43 -8.24 -52.91
CA VAL J 35 -12.47 -7.73 -53.80
C VAL J 35 -12.00 -6.43 -54.44
N GLY J 36 -12.45 -6.18 -55.67
CA GLY J 36 -12.14 -4.95 -56.40
C GLY J 36 -10.92 -5.15 -57.31
N PRO J 37 -10.30 -4.05 -57.76
CA PRO J 37 -9.00 -4.18 -58.44
C PRO J 37 -7.91 -4.63 -57.46
N LEU J 38 -6.84 -5.19 -57.99
CA LEU J 38 -5.69 -5.62 -57.17
C LEU J 38 -5.02 -4.43 -56.46
N VAL J 39 -5.04 -3.28 -57.13
CA VAL J 39 -4.51 -2.02 -56.60
C VAL J 39 -5.41 -1.52 -55.44
N GLY J 40 -4.78 -1.26 -54.29
CA GLY J 40 -5.44 -0.66 -53.14
C GLY J 40 -6.47 -1.51 -52.39
N ARG J 41 -6.27 -2.82 -52.35
CA ARG J 41 -7.11 -3.67 -51.48
C ARG J 41 -6.75 -3.39 -50.03
N LEU J 42 -7.78 -3.23 -49.20
CA LEU J 42 -7.63 -3.02 -47.77
C LEU J 42 -6.71 -4.12 -47.26
N ARG J 43 -5.68 -3.71 -46.52
CA ARG J 43 -4.62 -4.62 -46.08
C ARG J 43 -4.43 -4.53 -44.56
N LEU J 44 -4.39 -5.67 -43.90
CA LEU J 44 -4.02 -5.76 -42.49
C LEU J 44 -2.68 -6.48 -42.39
N THR J 45 -1.80 -5.93 -41.57
CA THR J 45 -0.46 -6.46 -41.34
C THR J 45 -0.28 -6.63 -39.85
N ALA J 46 0.14 -7.81 -39.43
CA ALA J 46 0.33 -8.15 -38.01
C ALA J 46 1.72 -8.73 -37.84
N SER J 47 2.40 -8.35 -36.77
CA SER J 47 3.72 -8.87 -36.47
C SER J 47 3.90 -9.01 -34.94
N LEU J 48 4.75 -9.94 -34.54
CA LEU J 48 5.04 -10.20 -33.13
C LEU J 48 6.56 -10.20 -33.00
N ARG J 49 7.07 -9.50 -32.00
CA ARG J 49 8.50 -9.48 -31.74
C ARG J 49 8.73 -9.34 -30.26
N GLN J 50 9.98 -9.58 -29.87
CA GLN J 50 10.43 -9.45 -28.51
C GLN J 50 11.31 -8.22 -28.36
N ASN J 51 11.32 -7.65 -27.16
CA ASN J 51 12.28 -6.62 -26.80
C ASN J 51 13.72 -7.20 -26.62
N GLY J 52 14.68 -6.35 -26.30
CA GLY J 52 16.09 -6.78 -26.22
C GLY J 52 16.34 -7.77 -25.10
N ALA J 53 15.86 -7.41 -23.92
CA ALA J 53 15.94 -8.24 -22.71
C ALA J 53 15.13 -9.56 -22.72
N LYS J 54 14.21 -9.71 -23.67
CA LYS J 54 13.25 -10.82 -23.75
C LYS J 54 12.32 -10.92 -22.53
N THR J 55 11.92 -9.74 -22.06
CA THR J 55 11.03 -9.55 -20.94
C THR J 55 9.64 -8.98 -21.35
N ALA J 56 9.42 -8.74 -22.66
CA ALA J 56 8.16 -8.23 -23.21
C ALA J 56 8.02 -8.56 -24.69
N TYR J 57 6.79 -8.57 -25.16
CA TYR J 57 6.42 -8.77 -26.56
C TYR J 57 5.83 -7.46 -27.07
N ARG J 58 6.14 -7.13 -28.33
CA ARG J 58 5.51 -6.02 -29.02
C ARG J 58 4.69 -6.61 -30.13
N VAL J 59 3.38 -6.36 -30.08
CA VAL J 59 2.45 -6.79 -31.11
C VAL J 59 2.24 -5.56 -31.98
N ASN J 60 2.34 -5.71 -33.28
CA ASN J 60 2.05 -4.60 -34.19
C ASN J 60 0.91 -5.05 -35.09
N LEU J 61 -0.11 -4.21 -35.19
CA LEU J 61 -1.28 -4.47 -35.99
C LEU J 61 -1.47 -3.18 -36.76
N LYS J 62 -1.67 -3.26 -38.07
CA LYS J 62 -1.74 -2.09 -38.95
C LYS J 62 -2.77 -2.35 -40.00
N LEU J 63 -3.75 -1.46 -40.10
CA LEU J 63 -4.77 -1.47 -41.14
C LEU J 63 -4.46 -0.32 -42.12
N ASP J 64 -4.35 -0.64 -43.41
CA ASP J 64 -3.92 0.29 -44.47
C ASP J 64 -5.05 0.39 -45.48
N GLN J 65 -5.66 1.59 -45.60
CA GLN J 65 -6.79 1.83 -46.50
C GLN J 65 -6.42 2.81 -47.63
N ALA J 66 -6.26 2.29 -48.84
CA ALA J 66 -6.00 3.10 -50.03
C ALA J 66 -7.32 3.72 -50.46
N ASP J 67 -7.26 4.95 -50.98
CA ASP J 67 -8.40 5.57 -51.66
C ASP J 67 -8.16 5.44 -53.15
N VAL J 68 -8.96 4.58 -53.78
CA VAL J 68 -8.82 4.21 -55.18
C VAL J 68 -9.91 4.88 -56.00
N VAL J 69 -9.51 5.52 -57.10
CA VAL J 69 -10.41 6.02 -58.14
C VAL J 69 -10.16 5.13 -59.37
N ASP J 70 -11.22 4.51 -59.90
CA ASP J 70 -11.09 3.54 -61.01
C ASP J 70 -12.04 3.77 -62.20
N SER J 71 -12.47 5.02 -62.37
CA SER J 71 -13.00 5.48 -63.66
C SER J 71 -11.79 5.49 -64.59
N GLY J 72 -11.87 4.77 -65.71
CA GLY J 72 -10.71 4.44 -66.52
C GLY J 72 -9.86 3.38 -65.81
N LEU J 73 -8.54 3.60 -65.74
CA LEU J 73 -7.62 2.69 -65.05
C LEU J 73 -7.71 2.91 -63.52
N PRO J 74 -7.68 1.81 -62.70
CA PRO J 74 -7.61 1.98 -61.23
C PRO J 74 -6.31 2.60 -60.73
N LYS J 75 -6.43 3.57 -59.82
CA LYS J 75 -5.31 4.38 -59.33
C LYS J 75 -5.53 4.79 -57.87
N VAL J 76 -4.48 4.69 -57.05
CA VAL J 76 -4.54 5.08 -55.63
C VAL J 76 -4.19 6.58 -55.48
N ARG J 77 -5.16 7.38 -55.06
CA ARG J 77 -4.95 8.80 -54.72
C ARG J 77 -4.03 8.97 -53.50
N TYR J 78 -4.38 8.24 -52.44
CA TYR J 78 -3.74 8.36 -51.13
C TYR J 78 -4.00 7.10 -50.33
N THR J 79 -3.29 6.97 -49.20
CA THR J 79 -3.56 5.92 -48.24
C THR J 79 -3.67 6.51 -46.82
N GLN J 80 -4.56 5.93 -46.03
CA GLN J 80 -4.68 6.24 -44.61
C GLN J 80 -4.47 4.95 -43.80
N VAL J 81 -3.87 5.10 -42.64
CA VAL J 81 -3.33 3.98 -41.87
C VAL J 81 -3.67 4.15 -40.39
N TRP J 82 -4.02 3.07 -39.73
CA TRP J 82 -4.26 3.07 -38.30
C TRP J 82 -3.49 1.86 -37.78
N SER J 83 -2.39 2.15 -37.07
CA SER J 83 -1.53 1.15 -36.53
C SER J 83 -1.57 1.17 -35.01
N HIS J 84 -1.30 -0.01 -34.44
CA HIS J 84 -1.39 -0.29 -33.00
C HIS J 84 -0.04 -0.86 -32.59
N ASP J 85 0.44 -0.47 -31.42
CA ASP J 85 1.62 -1.05 -30.82
C ASP J 85 1.30 -1.43 -29.35
N VAL J 86 1.20 -2.74 -29.09
CA VAL J 86 0.82 -3.25 -27.80
C VAL J 86 2.05 -3.86 -27.11
N THR J 87 2.36 -3.39 -25.90
CA THR J 87 3.43 -3.96 -25.07
C THR J 87 2.89 -4.88 -23.95
N ILE J 88 3.11 -6.18 -24.13
CA ILE J 88 2.72 -7.25 -23.21
C ILE J 88 3.95 -7.82 -22.50
N VAL J 89 4.06 -7.55 -21.20
CA VAL J 89 5.22 -7.96 -20.40
C VAL J 89 5.08 -9.42 -19.90
N ALA J 90 6.22 -10.10 -19.82
CA ALA J 90 6.37 -11.51 -19.39
C ALA J 90 5.72 -11.89 -18.05
N ASN J 91 5.79 -10.96 -17.10
CA ASN J 91 5.29 -11.14 -15.75
C ASN J 91 3.85 -10.65 -15.56
N SER J 92 3.12 -10.37 -16.66
CA SER J 92 1.76 -9.88 -16.55
C SER J 92 0.77 -11.00 -16.23
N THR J 93 -0.36 -10.61 -15.63
CA THR J 93 -1.51 -11.51 -15.37
C THR J 93 -2.48 -11.45 -16.55
N GLU J 94 -3.34 -12.46 -16.69
CA GLU J 94 -4.43 -12.40 -17.69
C GLU J 94 -5.38 -11.23 -17.47
N ALA J 95 -5.65 -10.93 -16.21
CA ALA J 95 -6.49 -9.81 -15.86
C ALA J 95 -5.95 -8.50 -16.40
N SER J 96 -4.64 -8.26 -16.27
CA SER J 96 -4.02 -7.00 -16.77
C SER J 96 -4.04 -6.91 -18.29
N ARG J 97 -3.78 -8.02 -18.97
CA ARG J 97 -3.90 -8.08 -20.42
C ARG J 97 -5.31 -7.90 -20.96
N LYS J 98 -6.25 -8.58 -20.32
CA LYS J 98 -7.68 -8.47 -20.64
C LYS J 98 -8.17 -7.05 -20.38
N SER J 99 -7.71 -6.44 -19.30
CA SER J 99 -8.07 -5.08 -18.98
C SER J 99 -7.57 -4.04 -20.04
N LEU J 100 -6.36 -4.23 -20.54
CA LEU J 100 -5.74 -3.37 -21.56
C LEU J 100 -6.51 -3.51 -22.84
N TYR J 101 -6.77 -4.76 -23.24
CA TYR J 101 -7.72 -5.05 -24.30
C TYR J 101 -9.10 -4.35 -24.11
N ASP J 102 -9.78 -4.66 -23.00
CA ASP J 102 -11.14 -4.11 -22.78
C ASP J 102 -11.19 -2.59 -22.77
N LEU J 103 -10.17 -1.95 -22.22
CA LEU J 103 -10.12 -0.48 -22.15
C LEU J 103 -9.77 0.22 -23.50
N THR J 104 -9.01 -0.45 -24.36
CA THR J 104 -8.72 0.04 -25.71
C THR J 104 -9.90 -0.17 -26.64
N LYS J 105 -10.53 -1.34 -26.53
CA LYS J 105 -11.78 -1.63 -27.25
C LYS J 105 -12.81 -0.53 -27.00
N SER J 106 -12.98 -0.16 -25.74
CA SER J 106 -13.87 0.91 -25.34
C SER J 106 -13.39 2.30 -25.75
N LEU J 107 -12.09 2.57 -25.63
CA LEU J 107 -11.50 3.83 -26.11
C LEU J 107 -11.84 4.10 -27.59
N VAL J 108 -11.58 3.13 -28.44
CA VAL J 108 -11.78 3.27 -29.87
C VAL J 108 -13.26 3.40 -30.20
N ALA J 109 -14.11 2.66 -29.50
CA ALA J 109 -15.57 2.76 -29.60
C ALA J 109 -16.19 4.12 -29.22
N THR J 110 -15.48 4.97 -28.49
CA THR J 110 -16.02 6.24 -28.04
C THR J 110 -16.23 7.21 -29.19
N SER J 111 -17.29 8.03 -29.08
CA SER J 111 -17.60 9.05 -30.05
C SER J 111 -16.54 10.13 -30.03
N GLN J 112 -15.89 10.33 -28.88
CA GLN J 112 -14.72 11.19 -28.78
C GLN J 112 -13.57 10.79 -29.71
N VAL J 113 -13.24 9.49 -29.77
CA VAL J 113 -12.16 9.01 -30.66
C VAL J 113 -12.60 9.09 -32.15
N GLU J 114 -13.87 8.84 -32.42
CA GLU J 114 -14.44 9.03 -33.74
C GLU J 114 -14.32 10.49 -34.21
N ASP J 115 -14.59 11.42 -33.31
CA ASP J 115 -14.47 12.85 -33.57
C ASP J 115 -13.03 13.33 -33.81
N LEU J 116 -12.09 12.73 -33.10
CA LEU J 116 -10.69 13.02 -33.24
C LEU J 116 -10.14 12.58 -34.57
N VAL J 117 -10.56 11.40 -35.02
CA VAL J 117 -10.00 10.78 -36.22
C VAL J 117 -10.67 11.31 -37.48
N VAL J 118 -12.01 11.45 -37.45
CA VAL J 118 -12.81 11.92 -38.58
C VAL J 118 -12.86 13.45 -38.69
N ASN J 119 -12.81 14.18 -37.58
CA ASN J 119 -12.92 15.66 -37.62
C ASN J 119 -11.84 16.44 -36.89
N LEU J 120 -10.77 15.79 -36.44
CA LEU J 120 -9.67 16.39 -35.66
C LEU J 120 -10.10 17.23 -34.41
N VAL J 121 -11.24 16.87 -33.83
CA VAL J 121 -11.76 17.52 -32.62
C VAL J 121 -11.00 16.93 -31.42
N PRO J 122 -10.35 17.78 -30.59
CA PRO J 122 -9.68 17.30 -29.35
C PRO J 122 -10.52 16.43 -28.40
N LEU J 123 -9.87 15.49 -27.72
CA LEU J 123 -10.51 14.64 -26.70
C LEU J 123 -10.89 15.47 -25.48
N GLY J 124 -11.86 14.96 -24.72
CA GLY J 124 -12.31 15.58 -23.46
C GLY J 124 -13.62 16.34 -23.59
N ARG J 125 -14.62 15.94 -22.81
CA ARG J 125 -15.93 16.62 -22.75
C ARG J 125 -16.28 17.01 -21.31
N SER K 3 -17.88 36.31 -15.35
CA SER K 3 -16.64 35.79 -14.71
C SER K 3 -16.23 34.46 -15.36
N MET K 4 -15.53 34.57 -16.48
CA MET K 4 -15.12 33.43 -17.30
C MET K 4 -13.70 32.94 -16.97
N SER K 5 -12.81 33.85 -16.56
CA SER K 5 -11.43 33.48 -16.23
C SER K 5 -11.39 32.70 -14.93
N LYS K 6 -10.45 31.77 -14.84
CA LYS K 6 -10.20 31.01 -13.62
C LYS K 6 -9.48 31.91 -12.62
N THR K 7 -9.78 31.73 -11.33
CA THR K 7 -9.26 32.60 -10.25
C THR K 7 -8.91 31.82 -8.99
N ILE K 8 -8.24 32.52 -8.08
CA ILE K 8 -8.07 32.10 -6.70
C ILE K 8 -8.35 33.35 -5.87
N VAL K 9 -9.32 33.23 -4.97
CA VAL K 9 -9.78 34.36 -4.17
C VAL K 9 -9.19 34.25 -2.77
N LEU K 10 -8.44 35.28 -2.38
CA LEU K 10 -7.86 35.42 -1.05
C LEU K 10 -8.72 36.45 -0.32
N SER K 11 -8.59 36.51 1.01
CA SER K 11 -9.41 37.44 1.80
C SER K 11 -8.82 37.75 3.18
N VAL K 12 -8.77 39.04 3.52
CA VAL K 12 -8.44 39.51 4.87
C VAL K 12 -9.73 40.05 5.54
N GLY K 13 -10.42 39.18 6.28
CA GLY K 13 -11.74 39.49 6.82
C GLY K 13 -12.76 39.49 5.70
N GLU K 14 -13.55 40.55 5.62
CA GLU K 14 -14.54 40.73 4.56
C GLU K 14 -13.91 41.33 3.28
N ALA K 15 -12.67 41.81 3.36
CA ALA K 15 -11.93 42.31 2.19
C ALA K 15 -11.46 41.15 1.33
N THR K 16 -12.10 40.98 0.16
CA THR K 16 -11.80 39.88 -0.78
C THR K 16 -10.83 40.33 -1.90
N ARG K 17 -9.78 39.52 -2.14
CA ARG K 17 -8.74 39.80 -3.17
C ARG K 17 -8.66 38.70 -4.22
N THR K 18 -9.32 38.92 -5.35
CA THR K 18 -9.43 37.97 -6.44
C THR K 18 -8.24 38.09 -7.39
N LEU K 19 -7.55 36.96 -7.61
CA LEU K 19 -6.35 36.88 -8.45
C LEU K 19 -6.76 36.08 -9.68
N THR K 20 -6.58 36.68 -10.86
CA THR K 20 -7.08 36.15 -12.13
C THR K 20 -5.92 35.49 -12.88
N GLU K 21 -6.17 34.30 -13.42
CA GLU K 21 -5.19 33.56 -14.21
C GLU K 21 -4.80 34.34 -15.47
N ILE K 22 -3.49 34.54 -15.65
CA ILE K 22 -2.93 35.18 -16.86
C ILE K 22 -1.91 34.29 -17.60
N GLN K 23 -1.65 33.07 -17.10
CA GLN K 23 -0.82 32.07 -17.77
C GLN K 23 -1.05 30.70 -17.14
N SER K 24 -1.11 29.66 -17.96
CA SER K 24 -1.20 28.29 -17.46
C SER K 24 -0.59 27.32 -18.46
N THR K 25 0.69 27.00 -18.25
CA THR K 25 1.42 26.04 -19.05
C THR K 25 1.88 24.89 -18.16
N ALA K 26 2.58 23.93 -18.77
CA ALA K 26 3.30 22.89 -18.00
C ALA K 26 4.46 23.48 -17.18
N ASP K 27 5.00 24.62 -17.61
CA ASP K 27 6.07 25.33 -16.90
C ASP K 27 5.62 25.94 -15.55
N ARG K 28 4.50 26.67 -15.57
CA ARG K 28 4.01 27.36 -14.38
C ARG K 28 2.62 27.92 -14.63
N GLN K 29 1.93 28.34 -13.56
CA GLN K 29 0.73 29.15 -13.66
C GLN K 29 1.03 30.46 -13.01
N ILE K 30 0.51 31.56 -13.56
CA ILE K 30 0.58 32.88 -12.93
C ILE K 30 -0.85 33.44 -12.80
N PHE K 31 -1.13 34.04 -11.64
CA PHE K 31 -2.42 34.62 -11.26
C PHE K 31 -2.09 36.01 -10.77
N GLU K 32 -2.87 37.00 -11.20
CA GLU K 32 -2.62 38.38 -10.86
C GLU K 32 -3.93 39.14 -10.56
N GLU K 33 -3.87 40.09 -9.64
CA GLU K 33 -5.02 40.93 -9.33
C GLU K 33 -5.18 42.03 -10.41
N LYS K 34 -6.29 42.01 -11.15
CA LYS K 34 -6.56 42.98 -12.21
C LYS K 34 -7.10 44.31 -11.68
N VAL K 35 -6.27 45.05 -10.97
CA VAL K 35 -6.67 46.35 -10.44
C VAL K 35 -5.43 47.24 -10.33
N GLY K 36 -5.65 48.54 -10.52
CA GLY K 36 -4.62 49.54 -10.33
C GLY K 36 -3.62 49.56 -11.46
N PRO K 37 -2.42 50.11 -11.21
CA PRO K 37 -1.31 50.05 -12.16
C PRO K 37 -1.10 48.67 -12.75
N LEU K 38 -0.70 48.62 -14.01
CA LEU K 38 -0.36 47.37 -14.69
C LEU K 38 0.92 46.75 -14.08
N VAL K 39 1.77 47.59 -13.49
CA VAL K 39 3.03 47.19 -12.84
C VAL K 39 2.87 46.93 -11.35
N GLY K 40 3.58 45.90 -10.86
CA GLY K 40 3.53 45.53 -9.45
C GLY K 40 2.18 45.08 -8.90
N ARG K 41 1.34 44.49 -9.74
CA ARG K 41 0.06 43.91 -9.28
C ARG K 41 0.37 42.67 -8.44
N LEU K 42 -0.49 42.40 -7.44
CA LEU K 42 -0.33 41.23 -6.56
C LEU K 42 -0.35 40.01 -7.46
N ARG K 43 0.68 39.18 -7.34
CA ARG K 43 0.95 38.10 -8.28
C ARG K 43 1.23 36.81 -7.52
N LEU K 44 0.66 35.70 -8.00
CA LEU K 44 0.94 34.37 -7.48
C LEU K 44 1.41 33.48 -8.61
N THR K 45 2.57 32.86 -8.40
CA THR K 45 3.16 31.92 -9.36
C THR K 45 3.23 30.54 -8.72
N ALA K 46 2.86 29.52 -9.49
CA ALA K 46 2.77 28.15 -9.02
C ALA K 46 3.41 27.20 -10.02
N SER K 47 4.09 26.16 -9.54
CA SER K 47 4.53 25.09 -10.43
C SER K 47 4.56 23.73 -9.73
N LEU K 48 4.48 22.68 -10.53
CA LEU K 48 4.60 21.30 -10.10
C LEU K 48 5.69 20.66 -10.93
N ARG K 49 6.72 20.12 -10.27
CA ARG K 49 7.84 19.45 -10.94
C ARG K 49 8.01 18.08 -10.33
N GLN K 50 8.31 17.10 -11.18
CA GLN K 50 8.66 15.77 -10.74
C GLN K 50 10.19 15.65 -10.76
N ASN K 51 10.77 14.91 -9.81
CA ASN K 51 12.21 14.61 -9.85
C ASN K 51 12.52 13.61 -10.98
N GLY K 52 13.79 13.45 -11.32
CA GLY K 52 14.20 12.63 -12.45
C GLY K 52 13.87 11.16 -12.27
N ALA K 53 14.04 10.67 -11.04
CA ALA K 53 13.67 9.32 -10.64
C ALA K 53 12.15 9.07 -10.60
N LYS K 54 11.37 10.14 -10.55
CA LYS K 54 9.92 10.11 -10.45
C LYS K 54 9.37 9.55 -9.13
N THR K 55 10.16 9.69 -8.07
CA THR K 55 9.82 9.25 -6.70
C THR K 55 9.29 10.41 -5.81
N ALA K 56 9.40 11.65 -6.28
CA ALA K 56 8.92 12.82 -5.54
C ALA K 56 8.50 13.92 -6.50
N TYR K 57 7.75 14.85 -5.94
CA TYR K 57 7.26 16.05 -6.60
C TYR K 57 7.66 17.25 -5.77
N ARG K 58 7.93 18.38 -6.43
CA ARG K 58 8.12 19.66 -5.77
C ARG K 58 7.07 20.63 -6.23
N VAL K 59 6.30 21.15 -5.27
CA VAL K 59 5.32 22.19 -5.54
C VAL K 59 6.01 23.46 -5.13
N ASN K 60 5.99 24.47 -6.01
CA ASN K 60 6.50 25.81 -5.74
C ASN K 60 5.33 26.79 -5.89
N LEU K 61 5.09 27.61 -4.87
CA LEU K 61 4.13 28.70 -4.83
C LEU K 61 4.92 29.92 -4.42
N LYS K 62 4.67 31.05 -5.07
CA LYS K 62 5.34 32.31 -4.73
C LYS K 62 4.37 33.47 -4.81
N LEU K 63 4.20 34.19 -3.70
CA LEU K 63 3.33 35.37 -3.63
C LEU K 63 4.16 36.66 -3.55
N ASP K 64 3.97 37.55 -4.53
CA ASP K 64 4.70 38.84 -4.60
C ASP K 64 3.76 40.01 -4.36
N GLN K 65 4.08 40.86 -3.38
CA GLN K 65 3.36 42.09 -3.08
C GLN K 65 4.33 43.25 -3.30
N ALA K 66 4.11 44.00 -4.39
CA ALA K 66 4.96 45.13 -4.74
C ALA K 66 4.50 46.35 -3.98
N ASP K 67 5.44 47.25 -3.68
CA ASP K 67 5.10 48.59 -3.21
C ASP K 67 5.15 49.56 -4.39
N VAL K 68 3.98 50.05 -4.80
CA VAL K 68 3.83 50.93 -5.97
C VAL K 68 3.61 52.39 -5.54
N VAL K 69 4.62 53.23 -5.76
CA VAL K 69 4.49 54.69 -5.63
C VAL K 69 3.95 55.25 -6.96
N ASP K 70 2.85 56.00 -6.91
CA ASP K 70 2.23 56.64 -8.09
C ASP K 70 2.00 58.13 -7.83
N SER K 71 3.06 58.91 -8.05
CA SER K 71 3.01 60.37 -8.06
C SER K 71 3.26 60.84 -9.50
N GLY K 72 2.33 60.49 -10.39
CA GLY K 72 2.41 60.81 -11.83
C GLY K 72 2.13 59.57 -12.67
N LEU K 73 3.18 58.79 -12.88
CA LEU K 73 3.08 57.44 -13.44
C LEU K 73 3.67 56.46 -12.44
N PRO K 74 3.04 55.26 -12.29
CA PRO K 74 3.43 54.31 -11.24
C PRO K 74 4.78 53.62 -11.43
N LYS K 75 5.53 53.48 -10.34
CA LYS K 75 6.81 52.80 -10.31
C LYS K 75 6.83 51.84 -9.09
N VAL K 76 7.39 50.64 -9.26
CA VAL K 76 7.53 49.68 -8.15
C VAL K 76 8.79 49.99 -7.34
N ARG K 77 8.61 50.30 -6.07
CA ARG K 77 9.71 50.68 -5.19
C ARG K 77 10.48 49.47 -4.66
N TYR K 78 9.75 48.42 -4.27
CA TYR K 78 10.32 47.16 -3.77
C TYR K 78 9.23 46.08 -3.77
N THR K 79 9.64 44.82 -3.83
CA THR K 79 8.73 43.68 -3.73
C THR K 79 9.07 42.84 -2.50
N GLN K 80 8.04 42.56 -1.70
CA GLN K 80 8.12 41.57 -0.62
C GLN K 80 7.49 40.28 -1.13
N VAL K 81 8.06 39.14 -0.75
CA VAL K 81 7.78 37.84 -1.34
C VAL K 81 7.59 36.80 -0.25
N TRP K 82 6.59 35.92 -0.42
CA TRP K 82 6.44 34.73 0.42
C TRP K 82 6.31 33.50 -0.50
N SER K 83 7.36 32.69 -0.54
CA SER K 83 7.39 31.50 -1.39
C SER K 83 7.40 30.21 -0.59
N HIS K 84 7.02 29.13 -1.26
CA HIS K 84 6.84 27.81 -0.64
C HIS K 84 7.50 26.76 -1.51
N ASP K 85 8.17 25.81 -0.88
CA ASP K 85 8.71 24.64 -1.54
C ASP K 85 8.21 23.41 -0.77
N VAL K 86 7.37 22.60 -1.43
CA VAL K 86 6.71 21.46 -0.80
C VAL K 86 7.23 20.20 -1.45
N THR K 87 7.86 19.34 -0.66
CA THR K 87 8.31 18.02 -1.11
C THR K 87 7.25 16.98 -0.79
N ILE K 88 6.62 16.44 -1.83
CA ILE K 88 5.63 15.39 -1.75
C ILE K 88 6.21 14.13 -2.35
N VAL K 89 6.23 13.04 -1.58
CA VAL K 89 6.75 11.75 -2.06
C VAL K 89 5.63 11.01 -2.80
N ALA K 90 5.96 10.40 -3.93
CA ALA K 90 4.98 9.94 -4.91
C ALA K 90 4.20 8.73 -4.41
N ASN K 91 4.84 7.85 -3.64
CA ASN K 91 4.16 6.73 -2.98
C ASN K 91 3.68 6.98 -1.53
N SER K 92 3.63 8.25 -1.12
CA SER K 92 3.12 8.65 0.17
C SER K 92 1.65 8.31 0.35
N THR K 93 1.21 8.23 1.60
CA THR K 93 -0.21 8.05 1.92
C THR K 93 -0.84 9.41 1.75
N GLU K 94 -2.11 9.45 1.36
CA GLU K 94 -2.90 10.69 1.40
C GLU K 94 -2.93 11.37 2.77
N ALA K 95 -3.03 10.56 3.82
CA ALA K 95 -3.03 11.06 5.20
C ALA K 95 -1.78 11.86 5.54
N SER K 96 -0.62 11.38 5.08
CA SER K 96 0.64 12.10 5.35
C SER K 96 0.72 13.45 4.63
N ARG K 97 0.17 13.52 3.41
CA ARG K 97 0.09 14.78 2.65
C ARG K 97 -0.89 15.75 3.28
N LYS K 98 -2.09 15.26 3.61
CA LYS K 98 -3.11 16.04 4.37
C LYS K 98 -2.55 16.54 5.70
N SER K 99 -1.80 15.69 6.40
CA SER K 99 -1.23 16.07 7.70
C SER K 99 -0.19 17.18 7.60
N LEU K 100 0.67 17.12 6.59
CA LEU K 100 1.65 18.18 6.32
C LEU K 100 0.96 19.49 6.02
N TYR K 101 -0.07 19.40 5.19
CA TYR K 101 -0.91 20.56 4.87
C TYR K 101 -1.57 21.17 6.13
N ASP K 102 -2.24 20.34 6.93
CA ASP K 102 -2.95 20.83 8.13
C ASP K 102 -2.03 21.45 9.19
N LEU K 103 -0.84 20.87 9.32
CA LEU K 103 0.18 21.38 10.22
C LEU K 103 0.78 22.70 9.76
N THR K 104 1.01 22.82 8.45
CA THR K 104 1.50 24.08 7.87
C THR K 104 0.42 25.17 7.95
N LYS K 105 -0.80 24.82 7.60
CA LYS K 105 -1.97 25.70 7.78
C LYS K 105 -2.01 26.28 9.19
N SER K 106 -1.85 25.40 10.18
CA SER K 106 -1.74 25.81 11.59
C SER K 106 -0.54 26.70 11.88
N LEU K 107 0.64 26.26 11.44
CA LEU K 107 1.90 26.98 11.68
C LEU K 107 1.86 28.42 11.15
N VAL K 108 1.36 28.57 9.93
CA VAL K 108 1.22 29.87 9.29
C VAL K 108 0.14 30.69 10.01
N ALA K 109 -0.93 30.04 10.47
CA ALA K 109 -1.97 30.70 11.27
C ALA K 109 -1.59 31.15 12.67
N THR K 110 -0.45 30.71 13.20
CA THR K 110 -0.07 31.08 14.58
C THR K 110 0.29 32.55 14.70
N SER K 111 0.07 33.11 15.90
CA SER K 111 0.57 34.43 16.27
C SER K 111 2.09 34.54 16.34
N GLN K 112 2.80 33.43 16.51
CA GLN K 112 4.26 33.43 16.61
C GLN K 112 4.91 33.69 15.24
N VAL K 113 4.31 33.11 14.20
CA VAL K 113 4.78 33.28 12.82
C VAL K 113 4.37 34.67 12.30
N GLU K 114 3.16 35.11 12.63
CA GLU K 114 2.71 36.49 12.43
C GLU K 114 3.72 37.49 12.98
N ASP K 115 4.13 37.30 14.23
CA ASP K 115 5.11 38.18 14.86
C ASP K 115 6.52 37.99 14.28
N LEU K 116 6.91 36.76 13.94
CA LEU K 116 8.19 36.50 13.22
C LEU K 116 8.30 37.20 11.86
N VAL K 117 7.21 37.18 11.09
CA VAL K 117 7.18 37.79 9.77
C VAL K 117 7.03 39.30 9.91
N VAL K 118 6.01 39.73 10.65
CA VAL K 118 5.65 41.16 10.75
C VAL K 118 6.55 41.96 11.70
N ASN K 119 7.10 41.34 12.76
CA ASN K 119 7.94 42.07 13.75
C ASN K 119 9.34 41.47 14.02
N LEU K 120 9.74 40.44 13.27
CA LEU K 120 10.95 39.63 13.53
C LEU K 120 11.07 39.04 14.96
N VAL K 121 9.94 38.73 15.59
CA VAL K 121 9.90 38.16 16.94
C VAL K 121 10.21 36.65 16.84
N PRO K 122 11.36 36.19 17.40
CA PRO K 122 11.71 34.76 17.22
C PRO K 122 10.70 33.79 17.86
N LEU K 123 10.68 32.57 17.32
CA LEU K 123 9.73 31.54 17.74
C LEU K 123 10.17 30.90 19.07
N GLY K 124 9.21 30.44 19.85
CA GLY K 124 9.47 29.83 21.15
C GLY K 124 8.95 30.71 22.27
N ARG K 125 7.73 30.42 22.70
CA ARG K 125 7.11 31.03 23.88
C ARG K 125 7.46 30.21 25.13
N SER L 5 12.24 25.13 28.76
CA SER L 5 12.45 24.82 27.31
C SER L 5 11.29 25.39 26.48
N LYS L 6 11.63 26.12 25.41
CA LYS L 6 10.65 26.91 24.68
C LYS L 6 9.93 26.05 23.64
N THR L 7 8.63 26.34 23.42
CA THR L 7 7.78 25.54 22.53
C THR L 7 6.92 26.36 21.55
N ILE L 8 6.65 25.78 20.37
CA ILE L 8 5.50 26.14 19.53
C ILE L 8 4.48 25.01 19.59
N VAL L 9 3.21 25.37 19.65
CA VAL L 9 2.09 24.42 19.64
C VAL L 9 1.27 24.61 18.37
N LEU L 10 1.32 23.60 17.49
CA LEU L 10 0.45 23.53 16.30
C LEU L 10 -0.80 22.76 16.73
N SER L 11 -1.85 22.87 15.92
CA SER L 11 -3.19 22.40 16.29
C SER L 11 -3.96 21.96 15.05
N VAL L 12 -4.27 20.67 14.97
CA VAL L 12 -5.05 20.08 13.88
C VAL L 12 -6.25 19.31 14.45
N GLY L 13 -7.46 19.85 14.21
CA GLY L 13 -8.69 19.29 14.75
C GLY L 13 -8.72 19.53 16.25
N GLU L 14 -8.93 18.47 17.02
CA GLU L 14 -8.80 18.49 18.48
C GLU L 14 -7.34 18.34 18.93
N ALA L 15 -6.57 17.52 18.20
CA ALA L 15 -5.20 17.17 18.60
C ALA L 15 -4.23 18.35 18.45
N THR L 16 -3.51 18.64 19.53
CA THR L 16 -2.42 19.61 19.53
C THR L 16 -1.10 18.88 19.34
N ARG L 17 -0.12 19.61 18.80
CA ARG L 17 1.20 19.08 18.50
C ARG L 17 2.20 20.05 19.06
N THR L 18 2.97 19.62 20.05
CA THR L 18 3.83 20.49 20.85
C THR L 18 5.28 20.23 20.44
N LEU L 19 5.84 21.14 19.65
CA LEU L 19 7.26 21.07 19.24
C LEU L 19 8.07 21.85 20.28
N THR L 20 9.23 21.33 20.66
CA THR L 20 10.07 21.87 21.74
C THR L 20 11.50 22.11 21.23
N GLU L 21 12.14 23.21 21.63
CA GLU L 21 13.42 23.63 21.04
C GLU L 21 14.61 22.76 21.48
N ILE L 22 15.56 22.56 20.57
CA ILE L 22 16.75 21.72 20.76
C ILE L 22 18.08 22.48 20.57
N GLN L 23 18.23 23.20 19.45
CA GLN L 23 19.49 23.82 19.06
C GLN L 23 19.31 25.14 18.28
N SER L 24 20.43 25.84 18.10
CA SER L 24 20.46 27.15 17.46
C SER L 24 21.90 27.49 17.11
N THR L 25 22.08 28.59 16.39
CA THR L 25 23.39 29.15 16.05
C THR L 25 23.21 30.65 15.88
N ARG L 28 19.13 30.75 13.42
CA ARG L 28 18.82 29.31 13.43
C ARG L 28 18.08 28.87 14.68
N GLN L 29 17.01 28.09 14.50
CA GLN L 29 16.27 27.46 15.59
C GLN L 29 15.80 26.10 15.09
N ILE L 30 15.92 25.06 15.93
CA ILE L 30 15.32 23.74 15.66
C ILE L 30 14.36 23.40 16.80
N PHE L 31 13.11 23.11 16.46
CA PHE L 31 12.11 22.55 17.37
C PHE L 31 11.84 21.13 16.91
N GLU L 32 11.37 20.30 17.84
CA GLU L 32 11.14 18.88 17.61
C GLU L 32 10.02 18.39 18.51
N GLU L 33 9.08 17.63 17.96
CA GLU L 33 8.00 17.03 18.76
C GLU L 33 8.58 15.81 19.49
N LYS L 34 8.87 15.98 20.78
CA LYS L 34 9.55 14.97 21.60
C LYS L 34 8.58 13.86 22.03
N VAL L 35 8.27 12.97 21.09
CA VAL L 35 7.31 11.87 21.28
C VAL L 35 7.61 10.74 20.29
N GLY L 36 7.49 9.49 20.75
CA GLY L 36 7.69 8.31 19.90
C GLY L 36 9.16 7.90 19.81
N PRO L 37 9.56 7.19 18.73
CA PRO L 37 10.98 6.87 18.53
C PRO L 37 11.91 8.09 18.38
N LEU L 38 13.19 7.90 18.66
CA LEU L 38 14.22 8.96 18.51
C LEU L 38 14.34 9.49 17.07
N VAL L 39 14.09 8.62 16.09
CA VAL L 39 14.15 8.95 14.66
C VAL L 39 12.79 9.39 14.09
N GLY L 40 12.84 10.35 13.16
CA GLY L 40 11.68 10.78 12.39
C GLY L 40 10.59 11.53 13.14
N ARG L 41 11.02 12.42 14.03
CA ARG L 41 10.13 13.19 14.89
C ARG L 41 9.80 14.46 14.13
N LEU L 42 8.58 14.97 14.29
CA LEU L 42 8.14 16.16 13.55
C LEU L 42 9.08 17.30 13.91
N ARG L 43 9.62 17.99 12.91
CA ARG L 43 10.74 18.93 13.08
C ARG L 43 10.47 20.25 12.35
N LEU L 44 10.59 21.36 13.09
CA LEU L 44 10.47 22.72 12.57
C LEU L 44 11.85 23.38 12.63
N THR L 45 12.42 23.71 11.47
CA THR L 45 13.66 24.48 11.41
C THR L 45 13.31 25.90 10.94
N ALA L 46 13.79 26.90 11.66
CA ALA L 46 13.64 28.32 11.29
C ALA L 46 14.99 29.00 11.28
N SER L 47 15.05 30.14 10.63
CA SER L 47 16.30 30.85 10.36
C SER L 47 15.98 32.25 9.85
N LEU L 48 16.83 33.20 10.22
CA LEU L 48 16.62 34.59 9.90
C LEU L 48 17.98 35.19 9.55
N ARG L 49 18.05 35.92 8.44
CA ARG L 49 19.28 36.59 8.00
C ARG L 49 18.95 37.87 7.21
N GLN L 50 19.95 38.72 7.04
CA GLN L 50 19.83 39.90 6.17
C GLN L 50 20.43 39.56 4.81
N ASN L 51 19.93 40.23 3.77
CA ASN L 51 20.57 40.20 2.45
C ASN L 51 21.96 40.88 2.48
N GLY L 52 22.72 40.70 1.41
CA GLY L 52 24.06 41.28 1.26
C GLY L 52 24.11 42.81 1.29
N ALA L 53 23.12 43.45 0.66
CA ALA L 53 22.94 44.90 0.70
C ALA L 53 22.41 45.47 2.04
N LYS L 54 21.92 44.58 2.93
CA LYS L 54 21.32 44.98 4.22
C LYS L 54 20.13 45.95 4.05
N THR L 55 19.31 45.66 3.03
CA THR L 55 18.05 46.38 2.74
C THR L 55 16.79 45.52 2.97
N ALA L 56 16.97 44.23 3.27
CA ALA L 56 15.88 43.29 3.46
C ALA L 56 16.31 42.14 4.37
N TYR L 57 15.31 41.37 4.80
CA TYR L 57 15.52 40.18 5.62
C TYR L 57 14.98 38.96 4.87
N ARG L 58 15.56 37.79 5.16
CA ARG L 58 15.05 36.52 4.67
C ARG L 58 14.78 35.60 5.84
N VAL L 59 13.48 35.35 6.07
CA VAL L 59 13.02 34.35 7.02
C VAL L 59 12.93 33.03 6.25
N ASN L 60 13.60 31.98 6.72
CA ASN L 60 13.29 30.61 6.29
C ASN L 60 12.61 29.89 7.45
N LEU L 61 11.61 29.09 7.13
CA LEU L 61 10.87 28.31 8.11
C LEU L 61 10.50 27.02 7.38
N LYS L 62 10.64 25.88 8.05
CA LYS L 62 10.54 24.56 7.42
C LYS L 62 9.89 23.55 8.33
N LEU L 63 8.89 22.82 7.84
CA LEU L 63 8.28 21.70 8.57
C LEU L 63 8.64 20.35 7.89
N ASP L 64 9.36 19.48 8.59
CA ASP L 64 9.81 18.18 8.10
C ASP L 64 9.05 17.04 8.82
N GLN L 65 8.24 16.30 8.08
CA GLN L 65 7.40 15.22 8.62
C GLN L 65 7.83 13.88 8.01
N ALA L 66 8.54 13.07 8.80
CA ALA L 66 8.93 11.73 8.40
C ALA L 66 7.71 10.84 8.56
N ASP L 67 7.62 9.80 7.73
CA ASP L 67 6.63 8.77 7.90
C ASP L 67 7.30 7.54 8.51
N VAL L 68 7.03 7.33 9.80
CA VAL L 68 7.74 6.35 10.64
C VAL L 68 6.85 5.16 10.97
N VAL L 69 7.40 3.95 10.85
CA VAL L 69 6.78 2.71 11.31
C VAL L 69 7.54 2.23 12.57
N ASP L 70 6.90 2.30 13.73
CA ASP L 70 7.51 1.93 15.01
C ASP L 70 7.53 0.40 15.16
N SER L 71 8.69 -0.21 14.89
CA SER L 71 8.80 -1.66 14.65
C SER L 71 9.51 -2.45 15.78
N GLY L 72 10.46 -1.81 16.46
CA GLY L 72 11.53 -2.52 17.17
C GLY L 72 12.81 -1.87 16.68
N LEU L 73 12.98 -1.87 15.35
CA LEU L 73 13.90 -0.99 14.66
C LEU L 73 13.06 -0.01 13.83
N PRO L 74 12.82 1.23 14.36
CA PRO L 74 11.96 2.18 13.66
C PRO L 74 12.39 2.44 12.22
N LYS L 75 11.41 2.50 11.32
CA LYS L 75 11.66 2.65 9.89
C LYS L 75 11.08 3.97 9.47
N VAL L 76 11.94 4.90 9.05
CA VAL L 76 11.53 6.13 8.40
C VAL L 76 11.33 5.75 6.93
N ARG L 77 10.08 5.68 6.51
CA ARG L 77 9.74 5.27 5.15
C ARG L 77 10.00 6.35 4.09
N TYR L 78 9.80 7.61 4.47
CA TYR L 78 10.01 8.77 3.59
C TYR L 78 9.87 10.00 4.45
N THR L 79 10.28 11.15 3.92
CA THR L 79 10.03 12.43 4.57
C THR L 79 9.42 13.41 3.57
N GLN L 80 8.41 14.16 4.02
CA GLN L 80 7.80 15.21 3.26
C GLN L 80 8.05 16.52 3.99
N VAL L 81 8.35 17.58 3.22
CA VAL L 81 8.80 18.87 3.74
C VAL L 81 7.99 20.00 3.11
N TRP L 82 7.61 20.99 3.91
CA TRP L 82 7.01 22.23 3.43
C TRP L 82 7.85 23.34 4.03
N SER L 83 8.69 23.97 3.19
CA SER L 83 9.45 25.16 3.61
C SER L 83 8.85 26.44 3.08
N HIS L 84 9.24 27.53 3.72
CA HIS L 84 8.74 28.89 3.47
C HIS L 84 9.95 29.79 3.37
N ASP L 85 9.87 30.80 2.52
CA ASP L 85 10.92 31.79 2.31
C ASP L 85 10.26 33.17 2.12
N VAL L 86 10.40 34.02 3.14
CA VAL L 86 9.70 35.28 3.21
C VAL L 86 10.74 36.37 3.10
N THR L 87 10.66 37.16 2.04
CA THR L 87 11.51 38.34 1.83
C THR L 87 10.81 39.59 2.35
N ILE L 88 11.37 40.18 3.40
CA ILE L 88 10.81 41.33 4.09
C ILE L 88 11.78 42.49 3.84
N VAL L 89 11.27 43.62 3.36
CA VAL L 89 12.10 44.79 3.05
C VAL L 89 12.26 45.62 4.32
N ALA L 90 13.50 45.97 4.65
CA ALA L 90 13.88 46.67 5.90
C ALA L 90 13.17 48.01 6.16
N ASN L 91 12.82 48.71 5.08
CA ASN L 91 12.20 50.05 5.14
C ASN L 91 10.69 50.06 4.77
N SER L 92 10.03 48.89 4.87
CA SER L 92 8.61 48.79 4.56
C SER L 92 7.73 49.18 5.76
N THR L 93 6.46 49.44 5.50
CA THR L 93 5.47 49.70 6.55
C THR L 93 5.02 48.38 7.15
N GLU L 94 4.66 48.41 8.44
CA GLU L 94 4.12 47.24 9.14
C GLU L 94 2.83 46.76 8.52
N ALA L 95 2.01 47.70 8.08
CA ALA L 95 0.78 47.44 7.33
C ALA L 95 1.01 46.44 6.22
N SER L 96 2.04 46.71 5.40
CA SER L 96 2.42 45.90 4.22
C SER L 96 2.88 44.48 4.54
N ARG L 97 3.61 44.33 5.65
CA ARG L 97 4.06 43.00 6.12
C ARG L 97 2.90 42.19 6.73
N LYS L 98 2.04 42.86 7.49
CA LYS L 98 0.80 42.23 8.03
C LYS L 98 -0.13 41.81 6.88
N SER L 99 -0.21 42.63 5.83
CA SER L 99 -0.95 42.31 4.61
C SER L 99 -0.42 41.06 3.88
N LEU L 100 0.90 40.97 3.75
CA LEU L 100 1.53 39.80 3.10
C LEU L 100 1.36 38.52 3.94
N TYR L 101 1.48 38.64 5.25
CA TYR L 101 1.17 37.57 6.17
C TYR L 101 -0.29 37.12 6.03
N ASP L 102 -1.21 38.07 6.07
CA ASP L 102 -2.65 37.78 6.02
C ASP L 102 -3.05 37.10 4.72
N LEU L 103 -2.52 37.61 3.61
CA LEU L 103 -2.79 37.05 2.29
C LEU L 103 -2.25 35.64 2.11
N THR L 104 -1.08 35.35 2.68
CA THR L 104 -0.53 33.99 2.69
C THR L 104 -1.26 33.00 3.60
N LYS L 105 -1.70 33.48 4.77
CA LYS L 105 -2.50 32.67 5.68
C LYS L 105 -3.79 32.26 4.94
N SER L 106 -4.40 33.21 4.23
CA SER L 106 -5.56 32.95 3.39
C SER L 106 -5.25 31.96 2.25
N LEU L 107 -4.13 32.19 1.55
CA LEU L 107 -3.65 31.32 0.46
C LEU L 107 -3.55 29.87 0.88
N VAL L 108 -2.85 29.63 1.97
CA VAL L 108 -2.58 28.29 2.48
C VAL L 108 -3.86 27.62 2.98
N ALA L 109 -4.74 28.38 3.62
CA ALA L 109 -6.05 27.89 4.05
C ALA L 109 -7.01 27.51 2.93
N THR L 110 -6.75 27.92 1.69
CA THR L 110 -7.70 27.68 0.61
C THR L 110 -7.80 26.20 0.28
N SER L 111 -8.98 25.80 -0.18
CA SER L 111 -9.19 24.47 -0.72
C SER L 111 -8.34 24.20 -1.97
N GLN L 112 -8.00 25.24 -2.74
CA GLN L 112 -7.21 25.09 -3.95
C GLN L 112 -5.79 24.65 -3.63
N VAL L 113 -5.18 25.27 -2.61
CA VAL L 113 -3.83 24.91 -2.16
C VAL L 113 -3.81 23.51 -1.53
N GLU L 114 -4.89 23.16 -0.80
CA GLU L 114 -5.04 21.81 -0.27
C GLU L 114 -5.10 20.78 -1.40
N ASP L 115 -5.95 21.06 -2.37
CA ASP L 115 -6.08 20.18 -3.54
C ASP L 115 -4.76 20.05 -4.34
N LEU L 116 -3.96 21.10 -4.37
CA LEU L 116 -2.65 21.08 -5.03
C LEU L 116 -1.63 20.23 -4.26
N VAL L 117 -1.45 20.50 -2.98
CA VAL L 117 -0.45 19.77 -2.18
C VAL L 117 -0.84 18.31 -1.93
N VAL L 118 -2.11 18.06 -1.68
CA VAL L 118 -2.59 16.71 -1.42
C VAL L 118 -2.86 15.90 -2.73
N ASN L 119 -3.48 16.51 -3.73
CA ASN L 119 -3.89 15.79 -4.96
C ASN L 119 -3.16 16.19 -6.25
N LEU L 120 -2.17 17.08 -6.15
CA LEU L 120 -1.45 17.61 -7.33
C LEU L 120 -2.37 18.24 -8.40
N VAL L 121 -3.50 18.82 -7.96
CA VAL L 121 -4.46 19.44 -8.84
C VAL L 121 -4.11 20.93 -8.99
N PRO L 122 -3.97 21.44 -10.23
CA PRO L 122 -3.53 22.84 -10.35
C PRO L 122 -4.57 23.86 -9.87
N LEU L 123 -4.08 25.01 -9.45
CA LEU L 123 -4.89 26.15 -9.02
C LEU L 123 -5.71 26.71 -10.15
N GLY L 124 -6.70 27.53 -9.77
CA GLY L 124 -7.64 28.15 -10.69
C GLY L 124 -8.97 27.41 -10.76
N ARG L 125 -10.04 28.05 -10.28
CA ARG L 125 -11.41 27.54 -10.38
C ARG L 125 -12.33 28.60 -10.99
N SER M 3 58.67 -3.29 8.12
CA SER M 3 59.43 -2.60 7.05
C SER M 3 58.53 -1.77 6.10
N MET M 4 57.35 -2.32 5.76
CA MET M 4 56.41 -1.71 4.80
C MET M 4 55.02 -1.54 5.44
N SER M 5 54.44 -0.33 5.28
CA SER M 5 53.06 -0.09 5.74
C SER M 5 52.09 -0.90 4.89
N LYS M 6 51.10 -1.50 5.53
CA LYS M 6 50.12 -2.36 4.88
C LYS M 6 48.75 -1.73 5.02
N THR M 7 48.04 -1.61 3.90
CA THR M 7 46.68 -1.06 3.90
C THR M 7 45.68 -1.96 3.18
N ILE M 8 44.41 -1.83 3.58
CA ILE M 8 43.27 -2.31 2.79
C ILE M 8 42.35 -1.10 2.53
N VAL M 9 41.92 -0.94 1.27
CA VAL M 9 41.16 0.24 0.83
C VAL M 9 39.76 -0.17 0.44
N LEU M 10 38.76 0.39 1.13
CA LEU M 10 37.35 0.18 0.86
C LEU M 10 36.82 1.42 0.13
N SER M 11 36.12 1.22 -0.98
CA SER M 11 35.54 2.31 -1.74
C SER M 11 34.03 2.14 -1.77
N VAL M 12 33.31 3.21 -1.42
CA VAL M 12 31.85 3.28 -1.47
C VAL M 12 31.44 4.47 -2.38
N GLY M 13 31.09 4.17 -3.62
CA GLY M 13 30.87 5.20 -4.64
C GLY M 13 32.21 5.81 -5.05
N GLU M 14 32.25 7.13 -5.24
CA GLU M 14 33.52 7.83 -5.50
C GLU M 14 34.38 7.94 -4.22
N ALA M 15 33.76 7.85 -3.04
CA ALA M 15 34.49 7.88 -1.76
C ALA M 15 35.43 6.68 -1.57
N THR M 16 36.51 6.91 -0.84
CA THR M 16 37.49 5.88 -0.48
C THR M 16 37.74 5.94 1.02
N ARG M 17 37.96 4.80 1.65
CA ARG M 17 38.34 4.72 3.05
C ARG M 17 39.52 3.77 3.19
N THR M 18 40.61 4.24 3.81
CA THR M 18 41.86 3.50 3.92
C THR M 18 42.14 3.04 5.35
N LEU M 19 42.21 1.71 5.54
CA LEU M 19 42.52 1.08 6.83
C LEU M 19 44.01 0.70 6.86
N THR M 20 44.74 1.21 7.86
CA THR M 20 46.17 1.08 8.01
C THR M 20 46.47 0.09 9.12
N GLU M 21 47.39 -0.85 8.87
CA GLU M 21 47.73 -1.90 9.84
C GLU M 21 48.48 -1.31 11.03
N ILE M 22 47.91 -1.48 12.22
CA ILE M 22 48.48 -1.00 13.48
C ILE M 22 48.99 -2.11 14.41
N GLN M 23 48.77 -3.37 14.06
CA GLN M 23 49.23 -4.50 14.86
C GLN M 23 49.23 -5.74 13.97
N SER M 24 50.22 -6.60 14.14
CA SER M 24 50.43 -7.76 13.26
C SER M 24 51.25 -8.84 13.97
N THR M 25 50.52 -9.77 14.61
CA THR M 25 51.11 -11.02 15.13
C THR M 25 51.17 -11.98 13.94
N ALA M 26 51.59 -13.23 14.17
CA ALA M 26 51.60 -14.25 13.13
C ALA M 26 50.18 -14.61 12.66
N ASP M 27 49.30 -14.82 13.63
CA ASP M 27 47.92 -15.26 13.40
C ASP M 27 46.87 -14.11 13.27
N ARG M 28 47.02 -13.02 14.03
CA ARG M 28 46.06 -11.89 14.07
C ARG M 28 46.64 -10.57 13.52
N GLN M 29 45.77 -9.74 12.94
CA GLN M 29 46.09 -8.38 12.48
C GLN M 29 44.97 -7.38 12.87
N ILE M 30 45.35 -6.11 13.03
CA ILE M 30 44.42 -5.02 13.32
C ILE M 30 44.73 -3.82 12.43
N PHE M 31 43.73 -3.40 11.68
CA PHE M 31 43.81 -2.27 10.79
C PHE M 31 42.90 -1.18 11.34
N GLU M 32 43.25 0.08 11.09
CA GLU M 32 42.47 1.19 11.57
C GLU M 32 42.50 2.33 10.56
N GLU M 33 41.43 3.11 10.53
CA GLU M 33 41.36 4.25 9.64
C GLU M 33 41.94 5.44 10.41
N LYS M 34 43.13 5.88 10.01
CA LYS M 34 43.89 6.92 10.72
C LYS M 34 43.55 8.34 10.28
N VAL M 35 42.27 8.68 10.42
CA VAL M 35 41.75 9.98 10.06
C VAL M 35 40.64 10.36 11.05
N GLY M 36 40.51 11.66 11.32
CA GLY M 36 39.39 12.22 12.06
C GLY M 36 39.70 12.39 13.53
N PRO M 37 38.66 12.45 14.38
CA PRO M 37 38.87 12.35 15.81
C PRO M 37 39.58 11.08 16.24
N LEU M 38 40.41 11.17 17.27
CA LEU M 38 41.11 9.99 17.80
C LEU M 38 40.20 8.86 18.28
N VAL M 39 39.02 9.23 18.77
CA VAL M 39 38.09 8.27 19.35
C VAL M 39 37.13 7.73 18.25
N GLY M 40 36.88 6.43 18.30
CA GLY M 40 35.84 5.81 17.46
C GLY M 40 36.18 5.66 16.00
N ARG M 41 37.45 5.39 15.72
CA ARG M 41 37.92 5.23 14.37
C ARG M 41 37.54 3.85 13.88
N LEU M 42 37.19 3.75 12.60
CA LEU M 42 36.79 2.50 11.99
C LEU M 42 37.96 1.52 12.07
N ARG M 43 37.66 0.29 12.47
CA ARG M 43 38.64 -0.71 12.83
C ARG M 43 38.26 -2.03 12.15
N LEU M 44 39.27 -2.77 11.71
CA LEU M 44 39.11 -4.08 11.11
C LEU M 44 40.12 -5.01 11.74
N THR M 45 39.63 -6.09 12.35
CA THR M 45 40.45 -7.11 12.97
C THR M 45 40.31 -8.36 12.11
N ALA M 46 41.44 -8.98 11.78
CA ALA M 46 41.50 -10.17 10.94
C ALA M 46 42.36 -11.22 11.63
N SER M 47 42.01 -12.49 11.44
CA SER M 47 42.76 -13.58 11.98
C SER M 47 42.68 -14.79 11.04
N LEU M 48 43.57 -15.76 11.25
CA LEU M 48 43.70 -16.92 10.38
C LEU M 48 44.40 -17.95 11.23
N ARG M 49 43.70 -19.04 11.53
CA ARG M 49 44.19 -20.06 12.44
C ARG M 49 43.90 -21.42 11.86
N GLN M 50 44.83 -22.35 12.07
CA GLN M 50 44.66 -23.73 11.67
C GLN M 50 44.10 -24.52 12.86
N ASN M 51 43.32 -25.57 12.61
CA ASN M 51 42.87 -26.47 13.70
C ASN M 51 43.99 -27.41 14.15
N GLY M 52 43.83 -28.01 15.33
CA GLY M 52 44.86 -28.88 15.92
C GLY M 52 45.27 -30.07 15.04
N ALA M 53 44.28 -30.68 14.41
CA ALA M 53 44.49 -31.75 13.44
C ALA M 53 45.15 -31.33 12.11
N LYS M 54 45.14 -30.03 11.79
CA LYS M 54 45.71 -29.44 10.56
C LYS M 54 44.94 -29.78 9.27
N THR M 55 43.64 -30.06 9.44
CA THR M 55 42.72 -30.41 8.37
C THR M 55 41.82 -29.24 7.93
N ALA M 56 41.76 -28.14 8.71
CA ALA M 56 40.95 -26.97 8.37
C ALA M 56 41.51 -25.69 8.97
N TYR M 57 41.12 -24.56 8.36
CA TYR M 57 41.52 -23.22 8.75
C TYR M 57 40.31 -22.34 9.02
N ARG M 58 40.46 -21.40 9.95
CA ARG M 58 39.42 -20.45 10.31
C ARG M 58 39.86 -18.99 10.14
N VAL M 59 39.25 -18.33 9.16
CA VAL M 59 39.39 -16.89 8.93
C VAL M 59 38.30 -16.19 9.72
N ASN M 60 38.68 -15.11 10.43
CA ASN M 60 37.75 -14.27 11.17
C ASN M 60 38.05 -12.86 10.75
N LEU M 61 37.04 -12.12 10.30
CA LEU M 61 37.14 -10.67 10.05
C LEU M 61 36.10 -9.97 10.92
N LYS M 62 36.44 -8.82 11.48
CA LYS M 62 35.53 -8.06 12.32
C LYS M 62 35.65 -6.58 11.98
N LEU M 63 34.62 -6.01 11.35
CA LEU M 63 34.56 -4.58 11.10
C LEU M 63 33.72 -3.89 12.17
N ASP M 64 34.35 -3.03 12.99
CA ASP M 64 33.71 -2.20 14.02
C ASP M 64 33.54 -0.77 13.55
N GLN M 65 32.30 -0.28 13.54
CA GLN M 65 31.98 1.11 13.21
C GLN M 65 31.36 1.84 14.39
N ALA M 66 32.12 2.79 14.97
CA ALA M 66 31.63 3.60 16.07
C ALA M 66 30.83 4.80 15.56
N ASP M 67 29.94 5.30 16.43
CA ASP M 67 29.23 6.54 16.19
C ASP M 67 29.70 7.53 17.24
N VAL M 68 30.36 8.59 16.78
CA VAL M 68 31.00 9.59 17.62
C VAL M 68 30.15 10.86 17.60
N VAL M 69 29.81 11.39 18.78
CA VAL M 69 29.14 12.70 18.91
C VAL M 69 30.01 13.65 19.75
N ASP M 70 30.03 14.93 19.34
CA ASP M 70 30.94 15.94 19.89
C ASP M 70 30.13 17.12 20.44
N SER M 71 29.66 16.97 21.68
CA SER M 71 29.10 18.08 22.46
C SER M 71 30.19 18.90 23.21
N GLY M 72 31.46 18.59 22.99
CA GLY M 72 32.59 19.34 23.54
C GLY M 72 33.87 18.53 23.33
N LEU M 73 33.90 17.37 23.97
CA LEU M 73 34.96 16.38 23.83
C LEU M 73 34.35 15.15 23.17
N PRO M 74 34.93 14.63 22.06
CA PRO M 74 34.32 13.47 21.40
C PRO M 74 34.11 12.21 22.26
N LYS M 75 33.06 11.47 21.95
CA LYS M 75 32.55 10.40 22.81
C LYS M 75 31.88 9.41 21.88
N VAL M 76 32.22 8.12 22.02
CA VAL M 76 31.55 7.07 21.27
C VAL M 76 30.17 6.87 21.91
N ARG M 77 29.14 7.03 21.07
CA ARG M 77 27.75 6.93 21.48
C ARG M 77 27.33 5.46 21.44
N TYR M 78 27.60 4.79 20.31
CA TYR M 78 27.41 3.35 20.16
C TYR M 78 28.41 2.79 19.13
N THR M 79 28.50 1.47 19.07
CA THR M 79 29.29 0.74 18.09
C THR M 79 28.45 -0.39 17.47
N GLN M 80 28.40 -0.47 16.15
CA GLN M 80 27.84 -1.59 15.41
C GLN M 80 28.96 -2.40 14.73
N VAL M 81 28.75 -3.70 14.58
CA VAL M 81 29.79 -4.65 14.17
C VAL M 81 29.24 -5.63 13.12
N TRP M 82 30.07 -5.96 12.14
CA TRP M 82 29.80 -7.04 11.21
C TRP M 82 31.05 -7.91 11.14
N SER M 83 30.96 -9.09 11.74
CA SER M 83 32.03 -10.07 11.73
C SER M 83 31.73 -11.23 10.82
N HIS M 84 32.78 -11.95 10.44
CA HIS M 84 32.72 -13.07 9.49
C HIS M 84 33.49 -14.25 10.04
N ASP M 85 33.05 -15.46 9.72
CA ASP M 85 33.74 -16.69 10.13
C ASP M 85 33.72 -17.71 8.99
N VAL M 86 34.89 -17.93 8.37
CA VAL M 86 35.02 -18.80 7.22
C VAL M 86 35.79 -20.08 7.58
N THR M 87 35.18 -21.24 7.33
CA THR M 87 35.81 -22.55 7.49
C THR M 87 36.29 -23.00 6.11
N ILE M 88 37.61 -23.13 5.98
CA ILE M 88 38.29 -23.57 4.78
C ILE M 88 38.93 -24.91 5.13
N VAL M 89 38.62 -25.95 4.36
CA VAL M 89 39.15 -27.30 4.59
C VAL M 89 40.47 -27.43 3.81
N ALA M 90 41.47 -28.08 4.42
CA ALA M 90 42.86 -28.05 3.95
C ALA M 90 43.03 -28.70 2.59
N ASN M 91 42.39 -29.84 2.39
CA ASN M 91 42.43 -30.58 1.11
C ASN M 91 41.28 -30.24 0.13
N SER M 92 40.66 -29.08 0.30
CA SER M 92 39.55 -28.63 -0.55
C SER M 92 40.02 -28.29 -1.92
N THR M 93 39.08 -28.22 -2.86
CA THR M 93 39.37 -27.76 -4.20
C THR M 93 39.35 -26.22 -4.22
N GLU M 94 40.11 -25.65 -5.16
CA GLU M 94 40.18 -24.20 -5.37
C GLU M 94 38.85 -23.67 -5.84
N ALA M 95 38.22 -24.41 -6.76
CA ALA M 95 36.86 -24.13 -7.23
C ALA M 95 35.84 -24.03 -6.09
N SER M 96 35.91 -24.93 -5.10
CA SER M 96 34.99 -24.91 -3.95
C SER M 96 35.19 -23.70 -3.03
N ARG M 97 36.44 -23.32 -2.78
CA ARG M 97 36.76 -22.09 -2.03
C ARG M 97 36.37 -20.84 -2.80
N LYS M 98 36.65 -20.83 -4.10
CA LYS M 98 36.22 -19.75 -5.00
C LYS M 98 34.68 -19.64 -5.06
N SER M 99 34.00 -20.79 -5.08
CA SER M 99 32.54 -20.85 -5.05
C SER M 99 31.96 -20.25 -3.75
N LEU M 100 32.53 -20.63 -2.62
CA LEU M 100 32.16 -20.07 -1.30
C LEU M 100 32.31 -18.55 -1.26
N TYR M 101 33.43 -18.07 -1.78
CA TYR M 101 33.73 -16.64 -1.85
C TYR M 101 32.72 -15.92 -2.76
N ASP M 102 32.54 -16.43 -3.99
CA ASP M 102 31.63 -15.81 -4.99
C ASP M 102 30.16 -15.79 -4.56
N LEU M 103 29.72 -16.83 -3.86
CA LEU M 103 28.34 -16.91 -3.38
C LEU M 103 28.10 -16.00 -2.18
N THR M 104 29.11 -15.87 -1.32
CA THR M 104 29.06 -14.92 -0.22
C THR M 104 29.09 -13.47 -0.73
N LYS M 105 29.96 -13.22 -1.70
CA LYS M 105 30.04 -11.91 -2.35
C LYS M 105 28.69 -11.53 -2.95
N SER M 106 28.07 -12.48 -3.65
CA SER M 106 26.72 -12.32 -4.18
C SER M 106 25.62 -12.14 -3.09
N LEU M 107 25.71 -12.91 -2.01
CA LEU M 107 24.75 -12.82 -0.89
C LEU M 107 24.75 -11.42 -0.26
N VAL M 108 25.92 -10.97 0.16
CA VAL M 108 26.08 -9.66 0.79
C VAL M 108 25.61 -8.51 -0.11
N ALA M 109 25.86 -8.61 -1.42
CA ALA M 109 25.42 -7.61 -2.40
C ALA M 109 23.91 -7.52 -2.66
N THR M 110 23.12 -8.53 -2.28
CA THR M 110 21.66 -8.53 -2.52
C THR M 110 20.95 -7.47 -1.72
N SER M 111 19.93 -6.89 -2.35
CA SER M 111 19.05 -5.94 -1.69
C SER M 111 18.22 -6.61 -0.56
N GLN M 112 18.02 -7.92 -0.62
CA GLN M 112 17.50 -8.68 0.52
C GLN M 112 18.37 -8.62 1.77
N VAL M 113 19.68 -8.78 1.60
CA VAL M 113 20.63 -8.67 2.71
C VAL M 113 20.78 -7.21 3.18
N GLU M 114 20.83 -6.27 2.25
CA GLU M 114 20.78 -4.84 2.61
C GLU M 114 19.57 -4.48 3.48
N ASP M 115 18.41 -4.94 3.04
CA ASP M 115 17.12 -4.72 3.72
C ASP M 115 17.11 -5.36 5.13
N LEU M 116 17.72 -6.53 5.27
CA LEU M 116 17.87 -7.22 6.55
C LEU M 116 18.72 -6.46 7.54
N VAL M 117 19.88 -6.02 7.09
CA VAL M 117 20.84 -5.34 7.97
C VAL M 117 20.40 -3.93 8.27
N VAL M 118 20.07 -3.19 7.22
CA VAL M 118 19.65 -1.79 7.36
C VAL M 118 18.27 -1.68 8.01
N ASN M 119 17.31 -2.54 7.65
CA ASN M 119 15.92 -2.38 8.11
C ASN M 119 15.31 -3.52 8.97
N LEU M 120 16.00 -4.65 9.10
CA LEU M 120 15.52 -5.86 9.81
C LEU M 120 14.32 -6.56 9.17
N VAL M 121 14.20 -6.39 7.86
CA VAL M 121 13.23 -7.12 7.08
C VAL M 121 13.81 -8.53 6.85
N PRO M 122 13.03 -9.60 7.16
CA PRO M 122 13.48 -10.97 6.88
C PRO M 122 13.79 -11.28 5.41
N LEU M 123 14.66 -12.25 5.17
CA LEU M 123 14.96 -12.72 3.81
C LEU M 123 13.78 -13.52 3.23
N GLY M 124 13.81 -13.69 1.92
CA GLY M 124 12.79 -14.41 1.15
C GLY M 124 11.82 -13.48 0.45
N ARG M 125 11.69 -13.63 -0.87
CA ARG M 125 10.77 -12.83 -1.70
C ARG M 125 9.97 -13.70 -2.67
N SER N 3 3.31 -17.11 -5.83
CA SER N 3 3.01 -16.65 -4.45
C SER N 3 3.87 -17.40 -3.43
N MET N 4 3.60 -18.70 -3.31
CA MET N 4 3.93 -19.48 -2.10
C MET N 4 5.41 -19.48 -1.65
N SER N 5 6.28 -20.20 -2.37
CA SER N 5 7.65 -20.43 -1.93
C SER N 5 8.53 -19.18 -2.04
N LYS N 6 9.26 -18.85 -0.95
CA LYS N 6 10.10 -17.66 -0.87
C LYS N 6 11.56 -17.99 -1.28
N THR N 7 12.20 -17.07 -2.00
CA THR N 7 13.53 -17.29 -2.56
C THR N 7 14.49 -16.12 -2.33
N ILE N 8 15.78 -16.44 -2.39
CA ILE N 8 16.85 -15.47 -2.56
C ILE N 8 17.72 -16.03 -3.70
N VAL N 9 17.91 -15.19 -4.74
CA VAL N 9 18.63 -15.55 -5.96
C VAL N 9 20.01 -14.84 -5.97
N LEU N 10 21.08 -15.64 -5.99
CA LEU N 10 22.43 -15.16 -6.04
C LEU N 10 22.93 -15.19 -7.50
N SER N 11 23.42 -14.05 -7.98
CA SER N 11 24.01 -13.92 -9.32
C SER N 11 25.53 -14.01 -9.20
N VAL N 12 26.09 -15.18 -9.54
CA VAL N 12 27.54 -15.40 -9.64
C VAL N 12 27.94 -15.26 -11.11
N GLY N 13 28.46 -14.09 -11.49
CA GLY N 13 28.79 -13.80 -12.89
C GLY N 13 27.52 -13.68 -13.70
N GLU N 14 27.27 -14.68 -14.55
CA GLU N 14 26.00 -14.82 -15.29
C GLU N 14 25.36 -16.20 -15.10
N ALA N 15 25.71 -16.89 -14.01
CA ALA N 15 24.92 -18.00 -13.48
C ALA N 15 24.02 -17.39 -12.42
N THR N 16 22.82 -17.95 -12.23
CA THR N 16 22.00 -17.64 -11.07
C THR N 16 21.84 -18.92 -10.26
N ARG N 17 21.85 -18.78 -8.94
CA ARG N 17 21.61 -19.88 -8.01
C ARG N 17 20.42 -19.44 -7.15
N THR N 18 19.32 -20.19 -7.19
CA THR N 18 18.12 -19.91 -6.37
C THR N 18 18.11 -20.78 -5.08
N LEU N 19 17.99 -20.15 -3.92
CA LEU N 19 17.77 -20.88 -2.65
C LEU N 19 16.30 -20.71 -2.24
N THR N 20 15.62 -21.81 -1.92
CA THR N 20 14.19 -21.80 -1.61
C THR N 20 13.98 -22.06 -0.13
N GLU N 21 13.16 -21.24 0.50
CA GLU N 21 12.86 -21.36 1.93
C GLU N 21 12.22 -22.72 2.19
N ILE N 22 12.97 -23.59 2.87
CA ILE N 22 12.49 -24.92 3.30
C ILE N 22 12.06 -24.92 4.78
N GLN N 23 12.24 -23.80 5.48
CA GLN N 23 11.85 -23.66 6.87
C GLN N 23 11.79 -22.18 7.23
N SER N 24 10.82 -21.80 8.06
CA SER N 24 10.65 -20.42 8.54
C SER N 24 9.92 -20.41 9.87
N THR N 25 10.67 -20.73 10.92
CA THR N 25 10.16 -20.73 12.29
C THR N 25 10.47 -19.37 12.96
N ALA N 26 10.22 -19.27 14.27
CA ALA N 26 10.47 -18.07 15.06
C ALA N 26 11.96 -17.70 15.17
N ASP N 27 12.82 -18.71 15.31
CA ASP N 27 14.27 -18.47 15.54
C ASP N 27 14.91 -18.22 14.18
N ARG N 28 14.90 -19.25 13.35
CA ARG N 28 15.61 -19.26 12.08
C ARG N 28 14.76 -19.49 10.83
N GLN N 29 15.32 -19.03 9.71
CA GLN N 29 14.93 -19.42 8.36
C GLN N 29 16.03 -20.34 7.82
N ILE N 30 15.66 -21.31 7.00
CA ILE N 30 16.62 -22.13 6.30
C ILE N 30 16.19 -22.10 4.83
N PHE N 31 17.15 -21.78 3.96
CA PHE N 31 16.97 -21.73 2.51
C PHE N 31 17.92 -22.77 1.94
N GLU N 32 17.54 -23.41 0.85
CA GLU N 32 18.30 -24.52 0.31
C GLU N 32 18.09 -24.52 -1.19
N GLU N 33 19.17 -24.67 -1.96
CA GLU N 33 19.06 -24.84 -3.41
C GLU N 33 18.59 -26.25 -3.68
N LYS N 34 17.35 -26.38 -4.16
CA LYS N 34 16.70 -27.68 -4.35
C LYS N 34 17.04 -28.24 -5.72
N VAL N 35 18.30 -28.61 -5.90
CA VAL N 35 18.82 -29.15 -7.14
C VAL N 35 19.74 -30.31 -6.77
N GLY N 36 19.65 -31.39 -7.54
CA GLY N 36 20.56 -32.52 -7.41
C GLY N 36 20.05 -33.47 -6.33
N PRO N 37 20.95 -34.29 -5.74
CA PRO N 37 20.50 -35.13 -4.63
C PRO N 37 20.23 -34.29 -3.36
N LEU N 38 19.54 -34.89 -2.39
CA LEU N 38 19.11 -34.17 -1.19
C LEU N 38 20.25 -33.83 -0.24
N VAL N 39 21.23 -34.72 -0.11
CA VAL N 39 22.41 -34.44 0.71
C VAL N 39 23.36 -33.48 -0.02
N GLY N 40 23.95 -32.58 0.76
CA GLY N 40 24.95 -31.66 0.27
C GLY N 40 24.45 -30.55 -0.63
N ARG N 41 23.17 -30.20 -0.48
CA ARG N 41 22.59 -29.04 -1.16
C ARG N 41 23.06 -27.77 -0.45
N LEU N 42 23.25 -26.70 -1.23
CA LEU N 42 23.71 -25.43 -0.69
C LEU N 42 22.63 -24.92 0.24
N ARG N 43 23.02 -24.44 1.42
CA ARG N 43 22.12 -24.07 2.49
C ARG N 43 22.44 -22.70 3.10
N LEU N 44 21.47 -21.79 3.11
CA LEU N 44 21.55 -20.50 3.80
C LEU N 44 20.64 -20.51 5.03
N THR N 45 21.24 -20.33 6.21
CA THR N 45 20.53 -20.19 7.49
C THR N 45 20.60 -18.74 7.93
N ALA N 46 19.50 -18.22 8.45
CA ALA N 46 19.39 -16.82 8.91
C ALA N 46 18.70 -16.86 10.25
N SER N 47 19.17 -16.07 11.21
CA SER N 47 18.46 -15.89 12.48
C SER N 47 18.60 -14.48 13.03
N LEU N 48 17.67 -14.16 13.93
CA LEU N 48 17.59 -12.88 14.59
C LEU N 48 17.40 -13.13 16.07
N ARG N 49 18.09 -12.37 16.89
CA ARG N 49 17.83 -12.38 18.31
C ARG N 49 18.04 -10.96 18.80
N GLN N 50 17.55 -10.70 20.00
CA GLN N 50 17.56 -9.38 20.60
C GLN N 50 18.51 -9.43 21.78
N ASN N 51 18.83 -8.24 22.31
CA ASN N 51 19.74 -8.10 23.45
C ASN N 51 19.02 -8.48 24.73
N GLY N 52 19.79 -8.71 25.80
CA GLY N 52 19.24 -8.79 27.16
C GLY N 52 18.53 -7.50 27.53
N ALA N 53 19.24 -6.38 27.34
CA ALA N 53 18.69 -5.01 27.50
C ALA N 53 17.57 -4.57 26.55
N LYS N 54 17.37 -5.31 25.45
CA LYS N 54 16.53 -4.89 24.30
C LYS N 54 17.03 -3.60 23.65
N THR N 55 18.36 -3.43 23.58
CA THR N 55 19.02 -2.27 22.97
C THR N 55 19.70 -2.56 21.61
N ALA N 56 19.74 -3.83 21.20
CA ALA N 56 20.48 -4.24 20.03
C ALA N 56 20.03 -5.60 19.52
N TYR N 57 19.99 -5.74 18.19
CA TYR N 57 19.67 -7.00 17.52
C TYR N 57 20.94 -7.69 17.09
N ARG N 58 20.87 -9.01 16.95
CA ARG N 58 21.98 -9.81 16.48
C ARG N 58 21.52 -10.67 15.32
N VAL N 59 21.97 -10.30 14.11
CA VAL N 59 21.65 -11.00 12.87
C VAL N 59 22.75 -12.04 12.59
N ASN N 60 22.37 -13.28 12.31
CA ASN N 60 23.32 -14.34 11.96
C ASN N 60 22.94 -14.85 10.59
N LEU N 61 23.92 -14.99 9.70
CA LEU N 61 23.72 -15.59 8.37
C LEU N 61 24.79 -16.64 8.22
N LYS N 62 24.47 -17.76 7.59
CA LYS N 62 25.42 -18.86 7.48
C LYS N 62 25.20 -19.50 6.14
N LEU N 63 26.25 -19.60 5.32
CA LEU N 63 26.22 -20.31 4.03
C LEU N 63 27.04 -21.57 4.22
N ASP N 64 26.41 -22.73 4.10
CA ASP N 64 27.05 -24.05 4.25
C ASP N 64 27.15 -24.60 2.87
N GLN N 65 28.38 -24.88 2.42
CA GLN N 65 28.62 -25.50 1.11
C GLN N 65 29.29 -26.85 1.30
N ALA N 66 28.57 -27.93 1.02
CA ALA N 66 29.13 -29.28 1.07
C ALA N 66 29.76 -29.57 -0.27
N ASP N 67 30.83 -30.35 -0.24
CA ASP N 67 31.40 -30.95 -1.45
C ASP N 67 30.96 -32.40 -1.59
N VAL N 68 30.22 -32.71 -2.65
CA VAL N 68 29.59 -34.02 -2.86
C VAL N 68 30.10 -34.65 -4.13
N VAL N 69 30.32 -35.96 -4.09
CA VAL N 69 31.01 -36.69 -5.16
C VAL N 69 30.14 -37.83 -5.67
N SER N 71 27.77 -39.36 -8.11
CA SER N 71 28.73 -40.29 -8.69
C SER N 71 28.86 -41.55 -7.83
N GLY N 72 28.40 -42.68 -8.37
CA GLY N 72 28.35 -43.94 -7.63
C GLY N 72 27.24 -43.89 -6.58
N LEU N 73 27.59 -43.36 -5.41
CA LEU N 73 26.63 -43.07 -4.34
C LEU N 73 26.98 -41.68 -3.80
N PRO N 74 25.98 -40.77 -3.66
CA PRO N 74 26.30 -39.38 -3.26
C PRO N 74 26.73 -39.26 -1.78
N LYS N 75 27.95 -38.76 -1.57
CA LYS N 75 28.57 -38.69 -0.24
C LYS N 75 29.26 -37.34 -0.05
N VAL N 76 28.91 -36.64 1.03
CA VAL N 76 29.59 -35.39 1.40
C VAL N 76 30.95 -35.73 2.04
N ARG N 77 32.01 -35.34 1.36
CA ARG N 77 33.39 -35.60 1.80
C ARG N 77 33.99 -34.45 2.62
N TYR N 78 33.56 -33.22 2.35
CA TYR N 78 33.82 -32.09 3.26
C TYR N 78 32.77 -31.02 3.06
N THR N 79 32.70 -30.11 4.05
CA THR N 79 31.81 -28.95 4.00
C THR N 79 32.57 -27.70 4.43
N GLN N 80 32.34 -26.59 3.75
CA GLN N 80 32.95 -25.30 4.06
C GLN N 80 31.82 -24.32 4.37
N VAL N 81 32.08 -23.39 5.29
CA VAL N 81 31.07 -22.47 5.77
C VAL N 81 31.58 -21.05 5.84
N TRP N 82 30.72 -20.10 5.50
CA TRP N 82 30.98 -18.67 5.74
C TRP N 82 29.74 -18.10 6.43
N SER N 83 29.92 -17.75 7.71
CA SER N 83 28.91 -17.16 8.53
C SER N 83 29.18 -15.70 8.86
N HIS N 84 28.10 -14.96 9.05
CA HIS N 84 28.13 -13.54 9.37
C HIS N 84 27.45 -13.35 10.71
N ASP N 85 27.90 -12.33 11.44
CA ASP N 85 27.33 -11.99 12.71
C ASP N 85 27.33 -10.48 12.82
N VAL N 86 26.15 -9.89 12.66
CA VAL N 86 25.94 -8.45 12.63
C VAL N 86 25.26 -7.93 13.92
N THR N 87 25.93 -6.99 14.61
CA THR N 87 25.40 -6.28 15.78
C THR N 87 24.84 -4.94 15.35
N ILE N 88 23.51 -4.80 15.44
CA ILE N 88 22.78 -3.59 15.07
C ILE N 88 22.15 -2.96 16.30
N VAL N 89 22.48 -1.70 16.58
CA VAL N 89 22.01 -1.00 17.78
C VAL N 89 20.64 -0.38 17.45
N ALA N 90 19.67 -0.56 18.33
CA ALA N 90 18.24 -0.25 18.06
C ALA N 90 17.95 1.22 17.87
N ASN N 91 18.60 2.07 18.66
CA ASN N 91 18.45 3.52 18.52
C ASN N 91 19.46 4.21 17.54
N SER N 92 20.14 3.43 16.69
CA SER N 92 21.06 3.97 15.69
C SER N 92 20.32 4.64 14.52
N THR N 93 21.08 5.31 13.66
CA THR N 93 20.55 5.88 12.42
C THR N 93 20.56 4.82 11.32
N GLU N 94 19.69 4.98 10.34
CA GLU N 94 19.69 4.16 9.12
C GLU N 94 20.98 4.38 8.34
N ALA N 95 21.47 5.64 8.33
CA ALA N 95 22.73 6.00 7.68
C ALA N 95 23.91 5.21 8.21
N SER N 96 24.01 5.10 9.54
CA SER N 96 25.05 4.28 10.19
C SER N 96 25.03 2.79 9.79
N ARG N 97 23.82 2.24 9.69
CA ARG N 97 23.63 0.86 9.31
C ARG N 97 23.91 0.65 7.84
N LYS N 98 23.44 1.57 7.02
CA LYS N 98 23.72 1.59 5.58
C LYS N 98 25.24 1.66 5.33
N SER N 99 25.94 2.49 6.10
CA SER N 99 27.40 2.61 6.03
C SER N 99 28.14 1.30 6.38
N LEU N 100 27.72 0.62 7.44
CA LEU N 100 28.31 -0.68 7.83
C LEU N 100 28.11 -1.73 6.75
N TYR N 101 26.90 -1.77 6.23
CA TYR N 101 26.53 -2.62 5.11
C TYR N 101 27.40 -2.30 3.88
N ASP N 102 27.42 -1.04 3.48
CA ASP N 102 28.22 -0.59 2.31
C ASP N 102 29.70 -0.91 2.46
N LEU N 103 30.24 -0.77 3.67
CA LEU N 103 31.66 -1.06 3.95
C LEU N 103 31.99 -2.54 3.97
N THR N 104 31.06 -3.35 4.48
CA THR N 104 31.18 -4.80 4.42
C THR N 104 31.08 -5.36 2.99
N LYS N 105 30.14 -4.83 2.23
CA LYS N 105 30.01 -5.15 0.80
C LYS N 105 31.31 -4.87 0.04
N SER N 106 31.96 -3.75 0.36
CA SER N 106 33.25 -3.39 -0.24
C SER N 106 34.37 -4.34 0.20
N LEU N 107 34.47 -4.56 1.51
CA LEU N 107 35.45 -5.45 2.12
C LEU N 107 35.43 -6.85 1.52
N VAL N 108 34.24 -7.45 1.49
CA VAL N 108 34.04 -8.79 0.92
C VAL N 108 34.42 -8.83 -0.57
N ALA N 109 34.07 -7.78 -1.30
CA ALA N 109 34.36 -7.66 -2.73
C ALA N 109 35.84 -7.40 -3.08
N THR N 110 36.68 -7.06 -2.09
CA THR N 110 38.11 -6.83 -2.34
C THR N 110 38.82 -8.13 -2.69
N SER N 111 39.80 -8.01 -3.57
CA SER N 111 40.63 -9.13 -3.99
C SER N 111 41.55 -9.59 -2.89
N GLN N 112 41.80 -8.72 -1.90
CA GLN N 112 42.48 -9.12 -0.67
C GLN N 112 41.71 -10.18 0.11
N VAL N 113 40.39 -9.97 0.28
CA VAL N 113 39.57 -10.98 0.94
C VAL N 113 39.49 -12.26 0.11
N GLU N 114 39.33 -12.11 -1.20
CA GLU N 114 39.34 -13.28 -2.09
C GLU N 114 40.58 -14.14 -1.92
N ASP N 115 41.74 -13.50 -1.80
CA ASP N 115 43.02 -14.20 -1.69
C ASP N 115 43.20 -14.77 -0.29
N LEU N 116 42.66 -14.07 0.71
CA LEU N 116 42.61 -14.60 2.07
C LEU N 116 41.85 -15.93 2.17
N VAL N 117 40.68 -15.98 1.54
CA VAL N 117 39.78 -17.12 1.62
C VAL N 117 40.20 -18.26 0.67
N VAL N 118 40.56 -17.90 -0.56
CA VAL N 118 40.97 -18.89 -1.57
C VAL N 118 42.42 -19.32 -1.38
N ASN N 119 43.30 -18.41 -0.98
CA ASN N 119 44.75 -18.71 -0.92
C ASN N 119 45.41 -18.61 0.47
N LEU N 120 44.64 -18.24 1.50
CA LEU N 120 45.16 -18.05 2.87
C LEU N 120 46.24 -16.96 2.97
N VAL N 121 46.12 -15.92 2.14
CA VAL N 121 47.05 -14.79 2.10
C VAL N 121 46.47 -13.70 2.99
N PRO N 122 47.08 -13.43 4.17
CA PRO N 122 46.51 -12.42 5.06
C PRO N 122 46.38 -11.03 4.44
N LEU N 123 45.42 -10.25 4.94
CA LEU N 123 45.11 -8.94 4.38
C LEU N 123 46.27 -7.97 4.56
N GLY N 124 46.27 -6.89 3.78
CA GLY N 124 47.27 -5.83 3.92
C GLY N 124 48.25 -5.86 2.78
N ARG N 125 48.29 -4.75 2.01
CA ARG N 125 49.19 -4.59 0.86
C ARG N 125 49.95 -3.25 0.93
N THR O 7 8.60 -17.78 34.29
CA THR O 7 9.23 -17.37 35.57
C THR O 7 9.34 -15.85 35.65
N ILE O 8 8.82 -15.27 36.74
CA ILE O 8 9.09 -13.87 37.14
C ILE O 8 10.24 -13.86 38.14
N VAL O 9 11.23 -12.98 37.91
CA VAL O 9 12.48 -12.93 38.69
C VAL O 9 12.67 -11.54 39.34
N LEU O 10 12.40 -11.48 40.65
CA LEU O 10 12.62 -10.28 41.47
C LEU O 10 14.08 -10.32 41.91
N SER O 11 14.66 -9.14 42.17
CA SER O 11 16.10 -9.00 42.49
C SER O 11 16.38 -8.02 43.64
N VAL O 12 16.53 -8.56 44.85
CA VAL O 12 16.92 -7.79 46.04
C VAL O 12 18.44 -7.53 46.00
N GLY O 13 18.84 -6.35 45.53
CA GLY O 13 20.24 -6.03 45.29
C GLY O 13 20.75 -6.82 44.08
N GLU O 14 21.53 -7.87 44.34
CA GLU O 14 21.95 -8.85 43.32
C GLU O 14 21.39 -10.27 43.55
N ALA O 15 20.87 -10.56 44.75
CA ALA O 15 20.19 -11.84 45.01
C ALA O 15 18.84 -11.92 44.29
N THR O 16 18.72 -12.86 43.35
CA THR O 16 17.52 -13.01 42.52
C THR O 16 16.52 -14.01 43.14
N ARG O 17 15.24 -13.83 42.84
CA ARG O 17 14.15 -14.65 43.42
C ARG O 17 13.11 -15.05 42.36
N THR O 18 13.13 -16.33 41.97
CA THR O 18 12.26 -16.84 40.90
C THR O 18 10.95 -17.42 41.45
N LEU O 19 9.83 -16.83 41.04
CA LEU O 19 8.50 -17.37 41.34
C LEU O 19 8.01 -18.07 40.05
N THR O 20 7.49 -19.28 40.21
CA THR O 20 7.07 -20.12 39.09
C THR O 20 5.56 -20.27 39.13
N GLU O 21 4.94 -20.28 37.95
CA GLU O 21 3.49 -20.46 37.78
C GLU O 21 2.98 -21.72 38.53
N ILE O 22 1.79 -21.63 39.13
CA ILE O 22 1.20 -22.73 39.93
C ILE O 22 -0.25 -23.05 39.56
N GLN O 23 -1.09 -22.02 39.49
CA GLN O 23 -2.53 -22.15 39.24
C GLN O 23 -2.99 -20.97 38.39
N SER O 24 -3.26 -21.25 37.11
CA SER O 24 -3.53 -20.22 36.10
C SER O 24 -4.98 -20.35 35.62
N THR O 25 -5.75 -19.27 35.73
CA THR O 25 -7.11 -19.21 35.19
C THR O 25 -7.08 -18.18 34.05
N ALA O 26 -8.25 -17.94 33.43
CA ALA O 26 -8.40 -16.87 32.44
C ALA O 26 -8.15 -15.47 33.02
N ASP O 27 -8.52 -15.28 34.30
CA ASP O 27 -8.42 -13.98 35.00
C ASP O 27 -7.37 -13.95 36.12
N ARG O 28 -7.39 -14.95 37.00
CA ARG O 28 -6.56 -15.03 38.22
C ARG O 28 -5.35 -15.95 38.00
N GLN O 29 -4.27 -15.68 38.73
CA GLN O 29 -2.97 -16.35 38.55
C GLN O 29 -2.27 -16.44 39.91
N ILE O 30 -1.52 -17.52 40.13
CA ILE O 30 -0.77 -17.73 41.38
C ILE O 30 0.65 -18.21 41.07
N PHE O 31 1.63 -17.50 41.63
CA PHE O 31 3.06 -17.83 41.51
C PHE O 31 3.57 -18.15 42.92
N GLU O 32 4.73 -18.80 43.00
CA GLU O 32 5.30 -19.27 44.27
C GLU O 32 6.74 -19.73 44.08
N GLU O 33 7.64 -19.28 44.95
CA GLU O 33 9.05 -19.70 44.89
C GLU O 33 9.21 -21.13 45.43
N LYS O 34 9.64 -22.06 44.56
CA LYS O 34 9.77 -23.49 44.91
C LYS O 34 11.12 -23.80 45.59
N VAL O 35 11.34 -23.24 46.79
CA VAL O 35 12.63 -23.32 47.51
C VAL O 35 12.41 -23.45 49.01
N GLY O 36 13.18 -24.32 49.66
CA GLY O 36 13.07 -24.53 51.10
C GLY O 36 11.84 -25.38 51.41
N PRO O 37 11.32 -25.32 52.65
CA PRO O 37 10.18 -26.18 53.00
C PRO O 37 8.88 -25.94 52.21
N LEU O 38 8.00 -26.95 52.26
CA LEU O 38 6.71 -26.94 51.55
C LEU O 38 5.66 -25.96 52.11
N VAL O 39 5.88 -25.41 53.30
CA VAL O 39 5.02 -24.36 53.85
C VAL O 39 5.73 -22.98 53.79
N GLY O 40 4.93 -21.93 53.65
CA GLY O 40 5.41 -20.53 53.77
C GLY O 40 6.31 -19.97 52.67
N ARG O 41 6.13 -20.49 51.45
CA ARG O 41 6.96 -20.11 50.31
C ARG O 41 6.52 -18.77 49.74
N LEU O 42 7.47 -17.92 49.32
CA LEU O 42 7.17 -16.58 48.76
C LEU O 42 6.24 -16.68 47.55
N ARG O 43 5.09 -15.99 47.61
CA ARG O 43 3.95 -16.24 46.73
C ARG O 43 3.43 -14.92 46.14
N LEU O 44 3.17 -14.91 44.83
CA LEU O 44 2.57 -13.76 44.14
C LEU O 44 1.26 -14.17 43.44
N THR O 45 0.16 -13.49 43.81
CA THR O 45 -1.13 -13.65 43.15
C THR O 45 -1.41 -12.42 42.29
N ALA O 46 -1.31 -12.57 40.96
CA ALA O 46 -1.61 -11.49 39.99
C ALA O 46 -2.94 -11.78 39.30
N SER O 47 -3.79 -10.76 39.13
CA SER O 47 -5.09 -10.93 38.46
C SER O 47 -5.57 -9.70 37.69
N LEU O 48 -6.13 -9.93 36.50
CA LEU O 48 -6.65 -8.88 35.62
C LEU O 48 -8.13 -9.11 35.31
N ARG O 49 -8.89 -8.04 35.33
CA ARG O 49 -10.34 -8.10 35.43
C ARG O 49 -10.87 -6.81 34.83
N GLN O 50 -11.86 -6.88 33.94
CA GLN O 50 -12.51 -5.67 33.42
C GLN O 50 -13.89 -5.49 34.02
N ASN O 51 -14.31 -4.24 34.14
CA ASN O 51 -15.63 -3.88 34.69
C ASN O 51 -16.76 -4.20 33.72
N GLY O 52 -17.99 -4.18 34.23
CA GLY O 52 -19.17 -4.59 33.48
C GLY O 52 -19.41 -3.79 32.22
N ALA O 53 -19.22 -2.48 32.31
CA ALA O 53 -19.34 -1.58 31.17
C ALA O 53 -18.21 -1.69 30.11
N LYS O 54 -17.15 -2.47 30.38
CA LYS O 54 -15.94 -2.54 29.54
C LYS O 54 -15.17 -1.19 29.42
N THR O 55 -15.32 -0.33 30.44
CA THR O 55 -14.71 1.02 30.47
C THR O 55 -13.42 1.10 31.30
N ALA O 56 -13.12 0.08 32.11
CA ALA O 56 -11.92 0.07 32.98
C ALA O 56 -11.48 -1.33 33.33
N TYR O 57 -10.22 -1.43 33.72
CA TYR O 57 -9.57 -2.67 34.14
C TYR O 57 -9.07 -2.51 35.56
N ARG O 58 -9.12 -3.61 36.33
CA ARG O 58 -8.48 -3.68 37.64
C ARG O 58 -7.39 -4.75 37.64
N VAL O 59 -6.15 -4.28 37.83
CA VAL O 59 -4.98 -5.14 38.02
C VAL O 59 -4.78 -5.27 39.51
N ASN O 60 -4.70 -6.51 40.01
CA ASN O 60 -4.44 -6.80 41.42
C ASN O 60 -3.18 -7.65 41.50
N LEU O 61 -2.26 -7.28 42.40
CA LEU O 61 -1.05 -8.03 42.68
C LEU O 61 -0.95 -8.15 44.20
N LYS O 62 -0.72 -9.35 44.72
CA LYS O 62 -0.58 -9.62 46.15
C LYS O 62 0.70 -10.39 46.33
N LEU O 63 1.67 -9.80 47.03
CA LEU O 63 2.91 -10.49 47.40
C LEU O 63 2.81 -10.90 48.86
N ASP O 64 3.00 -12.20 49.14
CA ASP O 64 2.84 -12.77 50.47
C ASP O 64 4.19 -13.30 50.95
N GLN O 65 4.71 -12.74 52.04
CA GLN O 65 5.95 -13.20 52.64
C GLN O 65 5.67 -13.80 54.03
N ALA O 66 5.75 -15.13 54.12
CA ALA O 66 5.55 -15.84 55.38
C ALA O 66 6.82 -15.84 56.22
N ASP O 67 6.67 -15.63 57.53
CA ASP O 67 7.74 -15.94 58.48
C ASP O 67 7.57 -17.37 58.96
N VAL O 68 8.54 -18.23 58.64
CA VAL O 68 8.48 -19.67 58.90
C VAL O 68 9.47 -20.05 60.00
N VAL O 69 9.07 -20.96 60.89
CA VAL O 69 9.95 -21.52 61.94
C VAL O 69 9.87 -23.04 61.95
N ASP O 70 11.01 -23.69 62.21
CA ASP O 70 11.12 -25.16 62.18
C ASP O 70 11.72 -25.71 63.48
N SER O 71 10.90 -25.74 64.52
CA SER O 71 11.20 -26.48 65.75
C SER O 71 10.65 -27.89 65.58
N GLY O 72 11.38 -28.70 64.80
CA GLY O 72 10.95 -30.06 64.43
C GLY O 72 10.23 -30.09 63.10
N LEU O 73 9.00 -29.58 63.09
CA LEU O 73 8.16 -29.48 61.89
C LEU O 73 7.98 -28.00 61.48
N PRO O 74 8.23 -27.63 60.20
CA PRO O 74 7.99 -26.26 59.71
C PRO O 74 6.56 -25.71 59.89
N LYS O 75 6.45 -24.42 60.22
CA LYS O 75 5.16 -23.76 60.45
C LYS O 75 5.28 -22.25 60.21
N VAL O 76 4.20 -21.63 59.75
CA VAL O 76 4.14 -20.20 59.49
C VAL O 76 3.50 -19.50 60.70
N ARG O 77 4.24 -18.58 61.31
CA ARG O 77 3.78 -17.79 62.46
C ARG O 77 2.85 -16.67 61.99
N TYR O 78 3.30 -15.94 60.98
CA TYR O 78 2.51 -14.89 60.36
C TYR O 78 2.94 -14.72 58.92
N THR O 79 2.17 -13.93 58.19
CA THR O 79 2.47 -13.56 56.81
C THR O 79 2.31 -12.05 56.67
N GLN O 80 3.34 -11.40 56.12
CA GLN O 80 3.27 -9.99 55.79
C GLN O 80 3.01 -9.92 54.29
N VAL O 81 2.14 -8.97 53.92
CA VAL O 81 1.58 -8.85 52.59
C VAL O 81 1.77 -7.43 52.07
N TRP O 82 2.03 -7.32 50.77
CA TRP O 82 2.03 -6.04 50.06
C TRP O 82 1.27 -6.29 48.79
N SER O 83 0.03 -5.81 48.76
CA SER O 83 -0.82 -5.93 47.59
C SER O 83 -0.99 -4.60 46.90
N HIS O 84 -1.30 -4.66 45.60
CA HIS O 84 -1.44 -3.50 44.73
C HIS O 84 -2.79 -3.56 44.02
N ASP O 85 -3.45 -2.42 43.84
CA ASP O 85 -4.75 -2.35 43.15
C ASP O 85 -4.74 -1.18 42.17
N VAL O 86 -4.74 -1.48 40.88
CA VAL O 86 -4.52 -0.49 39.82
C VAL O 86 -5.73 -0.38 38.91
N THR O 87 -6.30 0.82 38.84
CA THR O 87 -7.39 1.14 37.94
C THR O 87 -6.82 1.76 36.66
N ILE O 88 -7.00 1.05 35.54
CA ILE O 88 -6.60 1.50 34.21
C ILE O 88 -7.86 1.66 33.38
N VAL O 89 -8.03 2.84 32.77
CA VAL O 89 -9.23 3.16 31.99
C VAL O 89 -8.97 2.76 30.53
N ALA O 90 -9.99 2.22 29.86
CA ALA O 90 -9.84 1.59 28.53
C ALA O 90 -9.41 2.56 27.42
N ASN O 91 -10.08 3.71 27.36
CA ASN O 91 -9.77 4.79 26.39
C ASN O 91 -8.58 5.75 26.72
N SER O 92 -7.82 5.42 27.77
CA SER O 92 -6.77 6.28 28.27
C SER O 92 -5.55 6.28 27.35
N THR O 93 -4.71 7.30 27.50
CA THR O 93 -3.49 7.40 26.71
C THR O 93 -2.41 6.52 27.31
N GLU O 94 -1.49 6.11 26.45
CA GLU O 94 -0.30 5.36 26.85
C GLU O 94 0.58 6.21 27.76
N ALA O 95 0.71 7.49 27.43
CA ALA O 95 1.43 8.46 28.24
C ALA O 95 0.96 8.49 29.70
N SER O 96 -0.36 8.49 29.90
CA SER O 96 -0.97 8.49 31.24
C SER O 96 -0.71 7.22 32.04
N ARG O 97 -0.85 6.08 31.38
CA ARG O 97 -0.55 4.80 32.01
C ARG O 97 0.94 4.65 32.36
N LYS O 98 1.82 5.09 31.45
CA LYS O 98 3.28 5.06 31.69
C LYS O 98 3.68 6.03 32.81
N SER O 99 3.00 7.17 32.89
CA SER O 99 3.17 8.17 33.96
C SER O 99 2.77 7.60 35.34
N LEU O 100 1.59 7.00 35.40
CA LEU O 100 1.12 6.33 36.62
C LEU O 100 2.07 5.22 37.08
N TYR O 101 2.56 4.41 36.15
CA TYR O 101 3.60 3.43 36.45
C TYR O 101 4.90 4.09 36.94
N ASP O 102 5.42 5.04 36.15
CA ASP O 102 6.66 5.73 36.49
C ASP O 102 6.58 6.42 37.85
N LEU O 103 5.46 7.11 38.11
CA LEU O 103 5.26 7.80 39.38
C LEU O 103 5.14 6.85 40.59
N THR O 104 4.54 5.69 40.40
CA THR O 104 4.48 4.63 41.43
C THR O 104 5.83 3.95 41.66
N LYS O 105 6.57 3.68 40.59
CA LYS O 105 7.94 3.17 40.65
C LYS O 105 8.81 4.09 41.50
N SER O 106 8.67 5.38 41.25
CA SER O 106 9.38 6.43 42.01
C SER O 106 8.93 6.53 43.47
N LEU O 107 7.61 6.47 43.71
CA LEU O 107 7.02 6.54 45.05
C LEU O 107 7.56 5.45 45.96
N VAL O 108 7.47 4.21 45.49
CA VAL O 108 7.96 3.04 46.24
C VAL O 108 9.47 3.12 46.53
N ALA O 109 10.24 3.65 45.57
CA ALA O 109 11.68 3.85 45.74
C ALA O 109 12.09 4.91 46.80
N THR O 110 11.18 5.84 47.14
CA THR O 110 11.51 6.91 48.07
C THR O 110 11.73 6.34 49.49
N SER O 111 12.73 6.88 50.17
CA SER O 111 13.07 6.49 51.53
C SER O 111 11.99 6.84 52.56
N GLN O 112 11.11 7.79 52.25
CA GLN O 112 9.91 8.05 53.06
C GLN O 112 8.96 6.86 53.13
N VAL O 113 8.65 6.25 51.98
CA VAL O 113 7.79 5.05 51.91
C VAL O 113 8.45 3.84 52.61
N GLU O 114 9.77 3.68 52.42
CA GLU O 114 10.57 2.69 53.15
C GLU O 114 10.45 2.87 54.67
N ASP O 115 10.62 4.12 55.14
CA ASP O 115 10.45 4.49 56.55
C ASP O 115 9.03 4.21 57.11
N LEU O 116 8.00 4.48 56.32
CA LEU O 116 6.61 4.15 56.69
C LEU O 116 6.37 2.64 56.82
N VAL O 117 6.87 1.86 55.87
CA VAL O 117 6.64 0.41 55.87
C VAL O 117 7.53 -0.30 56.88
N VAL O 118 8.82 0.07 56.93
CA VAL O 118 9.79 -0.56 57.82
C VAL O 118 9.68 -0.10 59.30
N ASN O 119 9.59 1.21 59.51
CA ASN O 119 9.63 1.81 60.85
C ASN O 119 8.30 2.39 61.31
N LEU O 120 7.29 2.46 60.46
CA LEU O 120 6.01 3.16 60.78
C LEU O 120 6.17 4.66 61.08
N VAL O 121 7.13 5.30 60.40
CA VAL O 121 7.30 6.75 60.43
C VAL O 121 6.38 7.39 59.38
N PRO O 122 5.43 8.27 59.78
CA PRO O 122 4.54 8.97 58.82
C PRO O 122 5.27 9.76 57.73
N LEU O 123 4.63 9.88 56.56
CA LEU O 123 5.24 10.52 55.40
C LEU O 123 5.29 12.04 55.59
N GLY O 124 6.26 12.69 54.96
CA GLY O 124 6.42 14.15 54.99
C GLY O 124 7.74 14.56 55.62
N ARG O 125 8.62 15.20 54.83
CA ARG O 125 9.84 15.83 55.33
C ARG O 125 9.79 17.33 55.05
N SER P 5 3.08 22.55 55.18
CA SER P 5 3.73 22.18 53.89
C SER P 5 5.01 21.35 54.09
N LYS P 6 4.82 20.14 54.60
CA LYS P 6 5.78 19.05 54.39
C LYS P 6 5.59 18.56 52.95
N THR P 7 6.66 17.98 52.37
CA THR P 7 6.63 17.49 50.98
C THR P 7 7.18 16.06 50.84
N ILE P 8 6.73 15.37 49.78
CA ILE P 8 7.40 14.18 49.23
C ILE P 8 7.82 14.52 47.81
N VAL P 9 9.10 14.34 47.50
CA VAL P 9 9.64 14.62 46.17
C VAL P 9 9.82 13.29 45.44
N LEU P 10 9.22 13.18 44.26
CA LEU P 10 9.28 11.97 43.43
C LEU P 10 10.22 12.24 42.28
N SER P 11 11.26 11.42 42.13
CA SER P 11 12.20 11.52 41.01
C SER P 11 11.78 10.59 39.86
N VAL P 12 11.33 11.18 38.75
CA VAL P 12 10.99 10.43 37.52
C VAL P 12 12.01 10.79 36.40
N GLY P 13 13.19 10.18 36.49
CA GLY P 13 14.27 10.42 35.54
C GLY P 13 14.90 11.79 35.72
N GLU P 14 14.82 12.62 34.69
CA GLU P 14 15.35 14.00 34.72
C GLU P 14 14.45 14.90 35.58
N ALA P 15 13.16 14.92 35.23
CA ALA P 15 12.16 15.72 35.96
C ALA P 15 11.93 15.16 37.36
N THR P 16 11.77 16.06 38.33
CA THR P 16 11.38 15.71 39.69
C THR P 16 10.00 16.33 39.96
N ARG P 17 9.23 15.70 40.84
CA ARG P 17 7.82 16.04 41.07
C ARG P 17 7.61 16.16 42.58
N THR P 18 7.08 17.29 43.03
CA THR P 18 6.97 17.61 44.46
C THR P 18 5.51 17.63 44.91
N LEU P 19 5.16 16.74 45.84
CA LEU P 19 3.80 16.65 46.39
C LEU P 19 3.76 17.24 47.80
N THR P 20 3.03 18.35 47.97
CA THR P 20 2.95 19.10 49.23
C THR P 20 1.74 18.67 50.04
N GLU P 21 1.88 18.61 51.35
CA GLU P 21 0.79 18.15 52.23
C GLU P 21 -0.33 19.19 52.31
N ILE P 22 -1.58 18.71 52.25
CA ILE P 22 -2.80 19.54 52.31
C ILE P 22 -3.78 19.20 53.46
N GLN P 23 -3.59 18.06 54.15
CA GLN P 23 -4.45 17.66 55.28
C GLN P 23 -3.80 16.53 56.09
N SER P 24 -4.27 16.33 57.32
CA SER P 24 -3.92 15.17 58.16
C SER P 24 -5.09 14.74 59.08
N THR P 25 -4.94 13.58 59.73
CA THR P 25 -5.96 13.02 60.64
C THR P 25 -5.29 12.21 61.76
N ARG P 28 -5.02 9.55 58.37
CA ARG P 28 -5.14 9.86 56.95
C ARG P 28 -4.44 11.18 56.53
N GLN P 29 -3.24 11.05 55.94
CA GLN P 29 -2.54 12.17 55.31
C GLN P 29 -2.91 12.26 53.83
N ILE P 30 -2.94 13.48 53.30
CA ILE P 30 -3.14 13.73 51.88
C ILE P 30 -2.09 14.73 51.43
N PHE P 31 -1.36 14.38 50.37
CA PHE P 31 -0.42 15.27 49.71
C PHE P 31 -0.94 15.50 48.30
N GLU P 32 -0.67 16.69 47.75
CA GLU P 32 -1.00 17.02 46.36
C GLU P 32 0.15 17.76 45.68
N GLU P 33 0.28 17.55 44.38
CA GLU P 33 1.25 18.28 43.56
C GLU P 33 0.59 19.59 43.15
N LYS P 34 1.07 20.69 43.70
CA LYS P 34 0.41 22.00 43.56
C LYS P 34 0.97 22.77 42.35
N VAL P 35 0.72 22.23 41.16
CA VAL P 35 1.18 22.82 39.89
C VAL P 35 0.08 22.62 38.84
N GLY P 36 -0.04 23.56 37.90
CA GLY P 36 -1.02 23.45 36.82
C GLY P 36 -2.42 23.80 37.29
N PRO P 37 -3.47 23.25 36.66
CA PRO P 37 -4.83 23.57 37.11
C PRO P 37 -5.14 23.01 38.52
N LEU P 38 -6.17 23.55 39.16
CA LEU P 38 -6.54 23.14 40.52
C LEU P 38 -7.17 21.74 40.58
N VAL P 39 -8.08 21.45 39.65
CA VAL P 39 -8.71 20.12 39.59
C VAL P 39 -7.75 19.07 39.05
N GLY P 40 -7.89 17.84 39.56
CA GLY P 40 -7.15 16.70 39.03
C GLY P 40 -5.66 16.70 39.24
N ARG P 41 -5.22 17.30 40.34
CA ARG P 41 -3.81 17.32 40.71
C ARG P 41 -3.42 15.97 41.26
N LEU P 42 -2.18 15.58 40.98
CA LEU P 42 -1.68 14.29 41.43
C LEU P 42 -1.76 14.27 42.94
N ARG P 43 -2.44 13.27 43.48
CA ARG P 43 -2.80 13.19 44.89
C ARG P 43 -2.26 11.88 45.44
N LEU P 44 -1.50 11.96 46.54
CA LEU P 44 -1.06 10.80 47.30
C LEU P 44 -1.85 10.80 48.60
N THR P 45 -2.61 9.74 48.85
CA THR P 45 -3.32 9.54 50.10
C THR P 45 -2.62 8.41 50.85
N ALA P 46 -2.42 8.58 52.16
CA ALA P 46 -1.75 7.60 53.02
C ALA P 46 -2.47 7.48 54.35
N SER P 47 -2.50 6.27 54.91
CA SER P 47 -3.04 6.04 56.23
C SER P 47 -2.38 4.84 56.90
N LEU P 48 -2.51 4.77 58.21
CA LEU P 48 -1.94 3.72 59.05
C LEU P 48 -2.94 3.40 60.17
N ARG P 49 -3.28 2.12 60.32
CA ARG P 49 -4.23 1.68 61.34
C ARG P 49 -3.94 0.24 61.77
N GLN P 50 -4.58 -0.18 62.87
CA GLN P 50 -4.25 -1.42 63.57
C GLN P 50 -5.24 -2.58 63.32
N ASN P 51 -4.80 -3.77 63.73
CA ASN P 51 -5.54 -5.04 63.57
C ASN P 51 -6.75 -5.06 64.49
N GLY P 52 -7.65 -6.02 64.27
CA GLY P 52 -8.70 -6.36 65.23
C GLY P 52 -8.10 -6.75 66.57
N ALA P 53 -7.12 -7.65 66.54
CA ALA P 53 -6.37 -8.08 67.73
C ALA P 53 -5.33 -7.08 68.33
N LYS P 54 -5.05 -5.98 67.61
CA LYS P 54 -3.89 -5.10 67.85
C LYS P 54 -2.53 -5.85 67.82
N THR P 55 -2.36 -6.73 66.83
CA THR P 55 -1.13 -7.50 66.57
C THR P 55 -0.50 -7.24 65.18
N ALA P 56 -1.04 -6.28 64.43
CA ALA P 56 -0.59 -6.00 63.07
C ALA P 56 -1.10 -4.64 62.57
N TYR P 57 -0.27 -3.99 61.76
CA TYR P 57 -0.61 -2.70 61.16
C TYR P 57 -1.04 -2.91 59.71
N ARG P 58 -1.74 -1.91 59.18
CA ARG P 58 -2.22 -1.91 57.82
C ARG P 58 -1.91 -0.54 57.22
N VAL P 59 -0.88 -0.46 56.37
CA VAL P 59 -0.53 0.78 55.67
C VAL P 59 -1.30 0.78 54.34
N ASN P 60 -2.19 1.75 54.17
CA ASN P 60 -2.82 2.03 52.87
C ASN P 60 -2.10 3.21 52.23
N LEU P 61 -1.88 3.13 50.91
CA LEU P 61 -1.17 4.16 50.16
C LEU P 61 -1.82 4.21 48.79
N LYS P 62 -2.01 5.42 48.21
CA LYS P 62 -2.79 5.60 46.98
C LYS P 62 -2.38 6.83 46.19
N LEU P 63 -1.90 6.65 44.95
CA LEU P 63 -1.73 7.75 43.97
C LEU P 63 -2.97 7.81 43.09
N ASP P 64 -3.64 8.96 43.05
CA ASP P 64 -4.75 9.23 42.14
C ASP P 64 -4.23 10.17 41.04
N GLN P 65 -4.25 9.71 39.78
CA GLN P 65 -3.81 10.55 38.65
C GLN P 65 -4.97 10.87 37.70
N ALA P 66 -5.44 12.11 37.79
CA ALA P 66 -6.47 12.63 36.89
C ALA P 66 -5.88 12.99 35.54
N ASP P 67 -6.63 12.70 34.47
CA ASP P 67 -6.32 13.23 33.15
C ASP P 67 -7.22 14.42 32.90
N VAL P 68 -6.61 15.61 32.82
CA VAL P 68 -7.34 16.87 32.73
C VAL P 68 -7.20 17.44 31.32
N VAL P 69 -8.30 17.94 30.78
CA VAL P 69 -8.32 18.59 29.48
C VAL P 69 -8.93 19.99 29.66
N ASP P 70 -8.34 21.00 28.98
CA ASP P 70 -8.97 22.33 28.91
C ASP P 70 -10.17 22.30 27.94
N SER P 71 -11.37 22.21 28.50
CA SER P 71 -12.62 22.28 27.76
C SER P 71 -13.30 23.58 28.15
N GLY P 72 -12.62 24.69 27.83
CA GLY P 72 -12.94 26.00 28.38
C GLY P 72 -12.28 26.08 29.73
N LEU P 73 -13.02 25.65 30.76
CA LEU P 73 -12.50 25.54 32.13
C LEU P 73 -11.88 24.13 32.21
N PRO P 74 -10.71 23.96 32.88
CA PRO P 74 -10.08 22.62 32.92
C PRO P 74 -10.95 21.58 33.63
N LYS P 75 -10.97 20.34 33.13
CA LYS P 75 -11.84 19.29 33.70
C LYS P 75 -11.29 17.87 33.62
N VAL P 76 -11.55 17.11 34.68
CA VAL P 76 -11.11 15.72 34.77
C VAL P 76 -11.87 14.88 33.73
N ARG P 77 -11.11 14.25 32.84
CA ARG P 77 -11.60 13.41 31.75
C ARG P 77 -11.76 11.94 32.21
N TYR P 78 -10.76 11.45 32.94
CA TYR P 78 -10.83 10.15 33.65
C TYR P 78 -9.75 10.20 34.73
N THR P 79 -9.81 9.27 35.67
CA THR P 79 -8.79 9.13 36.70
C THR P 79 -8.34 7.68 36.73
N GLN P 80 -7.03 7.47 36.80
CA GLN P 80 -6.43 6.16 36.98
C GLN P 80 -5.80 6.19 38.36
N VAL P 81 -5.74 5.04 39.00
CA VAL P 81 -5.30 4.97 40.39
C VAL P 81 -4.37 3.78 40.54
N TRP P 82 -3.47 3.86 41.52
CA TRP P 82 -2.63 2.76 41.94
C TRP P 82 -2.53 2.84 43.45
N SER P 83 -3.19 1.91 44.13
CA SER P 83 -3.21 1.88 45.58
C SER P 83 -2.47 0.65 46.06
N HIS P 84 -1.96 0.76 47.28
CA HIS P 84 -1.14 -0.27 47.92
C HIS P 84 -1.77 -0.56 49.27
N ASP P 85 -1.63 -1.79 49.73
CA ASP P 85 -2.16 -2.20 51.02
C ASP P 85 -1.13 -3.14 51.62
N VAL P 86 -0.45 -2.67 52.68
CA VAL P 86 0.70 -3.37 53.26
C VAL P 86 0.36 -3.84 54.67
N THR P 87 0.55 -5.14 54.92
CA THR P 87 0.25 -5.74 56.20
C THR P 87 1.58 -6.01 56.88
N ILE P 88 1.83 -5.25 57.95
CA ILE P 88 3.03 -5.35 58.76
C ILE P 88 2.61 -5.89 60.12
N VAL P 89 3.32 -6.91 60.59
CA VAL P 89 3.04 -7.53 61.89
C VAL P 89 3.78 -6.77 62.98
N ALA P 90 3.11 -6.60 64.11
CA ALA P 90 3.47 -5.66 65.15
C ALA P 90 4.88 -5.82 65.71
N ASN P 91 5.41 -7.04 65.74
CA ASN P 91 6.79 -7.29 66.18
C ASN P 91 7.50 -8.29 65.27
N SER P 92 7.42 -8.02 63.96
CA SER P 92 8.29 -8.63 62.97
C SER P 92 9.59 -7.85 62.99
N THR P 93 10.65 -8.46 62.45
CA THR P 93 11.95 -7.83 62.47
C THR P 93 11.99 -6.74 61.39
N GLU P 94 12.89 -5.77 61.56
CA GLU P 94 13.20 -4.80 60.51
C GLU P 94 13.60 -5.54 59.24
N ALA P 95 14.47 -6.54 59.35
CA ALA P 95 14.93 -7.33 58.20
C ALA P 95 13.77 -7.99 57.43
N SER P 96 12.80 -8.52 58.15
CA SER P 96 11.55 -9.04 57.55
C SER P 96 10.75 -8.00 56.74
N ARG P 97 10.61 -6.79 57.29
CA ARG P 97 9.85 -5.71 56.63
C ARG P 97 10.62 -5.09 55.48
N LYS P 98 11.94 -5.00 55.63
CA LYS P 98 12.81 -4.50 54.59
C LYS P 98 12.81 -5.43 53.38
N SER P 99 12.74 -6.74 53.64
CA SER P 99 12.65 -7.75 52.59
C SER P 99 11.37 -7.67 51.75
N LEU P 100 10.24 -7.47 52.41
CA LEU P 100 8.94 -7.26 51.74
C LEU P 100 8.93 -5.97 50.93
N TYR P 101 9.59 -4.95 51.47
CA TYR P 101 9.77 -3.68 50.78
C TYR P 101 10.64 -3.82 49.55
N ASP P 102 11.85 -4.37 49.73
CA ASP P 102 12.84 -4.58 48.66
C ASP P 102 12.32 -5.46 47.52
N LEU P 103 11.58 -6.52 47.85
CA LEU P 103 10.90 -7.38 46.88
C LEU P 103 9.78 -6.67 46.09
N THR P 104 9.02 -5.81 46.76
CA THR P 104 7.99 -5.01 46.11
C THR P 104 8.58 -3.94 45.17
N LYS P 105 9.63 -3.27 45.63
CA LYS P 105 10.39 -2.32 44.83
C LYS P 105 10.95 -2.96 43.55
N SER P 106 11.37 -4.23 43.65
CA SER P 106 11.74 -5.01 42.48
C SER P 106 10.54 -5.37 41.61
N LEU P 107 9.51 -5.95 42.22
CA LEU P 107 8.29 -6.37 41.51
C LEU P 107 7.76 -5.23 40.63
N VAL P 108 7.66 -4.05 41.23
CA VAL P 108 7.21 -2.85 40.53
C VAL P 108 8.19 -2.43 39.42
N ALA P 109 9.48 -2.52 39.68
CA ALA P 109 10.52 -2.08 38.72
C ALA P 109 10.70 -2.99 37.48
N THR P 110 10.14 -4.20 37.52
CA THR P 110 10.23 -5.12 36.39
C THR P 110 9.47 -4.62 35.14
N SER P 111 10.05 -4.87 33.97
CA SER P 111 9.38 -4.71 32.68
C SER P 111 8.07 -5.50 32.62
N GLN P 112 8.03 -6.65 33.27
CA GLN P 112 6.84 -7.50 33.32
C GLN P 112 5.62 -6.81 33.97
N VAL P 113 5.84 -6.03 35.04
CA VAL P 113 4.77 -5.26 35.70
C VAL P 113 4.44 -3.94 34.96
N GLU P 114 5.45 -3.34 34.29
CA GLU P 114 5.20 -2.26 33.34
C GLU P 114 4.27 -2.68 32.18
N ASP P 115 4.46 -3.88 31.64
CA ASP P 115 3.60 -4.42 30.58
C ASP P 115 2.18 -4.73 31.05
N LEU P 116 2.05 -5.19 32.30
CA LEU P 116 0.76 -5.48 32.89
C LEU P 116 -0.08 -4.19 33.03
N VAL P 117 0.54 -3.10 33.47
CA VAL P 117 -0.16 -1.83 33.73
C VAL P 117 -0.33 -1.01 32.43
N VAL P 118 0.73 -0.90 31.64
CA VAL P 118 0.69 -0.15 30.39
C VAL P 118 0.02 -0.91 29.20
N ASN P 119 0.12 -2.24 29.14
CA ASN P 119 -0.43 -3.02 28.01
C ASN P 119 -1.35 -4.23 28.34
N LEU P 120 -1.64 -4.46 29.62
CA LEU P 120 -2.57 -5.53 30.07
C LEU P 120 -2.13 -6.99 29.78
N VAL P 121 -0.83 -7.21 29.69
CA VAL P 121 -0.29 -8.55 29.51
C VAL P 121 -0.17 -9.18 30.89
N PRO P 122 -0.83 -10.35 31.11
CA PRO P 122 -0.63 -11.00 32.41
C PRO P 122 0.83 -11.41 32.67
N LEU P 123 1.14 -11.61 33.95
CA LEU P 123 2.46 -12.08 34.35
C LEU P 123 2.59 -13.55 34.00
N GLY P 124 3.81 -13.98 33.71
CA GLY P 124 4.10 -15.34 33.25
C GLY P 124 4.81 -15.17 31.94
N ARG P 125 6.15 -15.14 32.01
CA ARG P 125 6.96 -14.50 30.97
C ARG P 125 8.42 -14.89 31.10
N MET Q 4 -59.56 11.95 17.89
CA MET Q 4 -59.28 11.54 16.49
C MET Q 4 -58.38 12.53 15.71
N SER Q 5 -58.47 13.82 16.04
CA SER Q 5 -57.69 14.87 15.36
C SER Q 5 -56.20 14.74 15.68
N LYS Q 6 -55.36 14.74 14.64
CA LYS Q 6 -53.91 14.53 14.79
C LYS Q 6 -53.23 15.76 15.39
N THR Q 7 -52.09 15.55 16.05
CA THR Q 7 -51.32 16.63 16.69
C THR Q 7 -49.79 16.47 16.69
N ILE Q 8 -49.10 17.59 16.87
CA ILE Q 8 -47.68 17.63 17.18
C ILE Q 8 -47.53 18.53 18.41
N VAL Q 9 -46.76 18.07 19.41
CA VAL Q 9 -46.61 18.80 20.68
C VAL Q 9 -45.13 19.21 20.89
N LEU Q 10 -44.93 20.50 21.18
CA LEU Q 10 -43.61 21.11 21.25
C LEU Q 10 -43.34 21.60 22.66
N SER Q 11 -42.21 21.18 23.22
CA SER Q 11 -41.83 21.47 24.60
C SER Q 11 -40.81 22.59 24.64
N VAL Q 12 -41.14 23.68 25.33
CA VAL Q 12 -40.22 24.82 25.54
C VAL Q 12 -40.01 25.02 27.05
N GLY Q 13 -39.14 24.19 27.62
CA GLY Q 13 -38.80 24.24 29.04
C GLY Q 13 -39.90 23.71 29.92
N GLU Q 14 -40.52 24.60 30.70
CA GLU Q 14 -41.61 24.27 31.63
C GLU Q 14 -43.00 24.32 30.99
N ALA Q 15 -43.09 24.82 29.75
CA ALA Q 15 -44.34 24.92 29.00
C ALA Q 15 -44.48 23.79 27.98
N THR Q 16 -45.65 23.73 27.37
CA THR Q 16 -45.91 22.88 26.23
C THR Q 16 -46.85 23.62 25.27
N ARG Q 17 -46.70 23.31 23.98
CA ARG Q 17 -47.46 23.95 22.91
C ARG Q 17 -47.97 22.85 21.99
N THR Q 18 -49.30 22.75 21.88
CA THR Q 18 -49.92 21.63 21.17
C THR Q 18 -50.53 22.16 19.88
N LEU Q 19 -50.09 21.59 18.76
CA LEU Q 19 -50.56 22.00 17.43
C LEU Q 19 -51.44 20.88 16.89
N THR Q 20 -52.63 21.25 16.39
CA THR Q 20 -53.67 20.34 15.93
C THR Q 20 -53.87 20.46 14.43
N GLU Q 21 -53.98 19.33 13.74
CA GLU Q 21 -54.27 19.29 12.31
C GLU Q 21 -55.65 19.88 12.03
N ILE Q 22 -55.68 21.02 11.32
CA ILE Q 22 -56.91 21.76 11.02
C ILE Q 22 -57.43 21.52 9.62
N GLN Q 23 -56.53 21.19 8.68
CA GLN Q 23 -56.92 20.69 7.36
C GLN Q 23 -55.78 19.95 6.68
N SER Q 24 -56.12 19.27 5.59
CA SER Q 24 -55.15 18.53 4.79
C SER Q 24 -55.71 18.12 3.44
N THR Q 25 -55.04 18.53 2.37
CA THR Q 25 -54.97 17.73 1.14
C THR Q 25 -53.78 16.82 1.41
N ALA Q 26 -53.73 15.67 0.74
CA ALA Q 26 -52.73 14.61 1.03
C ALA Q 26 -51.25 15.05 1.02
N ASP Q 27 -50.93 16.06 0.19
CA ASP Q 27 -49.60 16.67 0.18
C ASP Q 27 -49.48 17.66 1.35
N ARG Q 28 -50.35 18.69 1.36
CA ARG Q 28 -50.19 19.89 2.20
C ARG Q 28 -50.99 19.80 3.53
N GLN Q 29 -50.31 19.46 4.62
CA GLN Q 29 -50.91 19.42 5.96
C GLN Q 29 -50.84 20.81 6.58
N ILE Q 30 -51.87 21.21 7.35
CA ILE Q 30 -51.80 22.42 8.17
C ILE Q 30 -52.19 22.13 9.62
N PHE Q 31 -51.35 22.61 10.55
CA PHE Q 31 -51.49 22.40 11.98
C PHE Q 31 -51.55 23.77 12.62
N GLU Q 32 -52.46 23.96 13.56
CA GLU Q 32 -52.55 25.21 14.31
C GLU Q 32 -52.74 24.93 15.76
N GLU Q 33 -52.29 25.85 16.60
CA GLU Q 33 -52.58 25.79 18.02
C GLU Q 33 -53.99 26.32 18.20
N LYS Q 34 -54.96 25.43 18.46
CA LYS Q 34 -56.38 25.82 18.64
C LYS Q 34 -56.63 26.46 20.02
N VAL Q 35 -56.09 27.67 20.22
CA VAL Q 35 -56.33 28.50 21.42
C VAL Q 35 -56.44 29.97 20.99
N GLY Q 36 -57.26 30.73 21.71
CA GLY Q 36 -57.29 32.18 21.62
C GLY Q 36 -58.11 32.71 20.46
N PRO Q 37 -57.86 33.96 20.03
CA PRO Q 37 -58.42 34.50 18.81
C PRO Q 37 -58.11 33.65 17.57
N LEU Q 38 -59.00 33.71 16.59
CA LEU Q 38 -58.78 32.99 15.32
C LEU Q 38 -57.63 33.58 14.50
N VAL Q 39 -57.38 34.88 14.64
CA VAL Q 39 -56.24 35.54 13.99
C VAL Q 39 -54.94 35.31 14.77
N GLY Q 40 -53.86 35.09 14.04
CA GLY Q 40 -52.52 34.99 14.64
C GLY Q 40 -52.20 33.76 15.49
N ARG Q 41 -52.76 32.61 15.14
CA ARG Q 41 -52.47 31.37 15.84
C ARG Q 41 -51.20 30.74 15.32
N LEU Q 42 -50.43 30.15 16.24
CA LEU Q 42 -49.20 29.43 15.89
C LEU Q 42 -49.57 28.38 14.84
N ARG Q 43 -49.04 28.53 13.62
CA ARG Q 43 -49.36 27.68 12.49
C ARG Q 43 -48.10 26.95 12.04
N LEU Q 44 -48.27 25.69 11.65
CA LEU Q 44 -47.23 24.88 11.02
C LEU Q 44 -47.84 24.26 9.76
N THR Q 45 -47.33 24.67 8.60
CA THR Q 45 -47.70 24.11 7.32
C THR Q 45 -46.57 23.18 6.88
N ALA Q 46 -46.94 21.95 6.50
CA ALA Q 46 -45.98 20.93 6.10
C ALA Q 46 -46.42 20.37 4.76
N SER Q 47 -45.46 20.01 3.92
CA SER Q 47 -45.76 19.40 2.63
C SER Q 47 -44.64 18.50 2.14
N LEU Q 48 -44.97 17.62 1.20
CA LEU Q 48 -44.04 16.67 0.61
C LEU Q 48 -44.40 16.53 -0.86
N ARG Q 49 -43.41 16.71 -1.74
CA ARG Q 49 -43.59 16.65 -3.20
C ARG Q 49 -42.44 15.86 -3.82
N GLN Q 50 -42.74 15.11 -4.88
CA GLN Q 50 -41.71 14.41 -5.68
C GLN Q 50 -41.39 15.31 -6.88
N ASN Q 51 -40.12 15.32 -7.31
CA ASN Q 51 -39.73 16.04 -8.53
C ASN Q 51 -40.22 15.36 -9.83
N GLY Q 52 -40.06 16.05 -10.97
CA GLY Q 52 -40.60 15.60 -12.26
C GLY Q 52 -39.89 14.38 -12.85
N ALA Q 53 -38.56 14.35 -12.75
CA ALA Q 53 -37.76 13.14 -13.05
C ALA Q 53 -37.98 12.00 -12.04
N LYS Q 54 -38.50 12.32 -10.86
CA LYS Q 54 -38.94 11.34 -9.84
C LYS Q 54 -37.77 10.62 -9.14
N THR Q 55 -36.67 11.35 -8.93
CA THR Q 55 -35.46 10.89 -8.21
C THR Q 55 -35.19 11.61 -6.88
N ALA Q 56 -36.05 12.55 -6.47
CA ALA Q 56 -35.91 13.23 -5.17
C ALA Q 56 -37.23 13.78 -4.67
N TYR Q 57 -37.34 13.88 -3.34
CA TYR Q 57 -38.50 14.45 -2.65
C TYR Q 57 -38.10 15.81 -2.08
N ARG Q 58 -39.10 16.65 -1.78
CA ARG Q 58 -38.90 17.90 -1.07
C ARG Q 58 -39.89 18.09 0.08
N VAL Q 59 -39.37 18.06 1.31
CA VAL Q 59 -40.13 18.36 2.52
C VAL Q 59 -40.02 19.84 2.85
N ASN Q 60 -41.16 20.53 2.90
CA ASN Q 60 -41.24 21.93 3.29
C ASN Q 60 -42.01 22.00 4.60
N LEU Q 61 -41.41 22.56 5.65
CA LEU Q 61 -42.10 22.90 6.91
C LEU Q 61 -42.01 24.39 7.06
N LYS Q 62 -42.98 24.99 7.72
CA LYS Q 62 -43.06 26.42 7.84
C LYS Q 62 -43.84 26.75 9.09
N LEU Q 63 -43.13 27.23 10.12
CA LEU Q 63 -43.71 27.70 11.37
C LEU Q 63 -43.93 29.21 11.36
N ASP Q 64 -45.18 29.66 11.52
CA ASP Q 64 -45.53 31.09 11.59
C ASP Q 64 -45.93 31.48 13.01
N GLN Q 65 -45.27 32.51 13.55
CA GLN Q 65 -45.60 33.10 14.84
C GLN Q 65 -45.98 34.56 14.62
N ALA Q 66 -47.28 34.83 14.67
CA ALA Q 66 -47.82 36.17 14.65
C ALA Q 66 -47.59 36.84 15.99
N ASP Q 67 -47.52 38.17 15.98
CA ASP Q 67 -47.51 38.96 17.20
C ASP Q 67 -48.83 39.72 17.29
N VAL Q 68 -49.71 39.24 18.17
CA VAL Q 68 -51.08 39.76 18.31
C VAL Q 68 -51.12 40.76 19.47
N VAL Q 69 -51.55 42.00 19.18
CA VAL Q 69 -51.92 42.98 20.23
C VAL Q 69 -53.44 43.12 20.27
N ASP Q 70 -54.02 42.95 21.45
CA ASP Q 70 -55.47 43.02 21.64
C ASP Q 70 -55.75 44.29 22.44
N SER Q 71 -55.82 45.40 21.71
CA SER Q 71 -56.18 46.72 22.22
C SER Q 71 -57.64 47.01 21.83
N GLY Q 72 -58.55 46.15 22.29
CA GLY Q 72 -59.96 46.19 21.87
C GLY Q 72 -60.32 44.88 21.20
N LEU Q 73 -59.97 44.76 19.91
CA LEU Q 73 -60.04 43.50 19.14
C LEU Q 73 -58.61 43.10 18.75
N PRO Q 74 -58.33 41.78 18.65
CA PRO Q 74 -56.97 41.30 18.35
C PRO Q 74 -56.48 41.71 16.96
N LYS Q 75 -55.24 42.17 16.87
CA LYS Q 75 -54.64 42.59 15.60
C LYS Q 75 -53.21 42.04 15.51
N VAL Q 76 -52.90 41.36 14.42
CA VAL Q 76 -51.56 40.87 14.12
C VAL Q 76 -50.71 42.09 13.69
N ARG Q 77 -49.78 42.49 14.56
CA ARG Q 77 -48.80 43.56 14.24
C ARG Q 77 -47.86 43.13 13.13
N TYR Q 78 -47.22 41.97 13.33
CA TYR Q 78 -46.29 41.38 12.39
C TYR Q 78 -46.27 39.87 12.59
N THR Q 79 -45.64 39.18 11.65
CA THR Q 79 -45.45 37.74 11.69
C THR Q 79 -43.98 37.43 11.44
N GLN Q 80 -43.43 36.52 12.24
CA GLN Q 80 -42.08 36.00 12.06
C GLN Q 80 -42.18 34.53 11.68
N VAL Q 81 -41.30 34.07 10.79
CA VAL Q 81 -41.41 32.76 10.14
C VAL Q 81 -40.10 32.02 10.19
N TRP Q 82 -40.16 30.70 10.37
CA TRP Q 82 -39.00 29.83 10.23
C TRP Q 82 -39.43 28.65 9.39
N SER Q 83 -39.07 28.69 8.10
CA SER Q 83 -39.36 27.62 7.17
C SER Q 83 -38.14 26.74 6.92
N HIS Q 84 -38.42 25.50 6.51
CA HIS Q 84 -37.45 24.44 6.34
C HIS Q 84 -37.65 23.91 4.95
N ASP Q 85 -36.57 23.62 4.25
CA ASP Q 85 -36.63 22.98 2.93
C ASP Q 85 -35.61 21.86 2.87
N VAL Q 86 -36.12 20.63 2.82
CA VAL Q 86 -35.29 19.45 2.96
C VAL Q 86 -35.28 18.66 1.66
N THR Q 87 -34.11 18.57 1.03
CA THR Q 87 -33.92 17.81 -0.22
C THR Q 87 -33.46 16.40 0.13
N ILE Q 88 -34.29 15.41 -0.24
CA ILE Q 88 -34.05 13.99 0.04
C ILE Q 88 -34.03 13.23 -1.28
N VAL Q 89 -32.93 12.53 -1.56
CA VAL Q 89 -32.75 11.80 -2.81
C VAL Q 89 -33.40 10.42 -2.66
N ALA Q 90 -34.06 9.95 -3.72
CA ALA Q 90 -34.85 8.70 -3.68
C ALA Q 90 -33.99 7.44 -3.54
N ASN Q 91 -32.89 7.37 -4.29
CA ASN Q 91 -31.94 6.25 -4.17
C ASN Q 91 -30.92 6.34 -2.99
N SER Q 92 -31.16 7.23 -2.03
CA SER Q 92 -30.24 7.45 -0.90
C SER Q 92 -30.35 6.37 0.16
N THR Q 93 -29.28 6.26 0.95
CA THR Q 93 -29.21 5.34 2.07
C THR Q 93 -29.96 5.96 3.26
N GLU Q 94 -30.49 5.10 4.13
CA GLU Q 94 -31.17 5.54 5.35
C GLU Q 94 -30.21 6.18 6.36
N ALA Q 95 -28.98 5.68 6.39
CA ALA Q 95 -27.91 6.26 7.23
C ALA Q 95 -27.65 7.74 6.91
N SER Q 96 -27.68 8.08 5.62
CA SER Q 96 -27.41 9.45 5.15
C SER Q 96 -28.52 10.45 5.49
N ARG Q 97 -29.77 9.99 5.41
CA ARG Q 97 -30.93 10.81 5.80
C ARG Q 97 -31.00 11.00 7.32
N LYS Q 98 -30.63 9.96 8.07
CA LYS Q 98 -30.49 10.04 9.54
C LYS Q 98 -29.39 11.00 9.97
N SER Q 99 -28.27 11.01 9.25
CA SER Q 99 -27.15 11.90 9.55
C SER Q 99 -27.48 13.38 9.28
N LEU Q 100 -28.13 13.66 8.15
CA LEU Q 100 -28.65 15.01 7.83
C LEU Q 100 -29.62 15.55 8.90
N TYR Q 101 -30.48 14.67 9.43
CA TYR Q 101 -31.39 15.03 10.53
C TYR Q 101 -30.66 15.38 11.84
N ASP Q 102 -29.77 14.48 12.29
CA ASP Q 102 -29.06 14.67 13.57
C ASP Q 102 -28.17 15.92 13.60
N LEU Q 103 -27.53 16.22 12.48
CA LEU Q 103 -26.68 17.40 12.37
C LEU Q 103 -27.49 18.69 12.37
N THR Q 104 -28.62 18.69 11.67
CA THR Q 104 -29.57 19.82 11.73
C THR Q 104 -30.18 20.04 13.12
N LYS Q 105 -30.50 18.95 13.80
CA LYS Q 105 -30.98 19.00 15.20
C LYS Q 105 -29.93 19.63 16.10
N SER Q 106 -28.68 19.22 15.91
CA SER Q 106 -27.53 19.82 16.62
C SER Q 106 -27.27 21.27 16.23
N LEU Q 107 -27.26 21.55 14.93
CA LEU Q 107 -27.03 22.90 14.38
C LEU Q 107 -27.99 23.90 14.97
N VAL Q 108 -29.28 23.57 14.91
CA VAL Q 108 -30.34 24.44 15.44
C VAL Q 108 -30.27 24.54 16.97
N ALA Q 109 -29.83 23.48 17.65
CA ALA Q 109 -29.61 23.49 19.11
C ALA Q 109 -28.48 24.41 19.59
N THR Q 110 -27.53 24.76 18.72
CA THR Q 110 -26.38 25.59 19.10
C THR Q 110 -26.77 27.02 19.47
N SER Q 111 -26.00 27.61 20.37
CA SER Q 111 -26.16 29.00 20.79
C SER Q 111 -25.75 29.99 19.72
N GLN Q 112 -24.86 29.58 18.80
CA GLN Q 112 -24.51 30.39 17.63
C GLN Q 112 -25.70 30.63 16.74
N VAL Q 113 -26.49 29.58 16.47
CA VAL Q 113 -27.70 29.72 15.64
C VAL Q 113 -28.78 30.57 16.36
N GLU Q 114 -28.84 30.46 17.69
CA GLU Q 114 -29.67 31.32 18.51
C GLU Q 114 -29.26 32.79 18.47
N ASP Q 115 -27.96 33.05 18.56
CA ASP Q 115 -27.43 34.42 18.46
C ASP Q 115 -27.64 35.02 17.06
N LEU Q 116 -27.49 34.19 16.03
CA LEU Q 116 -27.76 34.61 14.66
C LEU Q 116 -29.21 34.99 14.47
N VAL Q 117 -30.13 34.14 14.90
CA VAL Q 117 -31.56 34.39 14.74
C VAL Q 117 -32.05 35.55 15.63
N VAL Q 118 -31.70 35.51 16.91
CA VAL Q 118 -32.20 36.50 17.89
C VAL Q 118 -31.51 37.86 17.74
N ASN Q 119 -30.18 37.82 17.61
CA ASN Q 119 -29.34 39.01 17.59
C ASN Q 119 -28.64 39.37 16.27
N LEU Q 120 -28.73 38.53 15.24
CA LEU Q 120 -28.00 38.77 13.96
C LEU Q 120 -26.49 38.75 14.14
N VAL Q 121 -26.00 37.96 15.09
CA VAL Q 121 -24.58 37.77 15.31
C VAL Q 121 -24.15 36.77 14.23
N PRO Q 122 -23.16 37.13 13.38
CA PRO Q 122 -22.71 36.12 12.41
C PRO Q 122 -22.07 34.90 13.08
N LEU Q 123 -22.16 33.75 12.42
CA LEU Q 123 -21.66 32.48 12.95
C LEU Q 123 -20.13 32.43 12.96
N GLY Q 124 -19.60 31.49 13.72
CA GLY Q 124 -18.17 31.27 13.85
C GLY Q 124 -17.69 31.83 15.18
N ARG Q 125 -17.11 30.97 16.01
CA ARG Q 125 -16.54 31.35 17.30
C ARG Q 125 -15.08 30.86 17.39
N SER R 5 -10.22 30.10 10.39
CA SER R 5 -9.89 29.72 11.80
C SER R 5 -11.13 29.56 12.69
N LYS R 6 -12.12 30.45 12.51
CA LYS R 6 -13.37 30.39 13.29
C LYS R 6 -14.20 29.18 12.88
N THR R 7 -14.87 28.57 13.86
CA THR R 7 -15.62 27.31 13.67
C THR R 7 -17.01 27.28 14.31
N ILE R 8 -17.78 26.28 13.90
CA ILE R 8 -19.02 25.87 14.52
C ILE R 8 -18.90 24.35 14.67
N VAL R 9 -19.01 23.84 15.90
CA VAL R 9 -18.89 22.40 16.19
C VAL R 9 -20.26 21.83 16.55
N LEU R 10 -20.66 20.73 15.89
CA LEU R 10 -21.96 20.07 16.08
C LEU R 10 -21.78 18.69 16.76
N SER R 11 -22.40 18.52 17.92
CA SER R 11 -22.40 17.25 18.66
C SER R 11 -23.59 16.37 18.25
N VAL R 12 -23.33 15.29 17.52
CA VAL R 12 -24.32 14.23 17.26
C VAL R 12 -24.19 13.19 18.37
N GLY R 13 -24.81 13.50 19.51
CA GLY R 13 -24.64 12.72 20.74
C GLY R 13 -23.20 12.80 21.26
N GLU R 14 -22.52 11.66 21.26
CA GLU R 14 -21.16 11.56 21.79
C GLU R 14 -20.11 12.11 20.79
N ALA R 15 -20.29 11.80 19.51
CA ALA R 15 -19.41 12.29 18.44
C ALA R 15 -19.59 13.79 18.19
N THR R 16 -18.49 14.50 17.92
CA THR R 16 -18.54 15.90 17.51
C THR R 16 -18.03 16.04 16.08
N ARG R 17 -18.43 17.13 15.42
CA ARG R 17 -18.03 17.42 14.04
C ARG R 17 -17.80 18.92 13.86
N THR R 18 -16.55 19.28 13.61
CA THR R 18 -16.10 20.68 13.56
C THR R 18 -16.09 21.21 12.11
N LEU R 19 -16.96 22.17 11.82
CA LEU R 19 -16.95 22.90 10.54
C LEU R 19 -16.13 24.20 10.67
N THR R 20 -15.22 24.43 9.73
CA THR R 20 -14.25 25.53 9.78
C THR R 20 -14.58 26.53 8.67
N GLU R 21 -14.58 27.82 9.02
CA GLU R 21 -15.02 28.89 8.10
C GLU R 21 -14.06 28.99 6.91
N ILE R 22 -14.61 29.08 5.68
CA ILE R 22 -13.82 29.18 4.44
C ILE R 22 -13.95 30.54 3.72
N GLN R 23 -15.10 31.21 3.88
CA GLN R 23 -15.33 32.53 3.29
C GLN R 23 -16.41 33.28 4.11
N SER R 24 -16.34 34.62 4.12
CA SER R 24 -17.27 35.45 4.87
C SER R 24 -17.44 36.82 4.22
N THR R 25 -18.12 36.86 3.08
CA THR R 25 -18.23 38.09 2.28
C THR R 25 -19.23 39.02 2.93
N ASP R 27 -21.98 39.77 3.98
CA ASP R 27 -23.33 39.29 3.74
C ASP R 27 -23.46 37.76 3.87
N ARG R 28 -22.50 37.01 3.29
CA ARG R 28 -22.49 35.53 3.29
C ARG R 28 -21.39 34.95 4.17
N GLN R 29 -21.44 33.63 4.35
CA GLN R 29 -20.56 32.89 5.28
C GLN R 29 -20.64 31.44 4.89
N ILE R 30 -19.49 30.78 4.72
CA ILE R 30 -19.44 29.35 4.41
C ILE R 30 -18.46 28.64 5.33
N PHE R 31 -18.88 27.47 5.84
CA PHE R 31 -18.11 26.60 6.75
C PHE R 31 -18.10 25.22 6.14
N GLU R 32 -17.02 24.47 6.38
CA GLU R 32 -16.82 23.11 5.85
C GLU R 32 -16.09 22.25 6.84
N GLU R 33 -16.40 20.96 6.90
CA GLU R 33 -15.65 20.04 7.77
C GLU R 33 -14.39 19.61 7.02
N LYS R 34 -13.23 20.13 7.45
CA LYS R 34 -11.97 20.00 6.71
C LYS R 34 -11.22 18.74 7.15
N VAL R 35 -11.80 17.60 6.75
CA VAL R 35 -11.51 16.30 7.31
C VAL R 35 -11.67 15.32 6.16
N GLY R 36 -10.72 14.40 6.00
CA GLY R 36 -10.73 13.45 4.89
C GLY R 36 -10.46 14.16 3.56
N PRO R 37 -11.06 13.67 2.45
CA PRO R 37 -10.86 14.33 1.17
C PRO R 37 -11.77 15.54 1.04
N LEU R 38 -11.48 16.40 0.07
CA LEU R 38 -12.32 17.58 -0.18
C LEU R 38 -13.34 17.38 -1.31
N VAL R 39 -13.76 16.14 -1.54
CA VAL R 39 -14.71 15.82 -2.60
C VAL R 39 -16.13 16.19 -2.16
N GLY R 40 -16.57 15.62 -1.05
CA GLY R 40 -17.95 15.80 -0.57
C GLY R 40 -18.03 16.16 0.89
N ARG R 41 -17.32 17.21 1.28
CA ARG R 41 -17.30 17.66 2.67
C ARG R 41 -18.59 18.32 3.10
N LEU R 42 -18.94 18.12 4.37
CA LEU R 42 -20.15 18.68 4.96
C LEU R 42 -19.99 20.19 5.00
N ARG R 43 -20.94 20.89 4.38
CA ARG R 43 -20.87 22.33 4.16
C ARG R 43 -22.09 23.03 4.78
N LEU R 44 -21.84 23.96 5.70
CA LEU R 44 -22.82 24.95 6.15
C LEU R 44 -22.64 26.31 5.42
N THR R 45 -23.73 26.86 4.90
CA THR R 45 -23.75 28.19 4.28
C THR R 45 -24.82 29.09 4.93
N ALA R 46 -24.39 30.26 5.40
CA ALA R 46 -25.24 31.24 6.06
C ALA R 46 -25.28 32.55 5.28
N SER R 47 -26.45 33.18 5.19
CA SER R 47 -26.58 34.55 4.67
C SER R 47 -27.70 35.35 5.34
N LEU R 48 -27.58 36.67 5.22
CA LEU R 48 -28.45 37.65 5.85
C LEU R 48 -28.69 38.75 4.84
N ARG R 49 -29.94 39.11 4.60
CA ARG R 49 -30.32 40.22 3.72
C ARG R 49 -31.47 40.95 4.37
N GLN R 50 -31.94 42.01 3.71
CA GLN R 50 -33.14 42.73 4.07
C GLN R 50 -34.18 42.64 2.96
N ASN R 51 -35.44 42.85 3.31
CA ASN R 51 -36.54 42.93 2.33
C ASN R 51 -36.61 44.33 1.68
N GLY R 52 -37.48 44.47 0.68
CA GLY R 52 -37.72 45.71 -0.08
C GLY R 52 -37.79 46.99 0.73
N ALA R 53 -38.85 47.14 1.53
CA ALA R 53 -38.89 48.16 2.60
C ALA R 53 -37.96 47.68 3.69
N LYS R 54 -37.21 48.56 4.35
CA LYS R 54 -36.22 48.10 5.35
C LYS R 54 -36.83 47.80 6.73
N THR R 55 -37.72 46.80 6.76
CA THR R 55 -38.55 46.45 7.93
C THR R 55 -38.38 45.00 8.47
N ALA R 56 -37.73 44.11 7.71
CA ALA R 56 -37.54 42.71 8.10
C ALA R 56 -36.26 42.11 7.48
N TYR R 57 -35.55 41.29 8.26
CA TYR R 57 -34.36 40.59 7.80
C TYR R 57 -34.70 39.17 7.37
N ARG R 58 -33.95 38.63 6.39
CA ARG R 58 -34.04 37.21 6.04
C ARG R 58 -32.72 36.49 6.30
N VAL R 59 -32.72 35.63 7.33
CA VAL R 59 -31.62 34.70 7.62
C VAL R 59 -31.82 33.43 6.82
N ASN R 60 -30.80 33.02 6.06
CA ASN R 60 -30.75 31.72 5.40
C ASN R 60 -29.59 30.91 5.91
N LEU R 61 -29.85 29.65 6.24
CA LEU R 61 -28.87 28.71 6.80
C LEU R 61 -29.11 27.39 6.06
N LYS R 62 -28.04 26.70 5.68
CA LYS R 62 -28.13 25.57 4.76
C LYS R 62 -27.02 24.57 5.06
N LEU R 63 -27.38 23.29 5.22
CA LEU R 63 -26.44 22.20 5.45
C LEU R 63 -26.51 21.29 4.23
N ASP R 64 -25.41 21.19 3.48
CA ASP R 64 -25.24 20.25 2.35
C ASP R 64 -24.43 19.03 2.83
N GLN R 65 -25.01 17.84 2.68
CA GLN R 65 -24.33 16.60 3.01
C GLN R 65 -24.24 15.73 1.75
N ALA R 66 -23.08 15.74 1.09
CA ALA R 66 -22.79 14.82 -0.01
C ALA R 66 -22.50 13.45 0.56
N ASP R 67 -22.84 12.41 -0.18
CA ASP R 67 -22.54 11.03 0.25
C ASP R 67 -21.33 10.50 -0.52
N VAL R 68 -20.25 10.16 0.22
CA VAL R 68 -19.01 9.62 -0.34
C VAL R 68 -18.56 8.38 0.44
N GLY R 72 -13.50 2.61 -0.03
CA GLY R 72 -14.63 3.41 -0.48
C GLY R 72 -14.25 4.85 -0.78
N LEU R 73 -13.19 5.01 -1.58
CA LEU R 73 -12.57 6.33 -1.85
C LEU R 73 -13.37 7.18 -2.87
N PRO R 74 -13.27 8.51 -2.77
CA PRO R 74 -14.42 9.39 -2.99
C PRO R 74 -14.89 9.73 -4.42
N LYS R 75 -16.20 9.58 -4.64
CA LYS R 75 -16.95 10.32 -5.66
C LYS R 75 -18.35 10.57 -5.09
N VAL R 76 -18.93 11.74 -5.36
CA VAL R 76 -20.22 12.14 -4.76
C VAL R 76 -21.37 11.40 -5.44
N ARG R 77 -22.05 10.55 -4.68
CA ARG R 77 -23.23 9.84 -5.18
C ARG R 77 -24.38 10.81 -5.42
N TYR R 78 -24.74 11.53 -4.36
CA TYR R 78 -25.86 12.46 -4.34
C TYR R 78 -25.58 13.44 -3.21
N THR R 79 -26.23 14.61 -3.27
CA THR R 79 -26.22 15.56 -2.15
C THR R 79 -27.64 15.72 -1.59
N GLN R 80 -27.78 15.59 -0.27
CA GLN R 80 -29.02 15.91 0.43
C GLN R 80 -28.78 17.19 1.23
N VAL R 81 -29.81 18.04 1.28
CA VAL R 81 -29.71 19.39 1.84
C VAL R 81 -30.90 19.69 2.76
N TRP R 82 -30.64 20.46 3.82
CA TRP R 82 -31.65 20.92 4.75
C TRP R 82 -31.34 22.37 4.99
N SER R 83 -32.17 23.24 4.41
CA SER R 83 -32.03 24.67 4.55
C SER R 83 -33.15 25.27 5.39
N HIS R 84 -32.82 26.44 5.94
CA HIS R 84 -33.66 27.19 6.87
C HIS R 84 -33.83 28.60 6.32
N ASP R 85 -35.03 29.16 6.45
CA ASP R 85 -35.30 30.51 6.01
C ASP R 85 -36.12 31.19 7.12
N VAL R 86 -35.45 32.08 7.85
CA VAL R 86 -36.00 32.74 9.01
C VAL R 86 -36.30 34.22 8.71
N THR R 87 -37.56 34.62 8.92
CA THR R 87 -38.00 36.00 8.76
C THR R 87 -38.11 36.70 10.11
N ILE R 88 -37.23 37.67 10.32
CA ILE R 88 -37.11 38.39 11.58
C ILE R 88 -37.48 39.85 11.33
N VAL R 89 -38.55 40.28 11.97
CA VAL R 89 -39.05 41.65 11.86
C VAL R 89 -38.14 42.56 12.71
N ALA R 90 -37.75 43.71 12.17
CA ALA R 90 -36.77 44.63 12.79
C ALA R 90 -37.19 45.22 14.14
N ASN R 91 -38.44 45.70 14.23
CA ASN R 91 -38.97 46.24 15.49
C ASN R 91 -39.50 45.19 16.50
N SER R 92 -39.35 43.89 16.19
CA SER R 92 -39.81 42.82 17.08
C SER R 92 -38.96 42.74 18.34
N THR R 93 -39.56 42.20 19.40
CA THR R 93 -38.86 42.03 20.68
C THR R 93 -37.85 40.91 20.60
N GLU R 94 -36.93 40.91 21.56
CA GLU R 94 -36.01 39.80 21.79
C GLU R 94 -36.80 38.51 22.11
N ALA R 95 -37.81 38.63 22.97
CA ALA R 95 -38.65 37.50 23.42
C ALA R 95 -39.38 36.74 22.29
N SER R 96 -39.88 37.48 21.29
CA SER R 96 -40.55 36.86 20.14
C SER R 96 -39.62 35.98 19.29
N ARG R 97 -38.35 36.37 19.17
CA ARG R 97 -37.36 35.67 18.36
C ARG R 97 -36.83 34.44 19.06
N LYS R 98 -36.48 34.62 20.35
CA LYS R 98 -36.17 33.52 21.27
C LYS R 98 -37.28 32.46 21.26
N SER R 99 -38.53 32.91 21.33
CA SER R 99 -39.70 32.01 21.24
C SER R 99 -39.70 31.20 19.95
N LEU R 100 -39.64 31.90 18.81
CA LEU R 100 -39.55 31.27 17.48
C LEU R 100 -38.37 30.28 17.38
N TYR R 101 -37.24 30.67 17.95
CA TYR R 101 -36.07 29.80 18.01
C TYR R 101 -36.33 28.54 18.85
N ASP R 102 -36.85 28.74 20.07
CA ASP R 102 -37.20 27.64 20.98
C ASP R 102 -38.19 26.63 20.39
N LEU R 103 -39.18 27.12 19.65
CA LEU R 103 -40.18 26.26 19.02
C LEU R 103 -39.64 25.47 17.82
N THR R 104 -38.81 26.12 17.01
CA THR R 104 -38.14 25.44 15.90
C THR R 104 -37.15 24.37 16.39
N LYS R 105 -36.47 24.66 17.51
CA LYS R 105 -35.58 23.71 18.18
C LYS R 105 -36.32 22.48 18.73
N SER R 106 -37.45 22.73 19.41
CA SER R 106 -38.42 21.67 19.78
C SER R 106 -38.94 20.87 18.58
N LEU R 107 -39.35 21.59 17.53
CA LEU R 107 -39.88 21.00 16.31
C LEU R 107 -38.90 20.07 15.58
N VAL R 108 -37.67 20.53 15.40
CA VAL R 108 -36.63 19.71 14.76
C VAL R 108 -36.34 18.49 15.64
N ALA R 109 -36.25 18.68 16.96
CA ALA R 109 -35.97 17.59 17.89
C ALA R 109 -37.07 16.52 18.04
N THR R 110 -38.28 16.79 17.54
CA THR R 110 -39.37 15.82 17.63
C THR R 110 -39.12 14.60 16.74
N SER R 111 -39.52 13.45 17.27
CA SER R 111 -39.45 12.16 16.59
C SER R 111 -40.37 12.08 15.35
N GLN R 112 -41.46 12.86 15.36
CA GLN R 112 -42.29 13.04 14.18
C GLN R 112 -41.50 13.63 13.00
N VAL R 113 -40.74 14.71 13.25
CA VAL R 113 -39.95 15.33 12.17
C VAL R 113 -38.86 14.37 11.66
N GLU R 114 -38.24 13.62 12.58
CA GLU R 114 -37.27 12.55 12.21
C GLU R 114 -37.86 11.52 11.25
N ASP R 115 -39.07 11.06 11.58
CA ASP R 115 -39.82 10.08 10.79
C ASP R 115 -40.22 10.60 9.39
N LEU R 116 -40.47 11.91 9.29
CA LEU R 116 -40.76 12.57 8.03
C LEU R 116 -39.52 12.67 7.14
N VAL R 117 -38.41 13.06 7.72
CA VAL R 117 -37.16 13.25 6.98
C VAL R 117 -36.49 11.92 6.64
N VAL R 118 -36.45 10.99 7.60
CA VAL R 118 -35.84 9.66 7.39
C VAL R 118 -36.75 8.70 6.62
N ASN R 119 -38.02 8.61 7.02
CA ASN R 119 -38.96 7.61 6.44
C ASN R 119 -40.09 8.13 5.54
N LEU R 120 -40.19 9.44 5.30
CA LEU R 120 -41.30 10.06 4.52
C LEU R 120 -42.71 9.84 5.13
N VAL R 121 -42.78 9.65 6.45
CA VAL R 121 -44.03 9.43 7.17
C VAL R 121 -44.61 10.81 7.50
N PRO R 122 -45.86 11.11 7.07
CA PRO R 122 -46.43 12.44 7.40
C PRO R 122 -46.56 12.73 8.90
N LEU R 123 -46.58 14.02 9.23
CA LEU R 123 -46.70 14.51 10.60
C LEU R 123 -48.08 14.24 11.22
N GLY R 124 -48.16 14.36 12.54
CA GLY R 124 -49.40 14.20 13.28
C GLY R 124 -49.52 12.84 13.96
N ARG R 125 -49.46 12.81 15.28
CA ARG R 125 -49.74 11.62 16.10
C ARG R 125 -50.94 11.85 17.03
#